data_9HZ1
#
_entry.id   9HZ1
#
_cell.length_a   167.832
_cell.length_b   309.991
_cell.length_c   175.268
_cell.angle_alpha   90.00
_cell.angle_beta   90.00
_cell.angle_gamma   90.00
#
_symmetry.space_group_name_H-M   'C 2 2 21'
#
loop_
_entity.id
_entity.type
_entity.pdbx_description
1 polymer Alpha-L-fucosidase
2 non-polymer '4-nitrophenyl 6-deoxy-alpha-L-galactopyranoside'
3 water water
#
_entity_poly.entity_id   1
_entity_poly.type   'polypeptide(L)'
_entity_poly.pdbx_seq_one_letter_code
;MTEPLPRIQHYEDLGLGLFIHWGLYSQMAVGEWTELIHHRNQHDYEQLIKTFTAAQFDAKKIAHAAKAVGAKYIVLTTKH
HEGFFLYDTKGLSDFDVMHAPARRDLIAEFVAACREEDLLPFFYMATYDWHTPLYDDDFPAYLTYLQKSVEVLCRNYGPV
GGFWFDGNWNKKDADWHLPELYGMIRHYQPNAIIVSNTGLKNRGQVSDPEIDVVTYERRTPDEIYHGAPNEKYVAGEISI
TLNQHWGIAANDLNYKSPAEMIETVAHARHIGANILVNIGLTGTGAIPAAAQTYMHLLGRWTAMAAPVLYKGRPVPVTSA
HGTRDFVLHTSKHDFLCILDLQVVGKDNVVLGGEGVNPRSFVGIGQPIQRIHWLDNDEVLSFTQDLDKKVLTVDATGYPY
GSDWVVRIAQIDYE
;
_entity_poly.pdbx_strand_id   A,B,C,D,E,F
#
loop_
_chem_comp.id
_chem_comp.type
_chem_comp.name
_chem_comp.formula
JFZ L-saccharide '4-nitrophenyl 6-deoxy-alpha-L-galactopyranoside' 'C12 H15 N O7'
#
# COMPACT_ATOMS: atom_id res chain seq x y z
N MET A 1 -5.69 -32.18 3.00
CA MET A 1 -4.93 -33.45 3.19
C MET A 1 -3.42 -33.25 2.96
N THR A 2 -2.96 -33.08 1.69
CA THR A 2 -1.51 -33.00 1.53
C THR A 2 -1.04 -31.59 1.87
N GLU A 3 0.22 -31.50 2.28
CA GLU A 3 0.86 -30.26 2.65
C GLU A 3 1.79 -29.82 1.54
N PRO A 4 2.06 -28.51 1.41
CA PRO A 4 2.90 -28.04 0.31
C PRO A 4 4.32 -28.59 0.37
N LEU A 5 4.88 -28.97 -0.79
CA LEU A 5 6.31 -29.23 -0.89
C LEU A 5 7.10 -28.04 -0.36
N PRO A 6 8.32 -28.22 0.19
CA PRO A 6 9.15 -27.09 0.61
C PRO A 6 9.19 -25.89 -0.34
N ARG A 7 9.33 -26.11 -1.65
CA ARG A 7 9.55 -24.97 -2.53
C ARG A 7 8.24 -24.16 -2.63
N ILE A 8 7.10 -24.85 -2.47
CA ILE A 8 5.80 -24.22 -2.54
C ILE A 8 5.49 -23.47 -1.23
N GLN A 9 5.88 -24.04 -0.07
CA GLN A 9 5.85 -23.35 1.21
C GLN A 9 6.65 -22.07 1.09
N HIS A 10 7.84 -22.13 0.48
CA HIS A 10 8.67 -20.95 0.36
C HIS A 10 7.97 -19.92 -0.52
N TYR A 11 7.28 -20.39 -1.57
CA TYR A 11 6.55 -19.54 -2.49
C TYR A 11 5.46 -18.76 -1.73
N GLU A 12 4.67 -19.45 -0.92
CA GLU A 12 3.56 -18.84 -0.19
C GLU A 12 4.09 -17.80 0.80
N ASP A 13 5.34 -17.95 1.25
CA ASP A 13 5.94 -17.00 2.17
C ASP A 13 6.38 -15.73 1.45
N LEU A 14 6.45 -15.77 0.12
CA LEU A 14 6.88 -14.60 -0.63
C LEU A 14 5.83 -13.50 -0.49
N GLY A 15 4.56 -13.90 -0.58
CA GLY A 15 3.44 -12.98 -0.34
C GLY A 15 3.17 -12.05 -1.53
N LEU A 16 4.14 -11.17 -1.81
CA LEU A 16 3.96 -10.09 -2.75
C LEU A 16 5.10 -10.13 -3.76
N GLY A 17 4.72 -10.08 -5.06
CA GLY A 17 5.73 -9.91 -6.07
C GLY A 17 5.43 -8.70 -6.96
N LEU A 18 6.45 -8.25 -7.68
CA LEU A 18 6.27 -7.25 -8.71
C LEU A 18 6.27 -7.93 -10.07
N PHE A 19 5.23 -7.64 -10.88
CA PHE A 19 5.15 -8.07 -12.26
C PHE A 19 5.65 -6.93 -13.15
N ILE A 20 6.53 -7.24 -14.12
CA ILE A 20 7.07 -6.21 -15.01
C ILE A 20 6.88 -6.58 -16.48
N HIS A 21 6.14 -5.73 -17.20
CA HIS A 21 5.90 -5.88 -18.63
C HIS A 21 6.77 -4.89 -19.36
N TRP A 22 7.66 -5.44 -20.20
CA TRP A 22 8.51 -4.61 -21.02
C TRP A 22 8.86 -5.39 -22.29
N GLY A 23 8.62 -4.76 -23.45
CA GLY A 23 8.94 -5.39 -24.72
C GLY A 23 9.00 -4.31 -25.81
N LEU A 24 8.94 -4.73 -27.09
CA LEU A 24 8.99 -3.76 -28.15
C LEU A 24 7.73 -2.87 -28.06
N TYR A 25 6.61 -3.46 -27.63
CA TYR A 25 5.34 -2.76 -27.51
C TYR A 25 5.50 -1.50 -26.69
N SER A 26 6.42 -1.52 -25.72
CA SER A 26 6.57 -0.42 -24.77
C SER A 26 6.88 0.89 -25.51
N GLN A 27 7.55 0.78 -26.66
CA GLN A 27 7.90 2.00 -27.40
C GLN A 27 6.66 2.72 -27.89
N MET A 28 5.53 2.06 -28.07
CA MET A 28 4.37 2.72 -28.63
C MET A 28 3.41 3.18 -27.55
N ALA A 29 3.46 2.57 -26.35
CA ALA A 29 2.70 3.05 -25.20
C ALA A 29 1.20 3.01 -25.47
N VAL A 30 0.76 1.96 -26.18
CA VAL A 30 -0.66 1.75 -26.40
C VAL A 30 -1.01 0.30 -26.07
N GLY A 31 -0.38 -0.29 -25.04
CA GLY A 31 -0.76 -1.64 -24.60
C GLY A 31 0.11 -2.73 -25.24
N GLU A 32 0.29 -3.85 -24.54
CA GLU A 32 1.20 -4.90 -24.96
C GLU A 32 0.62 -5.72 -26.13
N TRP A 33 -0.72 -5.72 -26.32
CA TRP A 33 -1.31 -6.46 -27.41
C TRP A 33 -1.39 -5.63 -28.70
N THR A 34 -0.69 -4.49 -28.78
CA THR A 34 -0.92 -3.55 -29.86
C THR A 34 -0.74 -4.20 -31.25
N GLU A 35 0.27 -5.07 -31.41
CA GLU A 35 0.53 -5.64 -32.73
C GLU A 35 -0.70 -6.36 -33.29
N LEU A 36 -1.33 -7.20 -32.47
CA LEU A 36 -2.50 -7.92 -32.94
C LEU A 36 -3.73 -7.01 -32.97
N ILE A 37 -4.02 -6.33 -31.85
CA ILE A 37 -5.31 -5.68 -31.73
C ILE A 37 -5.43 -4.45 -32.65
N HIS A 38 -4.33 -3.74 -32.89
CA HIS A 38 -4.37 -2.60 -33.79
C HIS A 38 -4.04 -3.03 -35.22
N HIS A 39 -3.97 -4.37 -35.50
CA HIS A 39 -3.83 -4.92 -36.84
C HIS A 39 -2.61 -4.29 -37.52
N ARG A 40 -1.46 -4.31 -36.87
CA ARG A 40 -0.31 -3.62 -37.43
C ARG A 40 0.35 -4.51 -38.49
N ASN A 41 1.02 -3.88 -39.46
CA ASN A 41 1.92 -4.59 -40.35
C ASN A 41 3.07 -5.23 -39.54
N GLN A 42 3.19 -6.55 -39.62
CA GLN A 42 4.20 -7.27 -38.85
C GLN A 42 5.60 -6.74 -39.13
N HIS A 43 5.94 -6.56 -40.41
CA HIS A 43 7.28 -6.16 -40.78
C HIS A 43 7.60 -4.80 -40.13
N ASP A 44 6.65 -3.88 -40.19
CA ASP A 44 6.83 -2.53 -39.68
C ASP A 44 6.95 -2.53 -38.17
N TYR A 45 6.08 -3.27 -37.49
CA TYR A 45 6.11 -3.39 -36.03
C TYR A 45 7.47 -3.95 -35.57
N GLU A 46 7.96 -5.01 -36.26
CA GLU A 46 9.19 -5.66 -35.85
C GLU A 46 10.42 -4.77 -36.04
N GLN A 47 10.30 -3.69 -36.82
CA GLN A 47 11.38 -2.72 -36.94
C GLN A 47 11.71 -2.03 -35.61
N LEU A 48 10.77 -2.11 -34.64
CA LEU A 48 10.99 -1.54 -33.32
C LEU A 48 12.25 -2.13 -32.66
N ILE A 49 12.69 -3.33 -33.12
CA ILE A 49 13.94 -3.87 -32.60
C ILE A 49 15.11 -2.88 -32.80
N LYS A 50 15.05 -2.07 -33.88
CA LYS A 50 16.19 -1.24 -34.22
C LYS A 50 16.33 -0.06 -33.26
N THR A 51 15.25 0.28 -32.54
CA THR A 51 15.31 1.39 -31.60
C THR A 51 15.21 0.89 -30.16
N PHE A 52 15.36 -0.42 -29.95
CA PHE A 52 15.35 -0.99 -28.60
C PHE A 52 16.75 -0.86 -28.01
N THR A 53 17.02 0.28 -27.35
CA THR A 53 18.36 0.57 -26.83
C THR A 53 18.51 0.10 -25.38
N ALA A 54 17.38 -0.04 -24.67
CA ALA A 54 17.38 -0.26 -23.23
C ALA A 54 18.19 0.80 -22.50
N ALA A 55 18.23 2.02 -23.04
CA ALA A 55 19.11 3.06 -22.50
C ALA A 55 18.76 3.42 -21.04
N GLN A 56 17.55 3.14 -20.57
CA GLN A 56 17.23 3.54 -19.20
C GLN A 56 16.91 2.35 -18.33
N PHE A 57 17.24 1.16 -18.81
CA PHE A 57 16.95 -0.02 -18.01
C PHE A 57 18.08 -0.18 -17.01
N ASP A 58 17.71 -0.16 -15.72
CA ASP A 58 18.69 -0.34 -14.68
C ASP A 58 18.17 -1.42 -13.73
N ALA A 59 18.70 -2.65 -13.89
CA ALA A 59 18.13 -3.77 -13.16
C ALA A 59 18.34 -3.56 -11.67
N LYS A 60 19.44 -2.85 -11.30
CA LYS A 60 19.75 -2.64 -9.89
C LYS A 60 18.68 -1.75 -9.27
N LYS A 61 18.27 -0.69 -10.01
CA LYS A 61 17.26 0.21 -9.50
C LYS A 61 15.94 -0.53 -9.37
N ILE A 62 15.60 -1.39 -10.34
CA ILE A 62 14.36 -2.12 -10.29
C ILE A 62 14.36 -3.06 -9.08
N ALA A 63 15.46 -3.79 -8.86
CA ALA A 63 15.51 -4.71 -7.73
C ALA A 63 15.43 -3.95 -6.40
N HIS A 64 16.11 -2.81 -6.31
CA HIS A 64 16.05 -1.98 -5.10
C HIS A 64 14.61 -1.53 -4.82
N ALA A 65 13.94 -1.02 -5.86
CA ALA A 65 12.57 -0.57 -5.72
C ALA A 65 11.66 -1.76 -5.30
N ALA A 66 11.86 -2.95 -5.87
CA ALA A 66 11.06 -4.11 -5.46
C ALA A 66 11.27 -4.44 -3.98
N LYS A 67 12.53 -4.36 -3.53
CA LYS A 67 12.84 -4.61 -2.12
C LYS A 67 12.13 -3.57 -1.24
N ALA A 68 12.23 -2.29 -1.59
CA ALA A 68 11.60 -1.19 -0.86
C ALA A 68 10.08 -1.34 -0.79
N VAL A 69 9.45 -1.89 -1.81
CA VAL A 69 7.99 -1.98 -1.84
C VAL A 69 7.56 -3.21 -1.01
N GLY A 70 8.53 -4.00 -0.53
CA GLY A 70 8.24 -5.22 0.23
C GLY A 70 7.96 -6.46 -0.64
N ALA A 71 8.27 -6.40 -1.96
CA ALA A 71 8.13 -7.58 -2.82
C ALA A 71 9.26 -8.56 -2.53
N LYS A 72 9.01 -9.87 -2.69
CA LYS A 72 10.03 -10.87 -2.42
C LYS A 72 10.43 -11.60 -3.71
N TYR A 73 9.73 -11.28 -4.82
CA TYR A 73 10.09 -11.82 -6.13
C TYR A 73 9.62 -10.86 -7.20
N ILE A 74 10.20 -11.03 -8.41
CA ILE A 74 9.85 -10.24 -9.57
C ILE A 74 9.61 -11.17 -10.74
N VAL A 75 8.48 -10.99 -11.43
CA VAL A 75 8.21 -11.69 -12.67
C VAL A 75 8.46 -10.71 -13.81
N LEU A 76 9.48 -10.99 -14.65
CA LEU A 76 9.80 -10.16 -15.81
C LEU A 76 9.40 -10.87 -17.10
N THR A 77 8.76 -10.12 -18.01
CA THR A 77 8.41 -10.67 -19.32
C THR A 77 9.70 -10.94 -20.09
N THR A 78 10.07 -12.22 -20.29
CA THR A 78 11.28 -12.52 -21.05
C THR A 78 10.95 -12.60 -22.54
N LYS A 79 9.68 -12.91 -22.87
CA LYS A 79 9.18 -12.93 -24.24
C LYS A 79 7.65 -12.88 -24.17
N HIS A 80 7.04 -11.83 -24.74
CA HIS A 80 5.58 -11.69 -24.73
C HIS A 80 5.02 -12.23 -26.06
N HIS A 81 3.72 -12.01 -26.34
CA HIS A 81 3.13 -12.53 -27.57
C HIS A 81 3.87 -12.03 -28.80
N GLU A 82 4.34 -10.80 -28.78
CA GLU A 82 5.05 -10.24 -29.92
C GLU A 82 6.24 -11.12 -30.29
N GLY A 83 6.77 -11.93 -29.35
CA GLY A 83 7.75 -12.95 -29.68
C GLY A 83 9.19 -12.46 -29.63
N PHE A 84 9.44 -11.21 -29.16
CA PHE A 84 10.81 -10.70 -29.02
C PHE A 84 11.41 -11.11 -27.68
N PHE A 85 12.66 -11.59 -27.69
CA PHE A 85 13.27 -12.13 -26.50
C PHE A 85 14.22 -11.12 -25.84
N LEU A 86 14.07 -10.97 -24.51
CA LEU A 86 14.87 -9.99 -23.79
C LEU A 86 16.21 -10.60 -23.34
N TYR A 87 16.54 -11.78 -23.85
CA TYR A 87 17.80 -12.42 -23.48
C TYR A 87 18.49 -12.99 -24.73
N ASP A 88 19.73 -13.50 -24.54
CA ASP A 88 20.48 -14.11 -25.62
C ASP A 88 19.95 -15.51 -25.90
N THR A 89 19.30 -15.70 -27.06
CA THR A 89 18.73 -17.00 -27.35
C THR A 89 19.77 -17.97 -27.93
N LYS A 90 21.04 -17.53 -28.01
CA LYS A 90 22.17 -18.38 -28.38
C LYS A 90 21.94 -19.05 -29.74
N GLY A 91 21.43 -18.32 -30.73
CA GLY A 91 21.22 -18.86 -32.06
C GLY A 91 19.79 -19.34 -32.33
N LEU A 92 18.94 -19.45 -31.30
CA LEU A 92 17.58 -19.88 -31.61
C LEU A 92 16.84 -18.87 -32.49
N SER A 93 17.09 -17.56 -32.31
CA SER A 93 16.32 -16.55 -33.01
C SER A 93 17.17 -15.30 -33.21
N ASP A 94 16.92 -14.56 -34.30
CA ASP A 94 17.57 -13.27 -34.46
C ASP A 94 16.73 -12.14 -33.85
N PHE A 95 15.51 -12.46 -33.42
CA PHE A 95 14.60 -11.46 -32.89
C PHE A 95 14.78 -11.38 -31.37
N ASP A 96 15.98 -10.97 -30.93
CA ASP A 96 16.32 -10.96 -29.53
C ASP A 96 17.21 -9.74 -29.25
N VAL A 97 17.48 -9.52 -27.97
CA VAL A 97 18.11 -8.28 -27.56
C VAL A 97 19.56 -8.20 -28.05
N MET A 98 20.19 -9.36 -28.32
CA MET A 98 21.55 -9.34 -28.84
C MET A 98 21.61 -8.79 -30.27
N HIS A 99 20.47 -8.75 -30.97
CA HIS A 99 20.41 -8.21 -32.32
C HIS A 99 19.78 -6.83 -32.29
N ALA A 100 19.66 -6.23 -31.09
CA ALA A 100 19.14 -4.89 -30.97
C ALA A 100 20.32 -4.00 -30.57
N PRO A 101 20.24 -2.68 -30.79
CA PRO A 101 21.29 -1.79 -30.28
C PRO A 101 21.65 -2.01 -28.81
N ALA A 102 20.71 -2.46 -27.97
CA ALA A 102 21.03 -2.69 -26.57
C ALA A 102 22.26 -3.59 -26.40
N ARG A 103 22.30 -4.73 -27.07
CA ARG A 103 23.40 -5.70 -27.01
C ARG A 103 23.76 -6.17 -25.61
N ARG A 104 22.78 -6.34 -24.76
CA ARG A 104 23.01 -6.77 -23.40
C ARG A 104 22.02 -7.84 -23.10
N ASP A 105 22.41 -8.86 -22.36
CA ASP A 105 21.45 -9.84 -21.98
C ASP A 105 20.80 -9.24 -20.74
N LEU A 106 19.58 -8.77 -20.92
CA LEU A 106 18.79 -8.13 -19.90
C LEU A 106 18.38 -9.06 -18.80
N ILE A 107 18.08 -10.31 -19.15
CA ILE A 107 17.77 -11.32 -18.17
C ILE A 107 18.98 -11.58 -17.25
N ALA A 108 20.20 -11.52 -17.78
CA ALA A 108 21.37 -11.75 -16.95
C ALA A 108 21.49 -10.61 -15.95
N GLU A 109 21.27 -9.36 -16.41
CA GLU A 109 21.33 -8.21 -15.52
C GLU A 109 20.25 -8.35 -14.43
N PHE A 110 19.06 -8.82 -14.82
CA PHE A 110 17.93 -8.93 -13.94
C PHE A 110 18.20 -9.96 -12.85
N VAL A 111 18.71 -11.13 -13.23
CA VAL A 111 18.96 -12.21 -12.28
C VAL A 111 20.02 -11.79 -11.25
N ALA A 112 21.08 -11.11 -11.70
CA ALA A 112 22.14 -10.70 -10.79
C ALA A 112 21.58 -9.64 -9.82
N ALA A 113 20.77 -8.70 -10.32
CA ALA A 113 20.19 -7.66 -9.48
C ALA A 113 19.27 -8.29 -8.45
N CYS A 114 18.45 -9.29 -8.84
CA CYS A 114 17.56 -9.95 -7.90
C CYS A 114 18.36 -10.63 -6.78
N ARG A 115 19.46 -11.30 -7.15
CA ARG A 115 20.22 -12.05 -6.17
C ARG A 115 20.84 -11.11 -5.14
N GLU A 116 21.32 -9.95 -5.58
CA GLU A 116 21.92 -9.00 -4.67
C GLU A 116 20.89 -8.49 -3.65
N GLU A 117 19.60 -8.52 -3.98
CA GLU A 117 18.59 -7.96 -3.09
C GLU A 117 17.82 -9.08 -2.39
N ASP A 118 18.27 -10.33 -2.57
CA ASP A 118 17.60 -11.49 -2.00
C ASP A 118 16.18 -11.63 -2.54
N LEU A 119 15.94 -11.33 -3.81
CA LEU A 119 14.65 -11.55 -4.43
C LEU A 119 14.74 -12.77 -5.34
N LEU A 120 13.65 -13.52 -5.46
CA LEU A 120 13.61 -14.60 -6.44
C LEU A 120 13.29 -14.03 -7.84
N PRO A 121 14.12 -14.34 -8.89
CA PRO A 121 13.79 -13.97 -10.27
C PRO A 121 12.86 -14.98 -10.93
N PHE A 122 11.76 -14.47 -11.50
CA PHE A 122 10.82 -15.34 -12.20
C PHE A 122 10.76 -14.89 -13.65
N PHE A 123 10.58 -15.87 -14.54
CA PHE A 123 10.58 -15.58 -15.97
C PHE A 123 9.19 -15.78 -16.54
N TYR A 124 8.57 -14.72 -17.02
CA TYR A 124 7.31 -14.87 -17.75
C TYR A 124 7.67 -15.28 -19.18
N MET A 125 6.89 -16.24 -19.72
CA MET A 125 7.11 -16.68 -21.10
C MET A 125 5.75 -16.85 -21.77
N ALA A 126 5.52 -16.13 -22.88
CA ALA A 126 4.27 -16.30 -23.62
C ALA A 126 4.34 -17.55 -24.50
N THR A 127 3.32 -18.40 -24.44
CA THR A 127 3.35 -19.60 -25.26
C THR A 127 2.59 -19.38 -26.57
N TYR A 128 1.73 -18.36 -26.60
CA TYR A 128 1.11 -17.94 -27.86
C TYR A 128 2.00 -16.87 -28.49
N ASP A 129 2.52 -17.15 -29.70
CA ASP A 129 3.62 -16.38 -30.26
C ASP A 129 3.21 -15.85 -31.63
N TRP A 130 3.34 -14.53 -31.85
CA TRP A 130 2.92 -13.90 -33.10
C TRP A 130 4.10 -13.74 -34.05
N HIS A 131 5.32 -14.04 -33.59
CA HIS A 131 6.49 -13.76 -34.41
C HIS A 131 6.82 -14.93 -35.36
N THR A 132 6.96 -16.14 -34.83
CA THR A 132 7.45 -17.26 -35.62
C THR A 132 6.31 -17.85 -36.43
N PRO A 133 6.47 -18.01 -37.77
CA PRO A 133 5.46 -18.70 -38.58
C PRO A 133 5.25 -20.15 -38.17
N LEU A 134 6.21 -20.73 -37.41
CA LEU A 134 6.01 -22.08 -36.90
C LEU A 134 4.68 -22.22 -36.15
N TYR A 135 4.25 -21.16 -35.44
CA TYR A 135 3.11 -21.27 -34.56
C TYR A 135 1.87 -21.75 -35.34
N ASP A 136 1.60 -21.17 -36.51
CA ASP A 136 0.43 -21.56 -37.29
C ASP A 136 0.76 -22.64 -38.33
N ASP A 137 2.01 -22.68 -38.85
CA ASP A 137 2.37 -23.47 -40.01
C ASP A 137 2.88 -24.85 -39.65
N ASP A 138 3.39 -25.03 -38.42
CA ASP A 138 4.03 -26.27 -38.01
C ASP A 138 4.10 -26.34 -36.49
N PHE A 139 2.94 -26.60 -35.90
CA PHE A 139 2.79 -26.50 -34.46
C PHE A 139 3.79 -27.41 -33.75
N PRO A 140 3.98 -28.68 -34.17
CA PRO A 140 4.97 -29.55 -33.52
C PRO A 140 6.36 -28.94 -33.46
N ALA A 141 6.78 -28.28 -34.53
CA ALA A 141 8.08 -27.63 -34.56
C ALA A 141 8.07 -26.37 -33.67
N TYR A 142 6.91 -25.70 -33.57
CA TYR A 142 6.72 -24.59 -32.64
C TYR A 142 7.00 -25.06 -31.20
N LEU A 143 6.42 -26.21 -30.83
CA LEU A 143 6.64 -26.76 -29.50
C LEU A 143 8.13 -26.94 -29.20
N THR A 144 8.91 -27.33 -30.22
CA THR A 144 10.33 -27.54 -30.02
C THR A 144 11.02 -26.21 -29.77
N TYR A 145 10.60 -25.18 -30.52
CA TYR A 145 11.16 -23.84 -30.42
C TYR A 145 10.84 -23.25 -29.03
N LEU A 146 9.56 -23.39 -28.61
CA LEU A 146 9.15 -22.92 -27.30
C LEU A 146 10.00 -23.58 -26.23
N GLN A 147 10.09 -24.93 -26.32
CA GLN A 147 10.81 -25.69 -25.32
C GLN A 147 12.30 -25.30 -25.28
N LYS A 148 12.92 -25.10 -26.41
CA LYS A 148 14.30 -24.71 -26.45
C LYS A 148 14.54 -23.34 -25.83
N SER A 149 13.63 -22.41 -26.03
CA SER A 149 13.73 -21.08 -25.46
C SER A 149 13.66 -21.16 -23.95
N VAL A 150 12.81 -22.00 -23.44
CA VAL A 150 12.68 -22.22 -22.04
C VAL A 150 13.95 -22.86 -21.48
N GLU A 151 14.53 -23.78 -22.23
CA GLU A 151 15.74 -24.47 -21.87
C GLU A 151 16.94 -23.53 -21.75
N VAL A 152 17.03 -22.54 -22.61
CA VAL A 152 18.10 -21.57 -22.52
C VAL A 152 18.06 -20.81 -21.20
N LEU A 153 16.86 -20.44 -20.78
CA LEU A 153 16.61 -19.78 -19.53
C LEU A 153 16.97 -20.67 -18.34
N CYS A 154 16.70 -21.95 -18.48
CA CYS A 154 17.02 -22.98 -17.51
C CYS A 154 18.49 -23.34 -17.32
N ARG A 155 19.27 -23.10 -18.34
CA ARG A 155 20.65 -23.47 -18.32
C ARG A 155 21.71 -22.42 -18.34
N ASN A 156 21.35 -21.16 -18.49
CA ASN A 156 22.36 -20.14 -18.57
C ASN A 156 22.32 -19.02 -17.57
N TYR A 157 21.58 -19.17 -16.50
CA TYR A 157 21.36 -18.05 -15.59
C TYR A 157 21.50 -18.47 -14.12
N GLY A 158 21.90 -19.72 -13.86
CA GLY A 158 21.97 -20.22 -12.50
C GLY A 158 20.58 -20.64 -12.01
N PRO A 159 20.38 -20.84 -10.68
CA PRO A 159 19.08 -21.21 -10.14
C PRO A 159 18.01 -20.15 -10.39
N VAL A 160 16.84 -20.57 -10.85
CA VAL A 160 15.79 -19.64 -11.24
C VAL A 160 14.64 -19.77 -10.24
N GLY A 161 14.07 -18.65 -9.79
CA GLY A 161 12.99 -18.73 -8.82
C GLY A 161 11.77 -19.45 -9.38
N GLY A 162 11.43 -19.14 -10.64
CA GLY A 162 10.24 -19.74 -11.23
C GLY A 162 10.01 -19.28 -12.67
N PHE A 163 9.01 -19.92 -13.30
CA PHE A 163 8.54 -19.61 -14.63
C PHE A 163 7.06 -19.33 -14.53
N TRP A 164 6.61 -18.39 -15.36
CA TRP A 164 5.24 -17.92 -15.34
C TRP A 164 4.75 -18.05 -16.79
N PHE A 165 3.96 -19.09 -17.03
CA PHE A 165 3.57 -19.44 -18.39
C PHE A 165 2.20 -18.85 -18.69
N ASP A 166 2.10 -18.21 -19.85
CA ASP A 166 0.84 -17.65 -20.27
C ASP A 166 0.52 -18.01 -21.73
N GLY A 167 -0.61 -18.66 -22.01
CA GLY A 167 -1.09 -18.56 -23.41
C GLY A 167 -1.55 -19.87 -24.09
N ASN A 168 -1.53 -20.97 -23.31
CA ASN A 168 -2.03 -22.25 -23.82
C ASN A 168 -3.52 -22.12 -24.13
N TRP A 169 -4.19 -21.15 -23.47
CA TRP A 169 -5.60 -20.83 -23.68
C TRP A 169 -5.89 -20.45 -25.15
N ASN A 170 -4.85 -20.12 -25.94
CA ASN A 170 -5.07 -19.77 -27.33
C ASN A 170 -5.50 -20.99 -28.15
N LYS A 171 -4.99 -22.18 -27.82
CA LYS A 171 -5.40 -23.42 -28.47
C LYS A 171 -5.76 -24.42 -27.37
N LYS A 172 -7.02 -24.33 -26.88
CA LYS A 172 -7.46 -25.11 -25.74
C LYS A 172 -7.46 -26.61 -26.08
N ASP A 173 -7.53 -26.95 -27.38
CA ASP A 173 -7.69 -28.33 -27.82
C ASP A 173 -6.36 -29.04 -28.10
N ALA A 174 -5.27 -28.28 -28.31
CA ALA A 174 -4.02 -28.83 -28.82
C ALA A 174 -3.30 -29.61 -27.74
N ASP A 175 -2.42 -30.52 -28.20
CA ASP A 175 -1.50 -31.19 -27.28
C ASP A 175 -0.27 -30.31 -27.15
N TRP A 176 -0.04 -29.73 -25.97
CA TRP A 176 1.06 -28.81 -25.74
C TRP A 176 2.32 -29.53 -25.24
N HIS A 177 2.21 -30.85 -25.00
CA HIS A 177 3.37 -31.64 -24.59
C HIS A 177 3.93 -31.05 -23.30
N LEU A 178 3.04 -30.85 -22.31
CA LEU A 178 3.42 -30.27 -21.04
C LEU A 178 4.38 -31.20 -20.27
N PRO A 179 4.13 -32.54 -20.24
CA PRO A 179 5.08 -33.46 -19.59
C PRO A 179 6.52 -33.23 -20.02
N GLU A 180 6.74 -33.00 -21.30
CA GLU A 180 8.09 -32.81 -21.84
C GLU A 180 8.63 -31.44 -21.46
N LEU A 181 7.80 -30.39 -21.59
CA LEU A 181 8.24 -29.03 -21.25
C LEU A 181 8.57 -28.95 -19.75
N TYR A 182 7.63 -29.32 -18.92
CA TYR A 182 7.80 -29.27 -17.49
C TYR A 182 8.87 -30.20 -16.96
N GLY A 183 8.99 -31.35 -17.60
CA GLY A 183 9.99 -32.32 -17.27
C GLY A 183 11.38 -31.82 -17.50
N MET A 184 11.57 -31.11 -18.59
CA MET A 184 12.82 -30.51 -18.89
C MET A 184 13.14 -29.47 -17.82
N ILE A 185 12.17 -28.68 -17.40
CA ILE A 185 12.40 -27.68 -16.40
C ILE A 185 12.79 -28.34 -15.11
N ARG A 186 12.14 -29.42 -14.76
CA ARG A 186 12.48 -30.14 -13.55
C ARG A 186 13.87 -30.70 -13.59
N HIS A 187 14.29 -31.16 -14.73
CA HIS A 187 15.60 -31.69 -14.85
C HIS A 187 16.70 -30.66 -14.62
N TYR A 188 16.59 -29.46 -15.19
CA TYR A 188 17.59 -28.43 -15.01
C TYR A 188 17.39 -27.50 -13.85
N GLN A 189 16.14 -27.35 -13.46
CA GLN A 189 15.76 -26.46 -12.40
C GLN A 189 14.79 -27.15 -11.50
N PRO A 190 15.27 -28.08 -10.67
CA PRO A 190 14.36 -28.80 -9.79
C PRO A 190 13.59 -27.94 -8.80
N ASN A 191 14.20 -26.88 -8.32
CA ASN A 191 13.57 -25.98 -7.40
C ASN A 191 12.71 -24.86 -7.90
N ALA A 192 12.66 -24.70 -9.20
CA ALA A 192 11.88 -23.67 -9.77
C ALA A 192 10.41 -23.86 -9.54
N ILE A 193 9.72 -22.77 -9.33
CA ILE A 193 8.30 -22.77 -9.16
C ILE A 193 7.70 -22.64 -10.56
N ILE A 194 6.78 -23.49 -10.92
CA ILE A 194 6.12 -23.40 -12.21
C ILE A 194 4.70 -22.86 -12.02
N VAL A 195 4.45 -21.68 -12.60
CA VAL A 195 3.16 -21.00 -12.50
C VAL A 195 2.49 -21.09 -13.86
N SER A 196 1.21 -21.31 -13.84
CA SER A 196 0.42 -21.33 -15.05
C SER A 196 -0.86 -20.50 -15.00
N ASN A 197 -1.05 -19.73 -16.05
CA ASN A 197 -2.23 -18.92 -16.34
C ASN A 197 -3.43 -19.76 -16.71
N THR A 198 -3.19 -20.94 -17.20
CA THR A 198 -4.26 -21.86 -17.52
C THR A 198 -4.03 -23.21 -16.87
N GLY A 199 -3.62 -23.19 -15.61
CA GLY A 199 -3.33 -24.38 -14.84
C GLY A 199 -4.48 -25.31 -14.54
N LEU A 200 -5.66 -24.75 -14.32
CA LEU A 200 -6.88 -25.51 -14.09
C LEU A 200 -7.61 -25.96 -15.37
N LYS A 201 -8.51 -26.93 -15.20
CA LYS A 201 -9.38 -27.52 -16.24
C LYS A 201 -10.36 -28.47 -15.58
N GLN A 205 -9.17 -29.78 -11.50
CA GLN A 205 -8.04 -30.63 -11.94
C GLN A 205 -7.02 -29.80 -12.73
N VAL A 206 -5.73 -29.95 -12.39
CA VAL A 206 -4.62 -29.15 -12.90
C VAL A 206 -4.21 -29.66 -14.28
N SER A 207 -3.58 -28.78 -15.08
CA SER A 207 -3.25 -29.14 -16.45
C SER A 207 -2.01 -30.04 -16.55
N ASP A 208 -1.23 -30.17 -15.46
CA ASP A 208 -0.07 -31.05 -15.44
C ASP A 208 0.43 -31.22 -14.02
N PRO A 209 0.83 -32.45 -13.60
CA PRO A 209 1.31 -32.66 -12.23
C PRO A 209 2.48 -31.74 -11.81
N GLU A 210 3.25 -31.22 -12.79
CA GLU A 210 4.43 -30.46 -12.44
C GLU A 210 4.10 -28.99 -12.08
N ILE A 211 2.88 -28.52 -12.39
CA ILE A 211 2.48 -27.18 -12.03
C ILE A 211 2.46 -27.02 -10.51
N ASP A 212 3.00 -25.89 -10.01
CA ASP A 212 3.08 -25.60 -8.57
C ASP A 212 2.06 -24.54 -8.16
N VAL A 213 1.77 -23.59 -9.04
CA VAL A 213 0.87 -22.49 -8.77
C VAL A 213 -0.09 -22.23 -9.91
N VAL A 214 -1.32 -21.94 -9.57
CA VAL A 214 -2.32 -21.60 -10.51
C VAL A 214 -2.78 -20.17 -10.25
N THR A 215 -3.00 -19.39 -11.30
CA THR A 215 -3.52 -18.04 -11.17
C THR A 215 -5.06 -17.90 -11.05
N TYR A 216 -5.53 -16.85 -10.40
CA TYR A 216 -6.95 -16.62 -10.18
C TYR A 216 -7.33 -15.17 -10.32
N GLU A 217 -8.64 -14.93 -10.47
CA GLU A 217 -9.26 -13.60 -10.61
C GLU A 217 -9.05 -12.84 -9.33
N ARG A 218 -8.81 -11.56 -9.38
CA ARG A 218 -8.47 -10.85 -8.16
C ARG A 218 -9.70 -10.77 -7.24
N ARG A 219 -10.89 -10.93 -7.83
CA ARG A 219 -12.13 -10.77 -7.10
C ARG A 219 -12.59 -12.10 -6.49
N THR A 220 -11.83 -13.21 -6.65
CA THR A 220 -12.22 -14.48 -6.07
C THR A 220 -12.67 -14.26 -4.62
N PRO A 221 -13.92 -14.61 -4.24
CA PRO A 221 -14.42 -14.27 -2.90
C PRO A 221 -13.86 -15.13 -1.77
N ASP A 222 -13.61 -16.44 -2.05
CA ASP A 222 -13.33 -17.40 -1.00
C ASP A 222 -11.92 -17.95 -1.16
N GLU A 223 -11.43 -18.58 -0.07
CA GLU A 223 -10.15 -19.29 -0.05
C GLU A 223 -10.01 -20.16 -1.31
N ILE A 224 -8.82 -20.12 -1.95
CA ILE A 224 -8.63 -20.71 -3.26
C ILE A 224 -8.51 -22.24 -3.15
N TYR A 225 -8.54 -22.93 -4.30
CA TYR A 225 -8.49 -24.38 -4.41
C TYR A 225 -7.04 -24.89 -4.42
N HIS A 226 -6.73 -25.91 -3.60
CA HIS A 226 -5.36 -26.37 -3.47
C HIS A 226 -5.07 -27.72 -4.12
N GLY A 227 -6.02 -28.28 -4.89
CA GLY A 227 -5.91 -29.61 -5.49
C GLY A 227 -6.81 -30.65 -4.81
N ALA A 228 -7.06 -31.78 -5.51
CA ALA A 228 -7.86 -32.88 -4.99
C ALA A 228 -7.16 -33.49 -3.77
N PRO A 229 -7.87 -34.06 -2.76
CA PRO A 229 -7.17 -34.61 -1.58
C PRO A 229 -6.35 -35.85 -1.94
N ASN A 230 -5.16 -36.00 -1.32
CA ASN A 230 -4.20 -37.02 -1.70
C ASN A 230 -3.46 -36.71 -3.01
N GLU A 231 -3.72 -35.54 -3.62
CA GLU A 231 -2.89 -35.05 -4.71
C GLU A 231 -1.95 -33.94 -4.22
N LYS A 232 -1.00 -33.56 -5.09
CA LYS A 232 -0.03 -32.52 -4.80
C LYS A 232 -0.79 -31.22 -4.51
N TYR A 233 -0.38 -30.55 -3.42
CA TYR A 233 -0.90 -29.23 -3.10
C TYR A 233 -0.38 -28.20 -4.11
N VAL A 234 -1.32 -27.40 -4.66
CA VAL A 234 -0.99 -26.34 -5.60
C VAL A 234 -1.35 -24.99 -4.97
N ALA A 235 -0.40 -24.05 -5.00
CA ALA A 235 -0.64 -22.71 -4.48
C ALA A 235 -1.46 -21.88 -5.48
N GLY A 236 -1.80 -20.65 -5.10
CA GLY A 236 -2.55 -19.74 -5.96
C GLY A 236 -1.96 -18.32 -5.95
N GLU A 237 -2.27 -17.56 -7.01
CA GLU A 237 -1.73 -16.20 -7.13
C GLU A 237 -2.77 -15.36 -7.85
N ILE A 238 -2.95 -14.11 -7.39
CA ILE A 238 -3.74 -13.14 -8.12
C ILE A 238 -2.82 -12.00 -8.60
N SER A 239 -3.32 -11.19 -9.53
CA SER A 239 -2.60 -10.16 -10.23
C SER A 239 -3.42 -8.88 -10.24
N ILE A 240 -2.77 -7.73 -10.13
CA ILE A 240 -3.47 -6.48 -10.32
C ILE A 240 -2.58 -5.60 -11.19
N THR A 241 -3.18 -4.98 -12.21
CA THR A 241 -2.47 -3.94 -12.94
C THR A 241 -3.05 -2.58 -12.52
N LEU A 242 -2.27 -1.51 -12.65
CA LEU A 242 -2.65 -0.22 -12.07
C LEU A 242 -3.77 0.46 -12.87
N ASN A 243 -3.74 0.36 -14.20
CA ASN A 243 -4.83 0.83 -15.03
C ASN A 243 -5.44 -0.38 -15.72
N GLN A 244 -5.83 -0.25 -16.99
CA GLN A 244 -6.52 -1.33 -17.69
C GLN A 244 -5.51 -2.19 -18.47
N HIS A 245 -4.24 -1.76 -18.57
CA HIS A 245 -3.27 -2.40 -19.46
C HIS A 245 -2.08 -2.95 -18.69
N TRP A 246 -1.39 -3.95 -19.24
CA TRP A 246 -0.23 -4.53 -18.58
C TRP A 246 1.05 -3.85 -19.05
N GLY A 247 1.26 -3.73 -20.37
CA GLY A 247 2.31 -2.85 -20.86
C GLY A 247 1.87 -1.38 -20.66
N ILE A 248 2.81 -0.45 -20.75
CA ILE A 248 2.53 0.96 -20.58
C ILE A 248 1.51 1.43 -21.63
N ALA A 249 0.64 2.35 -21.20
CA ALA A 249 -0.43 2.85 -22.03
C ALA A 249 -0.70 4.29 -21.60
N ALA A 250 -0.11 5.23 -22.35
CA ALA A 250 0.03 6.62 -21.96
C ALA A 250 -1.35 7.27 -21.78
N ASN A 251 -2.33 6.93 -22.65
CA ASN A 251 -3.63 7.57 -22.53
C ASN A 251 -4.68 6.66 -21.90
N ASP A 252 -4.23 5.69 -21.09
CA ASP A 252 -5.12 4.99 -20.20
C ASP A 252 -5.08 5.73 -18.85
N LEU A 253 -6.13 6.55 -18.59
CA LEU A 253 -6.20 7.35 -17.37
C LEU A 253 -6.99 6.60 -16.29
N ASN A 254 -7.49 5.41 -16.63
CA ASN A 254 -8.39 4.71 -15.72
C ASN A 254 -7.61 3.93 -14.66
N TYR A 255 -6.85 4.62 -13.82
CA TYR A 255 -6.07 4.00 -12.75
C TYR A 255 -6.97 3.66 -11.56
N LYS A 256 -6.71 2.53 -10.91
CA LYS A 256 -7.37 2.16 -9.67
C LYS A 256 -6.81 3.03 -8.55
N SER A 257 -7.56 3.20 -7.46
CA SER A 257 -7.03 3.98 -6.35
C SER A 257 -5.92 3.19 -5.65
N PRO A 258 -4.92 3.89 -5.07
CA PRO A 258 -4.00 3.25 -4.13
C PRO A 258 -4.72 2.46 -3.04
N ALA A 259 -5.88 2.93 -2.60
CA ALA A 259 -6.63 2.24 -1.54
C ALA A 259 -7.07 0.85 -2.04
N GLU A 260 -7.57 0.80 -3.28
CA GLU A 260 -8.02 -0.46 -3.84
C GLU A 260 -6.83 -1.42 -3.96
N MET A 261 -5.66 -0.87 -4.33
CA MET A 261 -4.47 -1.69 -4.44
C MET A 261 -4.13 -2.32 -3.07
N ILE A 262 -4.13 -1.50 -1.99
CA ILE A 262 -3.85 -2.04 -0.67
C ILE A 262 -4.90 -3.09 -0.28
N GLU A 263 -6.19 -2.82 -0.52
CA GLU A 263 -7.22 -3.78 -0.20
C GLU A 263 -7.02 -5.10 -0.98
N THR A 264 -6.58 -5.03 -2.21
CA THR A 264 -6.35 -6.19 -3.02
C THR A 264 -5.25 -7.09 -2.51
N VAL A 265 -4.19 -6.46 -2.06
CA VAL A 265 -3.05 -7.16 -1.52
C VAL A 265 -3.46 -7.88 -0.25
N ALA A 266 -4.23 -7.21 0.58
CA ALA A 266 -4.71 -7.79 1.80
C ALA A 266 -5.63 -8.97 1.55
N HIS A 267 -6.45 -8.82 0.54
CA HIS A 267 -7.41 -9.79 0.12
C HIS A 267 -6.81 -11.09 -0.36
N ALA A 268 -5.69 -10.99 -1.05
CA ALA A 268 -4.97 -12.13 -1.55
C ALA A 268 -4.52 -12.97 -0.41
N ARG A 269 -3.98 -12.34 0.62
CA ARG A 269 -3.55 -13.03 1.79
C ARG A 269 -4.69 -13.73 2.52
N HIS A 270 -5.81 -13.07 2.57
CA HIS A 270 -7.01 -13.58 3.17
C HIS A 270 -7.51 -14.83 2.46
N ILE A 271 -7.41 -14.90 1.15
CA ILE A 271 -7.92 -16.09 0.48
C ILE A 271 -6.80 -17.13 0.27
N GLY A 272 -5.59 -16.86 0.78
CA GLY A 272 -4.53 -17.85 0.72
C GLY A 272 -3.77 -17.83 -0.61
N ALA A 273 -3.49 -16.64 -1.17
CA ALA A 273 -2.82 -16.52 -2.45
C ALA A 273 -1.69 -15.50 -2.32
N ASN A 274 -0.71 -15.58 -3.24
CA ASN A 274 0.21 -14.47 -3.42
C ASN A 274 -0.47 -13.41 -4.29
N ILE A 275 0.10 -12.24 -4.35
CA ILE A 275 -0.36 -11.17 -5.17
C ILE A 275 0.81 -10.57 -6.01
N LEU A 276 0.63 -10.41 -7.31
CA LEU A 276 1.55 -9.66 -8.15
C LEU A 276 0.96 -8.28 -8.43
N VAL A 277 1.76 -7.23 -8.23
CA VAL A 277 1.37 -5.89 -8.64
C VAL A 277 2.19 -5.56 -9.89
N ASN A 278 1.51 -5.19 -10.97
CA ASN A 278 2.14 -5.06 -12.26
C ASN A 278 2.52 -3.62 -12.55
N ILE A 279 3.72 -3.43 -13.14
CA ILE A 279 4.09 -2.15 -13.73
C ILE A 279 4.57 -2.40 -15.17
N GLY A 280 4.29 -1.46 -16.07
CA GLY A 280 4.81 -1.52 -17.45
C GLY A 280 5.95 -0.51 -17.62
N LEU A 281 7.14 -0.95 -18.05
CA LEU A 281 8.25 -0.01 -18.23
C LEU A 281 8.03 0.85 -19.50
N THR A 282 8.72 2.00 -19.56
CA THR A 282 8.79 2.80 -20.78
C THR A 282 9.55 2.04 -21.87
N GLY A 283 9.48 2.56 -23.10
CA GLY A 283 10.17 1.93 -24.23
C GLY A 283 11.65 1.63 -23.87
N THR A 284 12.33 2.57 -23.20
CA THR A 284 13.75 2.42 -22.93
C THR A 284 13.99 1.73 -21.58
N GLY A 285 12.93 1.25 -20.89
CA GLY A 285 13.14 0.42 -19.72
C GLY A 285 13.12 1.15 -18.37
N ALA A 286 12.61 2.40 -18.30
CA ALA A 286 12.45 3.08 -17.02
C ALA A 286 11.12 2.70 -16.35
N ILE A 287 11.11 2.75 -15.01
CA ILE A 287 9.86 2.70 -14.27
C ILE A 287 9.15 4.04 -14.45
N PRO A 288 7.94 4.10 -15.00
CA PRO A 288 7.28 5.39 -15.18
C PRO A 288 6.88 6.04 -13.86
N ALA A 289 6.78 7.37 -13.83
CA ALA A 289 6.53 8.13 -12.60
C ALA A 289 5.24 7.66 -11.92
N ALA A 290 4.18 7.41 -12.69
CA ALA A 290 2.92 6.94 -12.07
C ALA A 290 3.13 5.65 -11.27
N ALA A 291 3.89 4.71 -11.85
CA ALA A 291 4.10 3.44 -11.18
C ALA A 291 4.89 3.65 -9.88
N GLN A 292 5.88 4.57 -9.92
CA GLN A 292 6.66 4.87 -8.74
C GLN A 292 5.75 5.37 -7.60
N THR A 293 4.74 6.20 -7.92
CA THR A 293 3.84 6.72 -6.91
C THR A 293 3.15 5.55 -6.21
N TYR A 294 2.59 4.62 -6.99
CA TYR A 294 1.88 3.48 -6.42
C TYR A 294 2.82 2.61 -5.58
N MET A 295 4.06 2.42 -6.07
CA MET A 295 5.02 1.63 -5.32
C MET A 295 5.37 2.27 -3.97
N HIS A 296 5.57 3.60 -3.93
CA HIS A 296 5.85 4.30 -2.68
C HIS A 296 4.71 4.10 -1.67
N LEU A 297 3.46 4.25 -2.12
CA LEU A 297 2.31 4.13 -1.23
C LEU A 297 2.21 2.68 -0.75
N LEU A 298 2.30 1.70 -1.67
CA LEU A 298 2.20 0.32 -1.26
C LEU A 298 3.32 -0.02 -0.26
N GLY A 299 4.53 0.53 -0.51
CA GLY A 299 5.70 0.30 0.33
C GLY A 299 5.45 0.76 1.78
N ARG A 300 4.74 1.87 1.97
CA ARG A 300 4.50 2.32 3.32
C ARG A 300 3.56 1.31 4.00
N TRP A 301 2.59 0.76 3.26
CA TRP A 301 1.68 -0.19 3.86
C TRP A 301 2.40 -1.50 4.19
N THR A 302 3.20 -2.02 3.24
CA THR A 302 3.77 -3.34 3.45
C THR A 302 4.83 -3.27 4.55
N ALA A 303 5.53 -2.13 4.70
CA ALA A 303 6.48 -2.00 5.81
C ALA A 303 5.72 -2.14 7.15
N MET A 304 4.56 -1.49 7.26
CA MET A 304 3.77 -1.58 8.49
C MET A 304 3.29 -3.02 8.67
N ALA A 305 2.89 -3.70 7.58
CA ALA A 305 2.24 -5.01 7.65
C ALA A 305 3.22 -6.18 7.70
N ALA A 306 4.53 -5.90 7.64
CA ALA A 306 5.61 -6.91 7.61
C ALA A 306 5.41 -8.08 8.60
N PRO A 307 4.97 -7.87 9.87
CA PRO A 307 4.83 -9.00 10.78
C PRO A 307 3.85 -10.07 10.29
N VAL A 308 2.94 -9.74 9.37
CA VAL A 308 1.90 -10.71 9.00
C VAL A 308 1.88 -10.98 7.48
N LEU A 309 2.38 -10.04 6.66
CA LEU A 309 2.17 -10.15 5.23
C LEU A 309 2.76 -11.46 4.67
N TYR A 310 3.93 -11.91 5.18
CA TYR A 310 4.64 -13.07 4.65
C TYR A 310 4.17 -14.38 5.26
N LYS A 311 4.10 -14.45 6.59
CA LYS A 311 3.80 -15.71 7.26
C LYS A 311 2.32 -15.89 7.56
N GLY A 312 1.50 -14.83 7.47
CA GLY A 312 0.09 -14.91 7.81
C GLY A 312 -0.66 -15.85 6.86
N ARG A 313 -1.57 -16.64 7.42
CA ARG A 313 -2.34 -17.62 6.65
C ARG A 313 -3.81 -17.51 7.02
N PRO A 314 -4.73 -17.89 6.11
CA PRO A 314 -6.15 -17.92 6.44
C PRO A 314 -6.39 -18.85 7.61
N VAL A 315 -7.46 -18.56 8.38
CA VAL A 315 -7.78 -19.39 9.52
C VAL A 315 -9.29 -19.34 9.64
N PRO A 316 -9.98 -20.40 10.15
CA PRO A 316 -11.45 -20.37 10.21
C PRO A 316 -12.00 -19.45 11.30
N VAL A 317 -11.80 -18.14 11.14
CA VAL A 317 -12.27 -17.13 12.06
C VAL A 317 -13.02 -16.14 11.19
N THR A 318 -14.31 -15.92 11.46
CA THR A 318 -15.06 -15.03 10.60
C THR A 318 -15.35 -13.71 11.32
N SER A 319 -15.75 -12.70 10.55
CA SER A 319 -16.04 -11.40 11.16
C SER A 319 -17.56 -11.29 11.30
N ALA A 320 -18.01 -10.37 12.15
CA ALA A 320 -19.44 -10.14 12.36
C ALA A 320 -20.13 -9.66 11.08
N HIS A 321 -21.45 -9.79 11.08
CA HIS A 321 -22.36 -9.31 10.06
C HIS A 321 -22.02 -7.86 9.68
N GLY A 322 -21.88 -7.64 8.37
CA GLY A 322 -21.81 -6.29 7.81
C GLY A 322 -20.41 -5.67 7.83
N THR A 323 -19.35 -6.45 8.12
CA THR A 323 -18.00 -5.91 8.07
C THR A 323 -17.22 -6.74 7.05
N ARG A 324 -16.09 -6.20 6.58
CA ARG A 324 -15.22 -6.91 5.66
C ARG A 324 -13.93 -7.28 6.39
N ASP A 325 -13.91 -7.20 7.72
CA ASP A 325 -12.73 -7.52 8.52
C ASP A 325 -12.38 -9.00 8.37
N PHE A 326 -11.11 -9.38 8.60
CA PHE A 326 -10.73 -10.79 8.53
C PHE A 326 -9.51 -11.02 9.42
N VAL A 327 -9.12 -12.28 9.59
CA VAL A 327 -8.03 -12.64 10.49
C VAL A 327 -6.96 -13.43 9.75
N LEU A 328 -5.67 -13.16 10.06
CA LEU A 328 -4.57 -13.97 9.57
C LEU A 328 -3.82 -14.58 10.75
N HIS A 329 -3.34 -15.80 10.57
CA HIS A 329 -2.69 -16.58 11.63
C HIS A 329 -1.21 -16.77 11.30
N THR A 330 -0.33 -16.49 12.25
CA THR A 330 1.03 -17.00 12.22
C THR A 330 1.18 -17.94 13.41
N SER A 331 2.33 -18.59 13.58
CA SER A 331 2.37 -19.58 14.65
C SER A 331 2.40 -18.90 16.03
N LYS A 332 2.84 -17.64 16.10
CA LYS A 332 2.90 -16.93 17.38
C LYS A 332 1.72 -16.00 17.64
N HIS A 333 1.00 -15.54 16.60
CA HIS A 333 0.00 -14.51 16.79
C HIS A 333 -1.15 -14.67 15.81
N ASP A 334 -2.29 -14.10 16.18
CA ASP A 334 -3.33 -13.80 15.20
C ASP A 334 -3.33 -12.30 14.95
N PHE A 335 -3.80 -11.91 13.75
CA PHE A 335 -3.85 -10.51 13.37
C PHE A 335 -5.24 -10.22 12.84
N LEU A 336 -5.86 -9.16 13.38
CA LEU A 336 -7.14 -8.66 12.91
C LEU A 336 -6.82 -7.61 11.83
N CYS A 337 -7.36 -7.85 10.63
CA CYS A 337 -7.24 -6.92 9.52
C CYS A 337 -8.57 -6.19 9.40
N ILE A 338 -8.54 -4.88 9.67
CA ILE A 338 -9.79 -4.16 9.89
C ILE A 338 -9.93 -3.06 8.84
N LEU A 339 -11.08 -3.07 8.16
CA LEU A 339 -11.37 -2.17 7.03
C LEU A 339 -12.43 -1.14 7.42
N ASP A 340 -12.58 -0.10 6.58
CA ASP A 340 -13.65 0.88 6.74
C ASP A 340 -13.52 1.65 8.05
N LEU A 341 -12.31 2.00 8.47
CA LEU A 341 -12.11 2.87 9.61
C LEU A 341 -12.05 4.32 9.14
N GLN A 342 -12.35 5.24 10.04
CA GLN A 342 -12.21 6.65 9.72
C GLN A 342 -11.17 7.33 10.61
N VAL A 343 -10.82 8.57 10.24
CA VAL A 343 -9.89 9.38 11.00
C VAL A 343 -10.57 10.02 12.21
N VAL A 344 -9.82 10.14 13.31
CA VAL A 344 -10.31 10.72 14.56
C VAL A 344 -9.94 12.21 14.60
N GLY A 345 -10.95 13.09 14.73
CA GLY A 345 -10.79 14.51 15.07
C GLY A 345 -10.65 14.78 16.59
N LYS A 346 -11.22 15.88 17.07
CA LYS A 346 -11.10 16.27 18.46
C LYS A 346 -12.14 17.34 18.76
N ASP A 347 -12.88 17.17 19.87
CA ASP A 347 -13.87 18.11 20.38
C ASP A 347 -14.93 18.40 19.30
N ASN A 348 -14.95 19.64 18.81
CA ASN A 348 -15.92 20.16 17.84
C ASN A 348 -15.66 19.58 16.44
N VAL A 349 -14.42 19.13 16.18
CA VAL A 349 -14.00 18.65 14.87
C VAL A 349 -14.22 17.15 14.77
N VAL A 350 -15.27 16.76 14.04
CA VAL A 350 -15.73 15.38 13.93
C VAL A 350 -15.37 14.87 12.54
N LEU A 351 -14.49 13.85 12.47
CA LEU A 351 -14.03 13.30 11.19
C LEU A 351 -14.63 11.91 10.90
N GLY A 352 -15.31 11.34 11.87
CA GLY A 352 -15.97 10.07 11.78
C GLY A 352 -15.43 8.88 12.53
N GLY A 353 -14.19 8.91 12.95
CA GLY A 353 -13.64 7.80 13.69
C GLY A 353 -13.73 7.86 15.19
N GLU A 354 -14.25 8.94 15.75
CA GLU A 354 -14.27 9.10 17.20
C GLU A 354 -15.06 8.21 18.17
N GLY A 355 -16.22 7.71 17.82
CA GLY A 355 -16.96 6.87 18.73
C GLY A 355 -16.43 5.47 18.92
N VAL A 356 -16.92 4.78 19.94
CA VAL A 356 -16.56 3.40 20.20
C VAL A 356 -17.03 2.60 18.98
N ASN A 357 -16.21 1.69 18.52
CA ASN A 357 -16.42 1.01 17.26
C ASN A 357 -16.24 -0.49 17.47
N PRO A 358 -17.23 -1.21 18.03
CA PRO A 358 -17.07 -2.64 18.30
C PRO A 358 -17.03 -3.51 17.03
N ARG A 359 -15.92 -4.20 16.81
CA ARG A 359 -15.78 -5.13 15.69
C ARG A 359 -15.58 -6.52 16.28
N SER A 360 -16.40 -7.47 15.83
CA SER A 360 -16.44 -8.82 16.38
C SER A 360 -15.96 -9.86 15.38
N PHE A 361 -15.49 -10.98 15.94
CA PHE A 361 -14.95 -12.12 15.23
C PHE A 361 -15.42 -13.36 15.98
N VAL A 362 -15.64 -14.43 15.21
CA VAL A 362 -16.10 -15.70 15.72
C VAL A 362 -15.07 -16.77 15.34
N GLY A 363 -14.58 -17.49 16.34
CA GLY A 363 -13.63 -18.56 16.07
C GLY A 363 -12.35 -18.43 16.90
N ILE A 364 -12.26 -17.44 17.78
CA ILE A 364 -11.10 -17.34 18.66
C ILE A 364 -11.49 -17.88 20.04
N GLY A 365 -10.90 -19.02 20.42
CA GLY A 365 -11.26 -19.76 21.61
C GLY A 365 -10.26 -19.63 22.77
N GLN A 366 -9.13 -18.93 22.57
CA GLN A 366 -8.06 -18.88 23.56
C GLN A 366 -8.09 -17.53 24.26
N PRO A 367 -7.83 -17.46 25.58
CA PRO A 367 -7.80 -16.16 26.27
C PRO A 367 -6.70 -15.25 25.75
N ILE A 368 -6.99 -13.95 25.69
CA ILE A 368 -6.07 -13.01 25.06
C ILE A 368 -5.44 -12.18 26.17
N GLN A 369 -4.15 -11.88 26.03
CA GLN A 369 -3.52 -10.98 26.97
C GLN A 369 -3.61 -9.53 26.50
N ARG A 370 -3.27 -9.26 25.22
CA ARG A 370 -3.19 -7.89 24.77
C ARG A 370 -3.44 -7.84 23.25
N ILE A 371 -4.03 -6.72 22.79
CA ILE A 371 -4.20 -6.47 21.36
C ILE A 371 -3.70 -5.06 21.08
N HIS A 372 -2.93 -4.88 19.99
CA HIS A 372 -2.43 -3.53 19.69
C HIS A 372 -2.32 -3.31 18.18
N TRP A 373 -2.56 -2.07 17.75
CA TRP A 373 -2.40 -1.69 16.34
C TRP A 373 -0.91 -1.75 15.97
N LEU A 374 -0.59 -2.35 14.82
CA LEU A 374 0.78 -2.38 14.29
C LEU A 374 1.30 -0.98 13.98
N ASP A 375 0.45 -0.06 13.53
CA ASP A 375 0.97 1.22 13.05
C ASP A 375 1.49 2.10 14.19
N ASN A 376 0.92 2.02 15.41
CA ASN A 376 1.32 2.98 16.43
C ASN A 376 1.35 2.33 17.82
N ASP A 377 1.13 1.02 17.92
CA ASP A 377 1.19 0.32 19.20
C ASP A 377 0.09 0.69 20.20
N GLU A 378 -0.97 1.39 19.78
CA GLU A 378 -2.05 1.66 20.71
C GLU A 378 -2.68 0.32 21.15
N VAL A 379 -2.94 0.18 22.46
CA VAL A 379 -3.56 -1.02 23.02
C VAL A 379 -5.07 -0.90 22.87
N LEU A 380 -5.74 -1.96 22.41
CA LEU A 380 -7.17 -1.93 22.16
C LEU A 380 -7.89 -2.59 23.34
N SER A 381 -9.07 -2.06 23.69
CA SER A 381 -9.85 -2.78 24.67
C SER A 381 -10.67 -3.88 23.96
N PHE A 382 -11.00 -4.96 24.69
CA PHE A 382 -11.67 -6.09 24.06
C PHE A 382 -12.45 -6.88 25.13
N THR A 383 -13.42 -7.70 24.70
CA THR A 383 -14.12 -8.66 25.54
C THR A 383 -14.11 -9.99 24.79
N GLN A 384 -14.18 -11.09 25.54
CA GLN A 384 -14.29 -12.40 24.92
C GLN A 384 -15.44 -13.17 25.53
N ASP A 385 -16.06 -14.04 24.73
CA ASP A 385 -16.86 -15.15 25.21
C ASP A 385 -16.19 -16.42 24.71
N LEU A 386 -15.45 -17.10 25.61
CA LEU A 386 -14.62 -18.23 25.21
C LEU A 386 -15.48 -19.42 24.77
N ASP A 387 -16.66 -19.61 25.37
CA ASP A 387 -17.48 -20.75 24.97
C ASP A 387 -17.98 -20.62 23.54
N LYS A 388 -18.38 -19.40 23.13
CA LYS A 388 -18.93 -19.21 21.81
C LYS A 388 -17.84 -18.76 20.83
N LYS A 389 -16.65 -18.51 21.37
CA LYS A 389 -15.49 -18.15 20.58
C LYS A 389 -15.67 -16.78 19.93
N VAL A 390 -16.18 -15.83 20.73
CA VAL A 390 -16.42 -14.48 20.27
C VAL A 390 -15.35 -13.55 20.83
N LEU A 391 -14.76 -12.73 19.95
CA LEU A 391 -13.91 -11.62 20.32
C LEU A 391 -14.54 -10.32 19.79
N THR A 392 -14.61 -9.29 20.64
CA THR A 392 -15.06 -7.97 20.25
C THR A 392 -13.99 -6.96 20.67
N VAL A 393 -13.50 -6.14 19.73
CA VAL A 393 -12.52 -5.11 20.03
C VAL A 393 -13.16 -3.76 19.75
N ASP A 394 -12.68 -2.72 20.46
CA ASP A 394 -13.02 -1.37 20.08
C ASP A 394 -11.97 -0.91 19.08
N ALA A 395 -12.32 -0.91 17.80
CA ALA A 395 -11.34 -0.61 16.76
C ALA A 395 -11.25 0.90 16.58
N THR A 396 -10.34 1.56 17.30
CA THR A 396 -10.28 3.02 17.26
C THR A 396 -9.88 3.49 15.86
N GLY A 397 -10.32 4.72 15.51
CA GLY A 397 -10.03 5.30 14.22
C GLY A 397 -8.58 5.77 14.12
N TYR A 398 -8.20 6.23 12.92
CA TYR A 398 -6.83 6.63 12.66
C TYR A 398 -6.50 7.91 13.41
N PRO A 399 -5.26 8.04 13.93
CA PRO A 399 -4.80 9.35 14.36
C PRO A 399 -4.87 10.34 13.20
N TYR A 400 -5.31 11.57 13.49
CA TYR A 400 -5.37 12.60 12.48
C TYR A 400 -4.02 12.64 11.78
N GLY A 401 -4.06 12.79 10.45
CA GLY A 401 -2.83 12.87 9.70
C GLY A 401 -2.46 11.52 9.11
N SER A 402 -3.24 10.47 9.39
CA SER A 402 -2.82 9.21 8.79
C SER A 402 -4.06 8.37 8.45
N ASP A 403 -3.89 7.35 7.58
CA ASP A 403 -5.02 6.50 7.14
C ASP A 403 -4.42 5.33 6.37
N TRP A 404 -4.49 4.14 6.97
CA TRP A 404 -3.75 2.97 6.47
C TRP A 404 -4.61 2.12 5.52
N VAL A 405 -5.91 2.46 5.39
CA VAL A 405 -6.83 1.74 4.51
C VAL A 405 -7.17 0.35 5.09
N VAL A 406 -6.18 -0.52 5.27
CA VAL A 406 -6.38 -1.76 6.00
C VAL A 406 -5.50 -1.67 7.25
N ARG A 407 -6.13 -1.60 8.43
CA ARG A 407 -5.37 -1.45 9.68
C ARG A 407 -5.22 -2.84 10.32
N ILE A 408 -4.08 -3.10 10.97
CA ILE A 408 -3.82 -4.45 11.46
C ILE A 408 -3.54 -4.42 12.96
N ALA A 409 -4.28 -5.22 13.72
CA ALA A 409 -4.09 -5.36 15.17
C ALA A 409 -3.49 -6.74 15.46
N GLN A 410 -2.41 -6.75 16.24
CA GLN A 410 -1.78 -8.01 16.63
C GLN A 410 -2.35 -8.48 17.97
N ILE A 411 -2.71 -9.77 18.00
CA ILE A 411 -3.20 -10.42 19.20
C ILE A 411 -2.05 -11.18 19.87
N ASP A 412 -1.82 -10.89 21.17
CA ASP A 412 -0.89 -11.64 22.01
C ASP A 412 -1.71 -12.50 22.97
N TYR A 413 -1.52 -13.82 22.85
CA TYR A 413 -2.24 -14.76 23.72
C TYR A 413 -1.57 -14.89 25.08
N GLU A 414 -2.40 -15.22 26.08
CA GLU A 414 -1.93 -15.59 27.40
C GLU A 414 -1.13 -16.91 27.35
N MET B 1 -33.17 34.04 -13.15
CA MET B 1 -33.56 35.45 -13.43
C MET B 1 -32.33 36.33 -13.68
N THR B 2 -31.53 36.69 -12.66
CA THR B 2 -30.37 37.53 -13.00
C THR B 2 -29.26 36.65 -13.58
N GLU B 3 -28.40 37.29 -14.36
CA GLU B 3 -27.26 36.67 -14.99
C GLU B 3 -25.98 37.14 -14.30
N PRO B 4 -24.87 36.37 -14.45
CA PRO B 4 -23.65 36.73 -13.74
C PRO B 4 -23.08 38.07 -14.15
N LEU B 5 -22.56 38.82 -13.22
CA LEU B 5 -21.85 40.02 -13.54
C LEU B 5 -20.60 39.58 -14.29
N PRO B 6 -19.99 40.47 -15.04
CA PRO B 6 -18.85 40.03 -15.85
C PRO B 6 -17.67 39.38 -15.14
N ARG B 7 -17.28 39.78 -13.94
CA ARG B 7 -16.18 39.11 -13.29
C ARG B 7 -16.50 37.66 -12.95
N ILE B 8 -17.73 37.39 -12.56
CA ILE B 8 -18.28 36.08 -12.26
C ILE B 8 -18.38 35.23 -13.50
N GLN B 9 -18.74 35.83 -14.61
CA GLN B 9 -18.79 35.15 -15.88
C GLN B 9 -17.39 34.68 -16.25
N HIS B 10 -16.40 35.51 -16.04
CA HIS B 10 -15.02 35.17 -16.27
C HIS B 10 -14.56 34.08 -15.31
N TYR B 11 -15.07 34.14 -14.09
CA TYR B 11 -14.74 33.14 -13.08
C TYR B 11 -15.23 31.76 -13.55
N GLU B 12 -16.49 31.69 -14.01
CA GLU B 12 -17.06 30.43 -14.43
C GLU B 12 -16.31 29.86 -15.65
N ASP B 13 -15.64 30.73 -16.42
CA ASP B 13 -14.88 30.27 -17.58
C ASP B 13 -13.54 29.68 -17.14
N LEU B 14 -13.12 29.93 -15.90
CA LEU B 14 -11.85 29.39 -15.44
C LEU B 14 -11.94 27.87 -15.36
N GLY B 15 -13.09 27.37 -14.86
CA GLY B 15 -13.37 25.94 -14.87
C GLY B 15 -12.65 25.19 -13.76
N LEU B 16 -11.32 25.16 -13.85
CA LEU B 16 -10.48 24.32 -13.03
C LEU B 16 -9.39 25.18 -12.39
N GLY B 17 -9.25 25.03 -11.07
CA GLY B 17 -8.13 25.66 -10.39
C GLY B 17 -7.33 24.65 -9.57
N LEU B 18 -6.10 25.03 -9.23
CA LEU B 18 -5.31 24.24 -8.33
C LEU B 18 -5.33 24.91 -6.95
N PHE B 19 -5.64 24.12 -5.91
CA PHE B 19 -5.59 24.57 -4.52
C PHE B 19 -4.26 24.11 -3.93
N ILE B 20 -3.57 25.02 -3.23
CA ILE B 20 -2.26 24.68 -2.65
C ILE B 20 -2.22 24.98 -1.16
N HIS B 21 -2.02 23.92 -0.35
CA HIS B 21 -1.89 24.05 1.09
C HIS B 21 -0.42 23.91 1.46
N TRP B 22 0.10 24.98 2.06
CA TRP B 22 1.48 24.98 2.50
C TRP B 22 1.60 25.93 3.68
N GLY B 23 2.14 25.44 4.79
CA GLY B 23 2.33 26.25 5.99
C GLY B 23 3.37 25.58 6.88
N LEU B 24 3.44 26.01 8.16
CA LEU B 24 4.38 25.40 9.07
C LEU B 24 4.01 23.92 9.24
N TYR B 25 2.71 23.62 9.22
CA TYR B 25 2.21 22.26 9.42
C TYR B 25 2.88 21.30 8.43
N SER B 26 3.24 21.79 7.24
CA SER B 26 3.77 20.92 6.20
C SER B 26 5.04 20.21 6.66
N GLN B 27 5.80 20.85 7.57
CA GLN B 27 7.02 20.21 8.02
C GLN B 27 6.74 18.93 8.82
N MET B 28 5.55 18.77 9.39
CA MET B 28 5.27 17.59 10.19
C MET B 28 4.59 16.50 9.38
N ALA B 29 3.90 16.88 8.30
CA ALA B 29 3.32 15.91 7.36
C ALA B 29 2.29 15.02 8.07
N VAL B 30 1.52 15.62 8.98
CA VAL B 30 0.44 14.91 9.64
C VAL B 30 -0.83 15.76 9.57
N GLY B 31 -1.04 16.49 8.44
CA GLY B 31 -2.28 17.23 8.27
C GLY B 31 -2.19 18.68 8.76
N GLU B 32 -2.97 19.58 8.13
CA GLU B 32 -2.85 21.02 8.38
C GLU B 32 -3.47 21.40 9.75
N TRP B 33 -4.37 20.59 10.30
CA TRP B 33 -4.97 20.90 11.60
C TRP B 33 -4.14 20.35 12.76
N THR B 34 -2.88 19.93 12.53
CA THR B 34 -2.14 19.18 13.55
C THR B 34 -2.06 19.93 14.89
N GLU B 35 -1.87 21.25 14.86
CA GLU B 35 -1.68 22.01 16.08
C GLU B 35 -2.87 21.85 17.02
N LEU B 36 -4.09 21.98 16.49
CA LEU B 36 -5.28 21.84 17.32
C LEU B 36 -5.57 20.37 17.59
N ILE B 37 -5.70 19.54 16.59
CA ILE B 37 -6.10 18.15 16.73
C ILE B 37 -5.19 17.23 17.53
N HIS B 38 -3.90 17.46 17.47
CA HIS B 38 -2.92 16.71 18.19
C HIS B 38 -2.59 17.33 19.52
N HIS B 39 -3.30 18.37 19.89
CA HIS B 39 -3.21 19.06 21.15
C HIS B 39 -1.79 19.50 21.49
N ARG B 40 -1.13 20.13 20.55
CA ARG B 40 0.21 20.59 20.71
C ARG B 40 0.39 21.85 21.54
N ASN B 41 1.49 21.94 22.24
CA ASN B 41 1.82 23.12 22.95
C ASN B 41 2.14 24.12 21.85
N GLN B 42 1.54 25.28 21.92
CA GLN B 42 1.68 26.32 20.92
C GLN B 42 3.13 26.75 20.70
N HIS B 43 3.86 27.01 21.79
CA HIS B 43 5.22 27.49 21.69
C HIS B 43 6.07 26.45 20.94
N ASP B 44 5.89 25.16 21.22
CA ASP B 44 6.70 24.12 20.62
C ASP B 44 6.41 24.00 19.12
N TYR B 45 5.10 24.01 18.78
CA TYR B 45 4.69 23.99 17.39
C TYR B 45 5.27 25.18 16.61
N GLU B 46 5.16 26.38 17.19
CA GLU B 46 5.53 27.62 16.50
C GLU B 46 7.03 27.72 16.27
N GLN B 47 7.84 26.86 16.93
CA GLN B 47 9.26 26.80 16.64
C GLN B 47 9.56 26.38 15.19
N LEU B 48 8.56 25.77 14.53
CA LEU B 48 8.68 25.38 13.13
C LEU B 48 9.02 26.59 12.25
N ILE B 49 8.74 27.82 12.71
CA ILE B 49 9.13 28.99 11.93
C ILE B 49 10.65 29.00 11.69
N LYS B 50 11.42 28.45 12.63
CA LYS B 50 12.88 28.58 12.55
C LYS B 50 13.45 27.68 11.47
N THR B 51 12.69 26.67 11.03
CA THR B 51 13.16 25.76 10.01
C THR B 51 12.36 25.95 8.71
N PHE B 52 11.57 27.03 8.62
CA PHE B 52 10.83 27.33 7.40
C PHE B 52 11.73 28.05 6.40
N THR B 53 12.47 27.27 5.58
CA THR B 53 13.47 27.84 4.70
C THR B 53 12.88 28.13 3.33
N ALA B 54 11.78 27.46 2.97
CA ALA B 54 11.23 27.48 1.63
C ALA B 54 12.27 27.09 0.61
N ALA B 55 13.24 26.24 0.99
CA ALA B 55 14.38 25.95 0.12
C ALA B 55 13.95 25.31 -1.21
N GLN B 56 12.77 24.68 -1.29
CA GLN B 56 12.41 24.02 -2.52
C GLN B 56 11.15 24.65 -3.13
N PHE B 57 10.78 25.83 -2.65
CA PHE B 57 9.61 26.47 -3.22
C PHE B 57 10.04 27.19 -4.48
N ASP B 58 9.44 26.81 -5.60
CA ASP B 58 9.71 27.46 -6.87
C ASP B 58 8.37 27.83 -7.50
N ALA B 59 8.01 29.11 -7.38
CA ALA B 59 6.69 29.53 -7.81
C ALA B 59 6.53 29.31 -9.32
N LYS B 60 7.65 29.41 -10.05
CA LYS B 60 7.59 29.22 -11.51
C LYS B 60 7.22 27.77 -11.83
N LYS B 61 7.79 26.81 -11.10
CA LYS B 61 7.47 25.40 -11.30
C LYS B 61 6.00 25.16 -11.01
N ILE B 62 5.50 25.77 -9.93
CA ILE B 62 4.11 25.56 -9.54
C ILE B 62 3.18 26.14 -10.60
N ALA B 63 3.48 27.36 -11.09
CA ALA B 63 2.64 27.97 -12.11
C ALA B 63 2.67 27.14 -13.39
N HIS B 64 3.85 26.64 -13.78
CA HIS B 64 3.99 25.82 -14.96
C HIS B 64 3.12 24.55 -14.83
N ALA B 65 3.22 23.88 -13.68
CA ALA B 65 2.46 22.67 -13.46
C ALA B 65 0.95 22.97 -13.54
N ALA B 66 0.50 24.08 -12.96
CA ALA B 66 -0.91 24.44 -13.03
C ALA B 66 -1.34 24.66 -14.49
N LYS B 67 -0.50 25.33 -15.28
CA LYS B 67 -0.80 25.58 -16.68
C LYS B 67 -0.91 24.25 -17.42
N ALA B 68 0.05 23.33 -17.20
CA ALA B 68 0.09 22.03 -17.89
C ALA B 68 -1.15 21.21 -17.52
N VAL B 69 -1.67 21.33 -16.31
CA VAL B 69 -2.78 20.51 -15.88
C VAL B 69 -4.08 21.11 -16.41
N GLY B 70 -4.01 22.29 -17.05
CA GLY B 70 -5.20 22.95 -17.58
C GLY B 70 -5.92 23.86 -16.57
N ALA B 71 -5.30 24.13 -15.39
CA ALA B 71 -5.90 25.04 -14.42
C ALA B 71 -5.77 26.48 -14.93
N LYS B 72 -6.73 27.34 -14.57
CA LYS B 72 -6.71 28.74 -15.00
C LYS B 72 -6.52 29.67 -13.81
N TYR B 73 -6.50 29.11 -12.59
CA TYR B 73 -6.20 29.90 -11.40
C TYR B 73 -5.61 28.97 -10.33
N ILE B 74 -4.97 29.59 -9.33
CA ILE B 74 -4.36 28.89 -8.20
C ILE B 74 -4.80 29.60 -6.92
N VAL B 75 -5.30 28.80 -5.96
CA VAL B 75 -5.59 29.31 -4.64
C VAL B 75 -4.48 28.85 -3.70
N LEU B 76 -3.67 29.80 -3.20
CA LEU B 76 -2.59 29.52 -2.27
C LEU B 76 -2.97 29.93 -0.84
N THR B 77 -2.72 29.04 0.14
CA THR B 77 -2.93 29.39 1.54
C THR B 77 -1.95 30.50 1.95
N THR B 78 -2.44 31.74 2.15
CA THR B 78 -1.54 32.82 2.56
C THR B 78 -1.38 32.86 4.08
N LYS B 79 -2.39 32.32 4.79
CA LYS B 79 -2.40 32.17 6.24
C LYS B 79 -3.49 31.17 6.60
N HIS B 80 -3.10 30.03 7.22
CA HIS B 80 -4.06 29.00 7.62
C HIS B 80 -4.45 29.22 9.10
N HIS B 81 -5.20 28.26 9.69
CA HIS B 81 -5.61 28.42 11.09
C HIS B 81 -4.39 28.63 12.02
N GLU B 82 -3.26 27.98 11.71
CA GLU B 82 -2.08 28.12 12.55
C GLU B 82 -1.68 29.59 12.67
N GLY B 83 -2.08 30.43 11.71
CA GLY B 83 -1.95 31.89 11.84
C GLY B 83 -0.60 32.43 11.34
N PHE B 84 0.21 31.59 10.69
CA PHE B 84 1.49 32.00 10.12
C PHE B 84 1.30 32.57 8.71
N PHE B 85 1.91 33.73 8.43
CA PHE B 85 1.69 34.40 7.15
C PHE B 85 2.82 34.13 6.17
N LEU B 86 2.47 33.78 4.94
CA LEU B 86 3.45 33.46 3.92
C LEU B 86 3.91 34.73 3.17
N TYR B 87 3.54 35.90 3.68
CA TYR B 87 3.93 37.15 3.05
C TYR B 87 4.40 38.17 4.09
N ASP B 88 4.94 39.31 3.60
CA ASP B 88 5.41 40.35 4.48
C ASP B 88 4.21 41.14 5.02
N THR B 89 3.93 41.00 6.33
CA THR B 89 2.76 41.67 6.87
C THR B 89 3.10 43.12 7.27
N LYS B 90 4.32 43.58 6.98
CA LYS B 90 4.71 44.98 7.12
C LYS B 90 4.48 45.48 8.55
N GLY B 91 4.85 44.67 9.57
CA GLY B 91 4.70 45.07 10.96
C GLY B 91 3.43 44.58 11.63
N LEU B 92 2.45 44.04 10.88
CA LEU B 92 1.25 43.58 11.55
C LEU B 92 1.55 42.41 12.50
N SER B 93 2.50 41.53 12.12
CA SER B 93 2.79 40.37 12.94
C SER B 93 4.25 39.96 12.76
N ASP B 94 4.86 39.40 13.80
CA ASP B 94 6.19 38.83 13.71
C ASP B 94 6.15 37.38 13.25
N PHE B 95 4.94 36.79 13.17
CA PHE B 95 4.81 35.38 12.83
C PHE B 95 4.57 35.29 11.32
N ASP B 96 5.58 35.70 10.54
CA ASP B 96 5.45 35.76 9.09
C ASP B 96 6.78 35.33 8.47
N VAL B 97 6.78 35.21 7.15
CA VAL B 97 7.89 34.60 6.46
C VAL B 97 9.12 35.51 6.54
N MET B 98 8.92 36.82 6.75
CA MET B 98 10.08 37.72 6.87
C MET B 98 10.85 37.47 8.17
N HIS B 99 10.25 36.76 9.13
CA HIS B 99 10.92 36.42 10.37
C HIS B 99 11.36 34.94 10.34
N ALA B 100 11.30 34.32 9.17
CA ALA B 100 11.73 32.94 9.03
C ALA B 100 13.02 32.94 8.22
N PRO B 101 13.86 31.89 8.29
CA PRO B 101 15.05 31.83 7.42
C PRO B 101 14.77 32.09 5.95
N ALA B 102 13.57 31.76 5.45
CA ALA B 102 13.28 31.99 4.04
C ALA B 102 13.54 33.45 3.65
N ARG B 103 13.08 34.40 4.49
CA ARG B 103 13.24 35.83 4.27
C ARG B 103 12.86 36.26 2.86
N ARG B 104 11.76 35.72 2.33
CA ARG B 104 11.30 36.09 0.99
C ARG B 104 9.78 36.22 1.07
N ASP B 105 9.24 37.22 0.37
CA ASP B 105 7.79 37.31 0.26
C ASP B 105 7.29 36.27 -0.77
N LEU B 106 6.75 35.15 -0.28
CA LEU B 106 6.36 34.03 -1.12
C LEU B 106 5.13 34.37 -1.95
N ILE B 107 4.24 35.21 -1.40
CA ILE B 107 3.11 35.68 -2.16
C ILE B 107 3.57 36.52 -3.37
N ALA B 108 4.64 37.32 -3.21
CA ALA B 108 5.12 38.13 -4.32
C ALA B 108 5.66 37.20 -5.42
N GLU B 109 6.41 36.17 -5.03
CA GLU B 109 6.90 35.20 -5.99
C GLU B 109 5.74 34.52 -6.73
N PHE B 110 4.68 34.18 -5.98
CA PHE B 110 3.54 33.46 -6.50
C PHE B 110 2.80 34.31 -7.52
N VAL B 111 2.55 35.57 -7.19
CA VAL B 111 1.79 36.45 -8.07
C VAL B 111 2.54 36.68 -9.39
N ALA B 112 3.86 36.86 -9.33
CA ALA B 112 4.64 37.08 -10.54
C ALA B 112 4.60 35.82 -11.42
N ALA B 113 4.74 34.64 -10.78
CA ALA B 113 4.72 33.38 -11.51
C ALA B 113 3.37 33.18 -12.19
N CYS B 114 2.28 33.50 -11.49
CA CYS B 114 0.95 33.34 -12.07
C CYS B 114 0.78 34.23 -13.29
N ARG B 115 1.25 35.49 -13.18
CA ARG B 115 1.05 36.44 -14.27
C ARG B 115 1.80 36.00 -15.52
N GLU B 116 3.01 35.46 -15.35
CA GLU B 116 3.76 35.04 -16.51
C GLU B 116 3.09 33.86 -17.21
N GLU B 117 2.22 33.10 -16.53
CA GLU B 117 1.57 31.95 -17.15
C GLU B 117 0.12 32.26 -17.49
N ASP B 118 -0.28 33.52 -17.35
CA ASP B 118 -1.67 33.91 -17.55
C ASP B 118 -2.65 33.18 -16.60
N LEU B 119 -2.24 32.94 -15.34
CA LEU B 119 -3.15 32.36 -14.36
C LEU B 119 -3.60 33.45 -13.40
N LEU B 120 -4.85 33.39 -12.93
CA LEU B 120 -5.28 34.29 -11.87
C LEU B 120 -4.77 33.79 -10.50
N PRO B 121 -4.07 34.66 -9.71
CA PRO B 121 -3.68 34.31 -8.34
C PRO B 121 -4.82 34.58 -7.35
N PHE B 122 -5.13 33.57 -6.53
CA PHE B 122 -6.16 33.72 -5.51
C PHE B 122 -5.51 33.49 -4.15
N PHE B 123 -5.99 34.22 -3.15
CA PHE B 123 -5.40 34.16 -1.82
C PHE B 123 -6.39 33.52 -0.86
N TYR B 124 -6.03 32.36 -0.32
CA TYR B 124 -6.81 31.78 0.75
C TYR B 124 -6.40 32.48 2.04
N MET B 125 -7.40 32.79 2.88
CA MET B 125 -7.14 33.41 4.17
C MET B 125 -8.06 32.76 5.21
N ALA B 126 -7.45 32.21 6.28
CA ALA B 126 -8.26 31.63 7.36
C ALA B 126 -8.78 32.75 8.28
N THR B 127 -10.07 32.74 8.59
CA THR B 127 -10.61 33.76 9.46
C THR B 127 -10.66 33.25 10.90
N TYR B 128 -10.61 31.93 11.09
CA TYR B 128 -10.43 31.35 12.40
C TYR B 128 -8.93 31.16 12.63
N ASP B 129 -8.40 31.85 13.66
CA ASP B 129 -6.97 32.00 13.82
C ASP B 129 -6.56 31.49 15.20
N TRP B 130 -5.57 30.58 15.27
CA TRP B 130 -5.16 29.97 16.52
C TRP B 130 -3.98 30.73 17.12
N HIS B 131 -3.37 31.64 16.37
CA HIS B 131 -2.13 32.25 16.82
C HIS B 131 -2.38 33.50 17.68
N THR B 132 -3.16 34.47 17.20
CA THR B 132 -3.37 35.74 17.89
C THR B 132 -4.36 35.59 19.05
N PRO B 133 -3.98 35.99 20.28
CA PRO B 133 -4.94 35.99 21.40
C PRO B 133 -6.14 36.92 21.17
N LEU B 134 -6.02 37.86 20.22
CA LEU B 134 -7.16 38.74 19.92
C LEU B 134 -8.40 37.93 19.61
N TYR B 135 -8.24 36.75 18.97
CA TYR B 135 -9.37 36.00 18.47
C TYR B 135 -10.38 35.72 19.58
N ASP B 136 -9.91 35.23 20.74
CA ASP B 136 -10.81 34.91 21.84
C ASP B 136 -10.96 36.06 22.83
N ASP B 137 -9.92 36.92 22.98
CA ASP B 137 -9.88 37.92 24.04
C ASP B 137 -10.55 39.23 23.66
N ASP B 138 -10.60 39.54 22.36
CA ASP B 138 -10.98 40.87 21.90
C ASP B 138 -11.37 40.80 20.43
N PHE B 139 -12.54 40.20 20.20
CA PHE B 139 -12.97 39.85 18.86
C PHE B 139 -13.01 41.09 17.97
N PRO B 140 -13.56 42.25 18.42
CA PRO B 140 -13.54 43.46 17.60
C PRO B 140 -12.16 43.84 17.10
N ALA B 141 -11.15 43.71 17.97
CA ALA B 141 -9.78 44.02 17.59
C ALA B 141 -9.22 42.95 16.65
N TYR B 142 -9.70 41.69 16.81
CA TYR B 142 -9.38 40.60 15.90
C TYR B 142 -9.84 40.96 14.48
N LEU B 143 -11.07 41.46 14.36
CA LEU B 143 -11.62 41.87 13.08
C LEU B 143 -10.72 42.90 12.41
N THR B 144 -10.13 43.79 13.21
CA THR B 144 -9.27 44.84 12.65
C THR B 144 -7.99 44.21 12.12
N TYR B 145 -7.45 43.23 12.86
CA TYR B 145 -6.22 42.54 12.49
C TYR B 145 -6.46 41.73 11.21
N LEU B 146 -7.59 40.99 11.17
CA LEU B 146 -7.95 40.21 10.01
C LEU B 146 -8.05 41.15 8.80
N GLN B 147 -8.78 42.24 8.97
CA GLN B 147 -9.00 43.20 7.89
C GLN B 147 -7.69 43.80 7.42
N LYS B 148 -6.79 44.13 8.37
CA LYS B 148 -5.51 44.73 7.99
C LYS B 148 -4.68 43.71 7.20
N SER B 149 -4.72 42.43 7.62
CA SER B 149 -3.95 41.40 6.94
C SER B 149 -4.44 41.23 5.50
N VAL B 150 -5.75 41.40 5.27
CA VAL B 150 -6.29 41.34 3.93
C VAL B 150 -5.96 42.60 3.14
N GLU B 151 -5.93 43.75 3.82
CA GLU B 151 -5.58 45.01 3.20
C GLU B 151 -4.17 44.96 2.62
N VAL B 152 -3.22 44.38 3.36
CA VAL B 152 -1.88 44.23 2.82
C VAL B 152 -1.92 43.47 1.50
N LEU B 153 -2.72 42.39 1.43
CA LEU B 153 -2.80 41.56 0.25
C LEU B 153 -3.43 42.36 -0.88
N CYS B 154 -4.37 43.22 -0.55
CA CYS B 154 -5.04 44.11 -1.46
C CYS B 154 -4.19 45.22 -2.01
N ARG B 155 -3.17 45.65 -1.30
CA ARG B 155 -2.40 46.79 -1.74
C ARG B 155 -0.97 46.61 -2.18
N ASN B 156 -0.40 45.46 -2.02
CA ASN B 156 0.99 45.33 -2.35
C ASN B 156 1.41 44.40 -3.45
N TYR B 157 0.45 43.71 -4.05
CA TYR B 157 0.71 42.74 -5.07
C TYR B 157 0.08 42.95 -6.44
N GLY B 158 -0.38 44.16 -6.75
CA GLY B 158 -1.05 44.42 -8.01
C GLY B 158 -2.47 43.82 -8.03
N PRO B 159 -3.11 43.70 -9.22
CA PRO B 159 -4.46 43.12 -9.30
C PRO B 159 -4.50 41.65 -8.87
N VAL B 160 -5.47 41.29 -8.04
CA VAL B 160 -5.55 39.97 -7.47
C VAL B 160 -6.77 39.29 -8.08
N GLY B 161 -6.62 38.01 -8.44
CA GLY B 161 -7.73 37.28 -9.02
C GLY B 161 -8.89 37.15 -8.03
N GLY B 162 -8.57 36.86 -6.77
CA GLY B 162 -9.66 36.61 -5.82
C GLY B 162 -9.12 36.27 -4.43
N PHE B 163 -10.09 36.19 -3.49
CA PHE B 163 -9.85 35.83 -2.11
C PHE B 163 -10.76 34.67 -1.81
N TRP B 164 -10.24 33.74 -1.01
CA TRP B 164 -10.94 32.52 -0.64
C TRP B 164 -10.95 32.48 0.89
N PHE B 165 -12.09 32.81 1.46
CA PHE B 165 -12.22 33.01 2.90
C PHE B 165 -12.75 31.74 3.55
N ASP B 166 -12.07 31.31 4.61
CA ASP B 166 -12.48 30.11 5.29
C ASP B 166 -12.53 30.31 6.80
N GLY B 167 -13.69 30.11 7.44
CA GLY B 167 -13.62 29.88 8.88
C GLY B 167 -14.63 30.67 9.72
N ASN B 168 -15.51 31.45 9.06
CA ASN B 168 -16.56 32.16 9.77
C ASN B 168 -17.48 31.15 10.47
N TRP B 169 -17.51 29.90 9.96
CA TRP B 169 -18.26 28.79 10.52
C TRP B 169 -17.84 28.50 11.97
N ASN B 170 -16.67 28.99 12.41
CA ASN B 170 -16.23 28.75 13.77
C ASN B 170 -17.10 29.53 14.77
N LYS B 171 -17.57 30.73 14.41
CA LYS B 171 -18.49 31.49 15.24
C LYS B 171 -19.69 31.91 14.39
N LYS B 172 -20.68 31.01 14.26
CA LYS B 172 -21.77 31.19 13.31
C LYS B 172 -22.63 32.41 13.68
N ASP B 173 -22.62 32.79 14.96
CA ASP B 173 -23.53 33.79 15.50
C ASP B 173 -22.91 35.19 15.55
N ALA B 174 -21.58 35.31 15.41
CA ALA B 174 -20.89 36.58 15.61
C ALA B 174 -21.14 37.55 14.46
N ASP B 175 -20.92 38.83 14.72
CA ASP B 175 -20.94 39.83 13.68
C ASP B 175 -19.50 39.93 13.16
N TRP B 176 -19.30 39.50 11.89
CA TRP B 176 -17.96 39.46 11.31
C TRP B 176 -17.64 40.74 10.55
N HIS B 177 -18.56 41.68 10.54
CA HIS B 177 -18.33 42.92 9.88
C HIS B 177 -17.90 42.78 8.43
N LEU B 178 -18.62 41.91 7.74
CA LEU B 178 -18.36 41.60 6.34
C LEU B 178 -18.45 42.74 5.38
N PRO B 179 -19.40 43.66 5.58
CA PRO B 179 -19.51 44.80 4.70
C PRO B 179 -18.26 45.62 4.71
N GLU B 180 -17.67 45.84 5.87
CA GLU B 180 -16.43 46.55 5.90
C GLU B 180 -15.28 45.78 5.28
N LEU B 181 -15.17 44.49 5.56
CA LEU B 181 -14.11 43.72 4.97
C LEU B 181 -14.23 43.58 3.46
N TYR B 182 -15.41 43.23 3.01
CA TYR B 182 -15.65 43.11 1.59
C TYR B 182 -15.61 44.47 0.90
N GLY B 183 -16.09 45.51 1.57
CA GLY B 183 -16.07 46.87 1.06
C GLY B 183 -14.64 47.35 0.82
N MET B 184 -13.75 47.06 1.79
CA MET B 184 -12.34 47.41 1.64
C MET B 184 -11.77 46.67 0.42
N ILE B 185 -12.14 45.39 0.22
CA ILE B 185 -11.63 44.66 -0.93
C ILE B 185 -12.11 45.32 -2.22
N ARG B 186 -13.41 45.66 -2.29
CA ARG B 186 -13.96 46.31 -3.48
C ARG B 186 -13.27 47.66 -3.75
N HIS B 187 -12.87 48.36 -2.69
CA HIS B 187 -12.15 49.61 -2.86
C HIS B 187 -10.83 49.38 -3.61
N TYR B 188 -9.92 48.62 -3.05
CA TYR B 188 -8.65 48.31 -3.68
C TYR B 188 -8.59 47.37 -4.87
N GLN B 189 -9.49 46.40 -4.88
CA GLN B 189 -9.57 45.37 -5.87
C GLN B 189 -10.98 45.15 -6.33
N PRO B 190 -11.50 46.05 -7.15
CA PRO B 190 -12.87 45.94 -7.60
C PRO B 190 -13.21 44.67 -8.36
N ASN B 191 -12.28 44.19 -9.13
CA ASN B 191 -12.44 43.01 -9.90
C ASN B 191 -12.14 41.67 -9.25
N ALA B 192 -11.74 41.65 -8.00
CA ALA B 192 -11.47 40.42 -7.32
C ALA B 192 -12.69 39.61 -7.07
N ILE B 193 -12.56 38.32 -7.22
CA ILE B 193 -13.62 37.42 -6.96
C ILE B 193 -13.55 37.08 -5.48
N ILE B 194 -14.65 37.22 -4.78
CA ILE B 194 -14.69 36.88 -3.36
C ILE B 194 -15.41 35.55 -3.18
N VAL B 195 -14.67 34.55 -2.69
CA VAL B 195 -15.20 33.22 -2.46
C VAL B 195 -15.34 33.03 -0.96
N SER B 196 -16.40 32.37 -0.57
CA SER B 196 -16.64 32.06 0.81
C SER B 196 -17.02 30.61 1.07
N ASN B 197 -16.36 30.02 2.06
CA ASN B 197 -16.57 28.68 2.55
C ASN B 197 -17.91 28.49 3.22
N THR B 198 -18.39 29.50 3.89
CA THR B 198 -19.73 29.41 4.41
C THR B 198 -20.45 30.69 4.05
N GLY B 199 -20.60 30.92 2.76
CA GLY B 199 -21.24 32.12 2.27
C GLY B 199 -22.73 32.00 2.05
N LEU B 200 -23.25 30.81 2.23
CA LEU B 200 -24.66 30.58 2.06
C LEU B 200 -25.29 30.53 3.44
N GLY B 204 -30.32 29.07 1.36
CA GLY B 204 -31.21 30.16 1.79
C GLY B 204 -30.68 31.54 1.36
N GLN B 205 -30.10 32.27 2.31
CA GLN B 205 -29.54 33.60 2.09
C GLN B 205 -28.02 33.51 2.03
N VAL B 206 -27.41 34.32 1.15
CA VAL B 206 -25.95 34.52 1.09
C VAL B 206 -25.48 35.46 2.20
N SER B 207 -24.23 35.31 2.66
CA SER B 207 -23.87 35.92 3.93
C SER B 207 -23.51 37.42 3.80
N ASP B 208 -23.31 37.88 2.55
CA ASP B 208 -23.04 39.28 2.27
C ASP B 208 -23.21 39.53 0.78
N PRO B 209 -23.82 40.67 0.37
CA PRO B 209 -23.99 40.99 -1.05
C PRO B 209 -22.71 40.95 -1.87
N GLU B 210 -21.56 41.16 -1.23
CA GLU B 210 -20.30 41.26 -1.99
C GLU B 210 -19.72 39.88 -2.36
N ILE B 211 -20.21 38.80 -1.75
CA ILE B 211 -19.76 37.45 -2.09
C ILE B 211 -20.11 37.12 -3.54
N ASP B 212 -19.14 36.54 -4.26
CA ASP B 212 -19.29 36.20 -5.68
C ASP B 212 -19.47 34.69 -5.88
N VAL B 213 -18.83 33.91 -5.04
CA VAL B 213 -18.83 32.47 -5.09
C VAL B 213 -19.03 31.83 -3.72
N VAL B 214 -19.81 30.78 -3.69
CA VAL B 214 -20.11 29.98 -2.54
C VAL B 214 -19.60 28.56 -2.83
N THR B 215 -19.12 27.85 -1.81
CA THR B 215 -18.65 26.47 -1.95
C THR B 215 -19.67 25.37 -1.66
N TYR B 216 -19.53 24.23 -2.31
CA TYR B 216 -20.43 23.12 -2.19
C TYR B 216 -19.69 21.83 -2.07
N GLU B 217 -20.33 20.80 -1.54
CA GLU B 217 -19.73 19.47 -1.42
C GLU B 217 -19.60 18.90 -2.80
N ARG B 218 -18.58 18.08 -3.01
CA ARG B 218 -18.36 17.52 -4.34
C ARG B 218 -19.42 16.57 -4.87
N ARG B 219 -20.13 15.94 -3.97
CA ARG B 219 -21.16 15.02 -4.33
C ARG B 219 -22.53 15.63 -4.52
N THR B 220 -22.67 16.96 -4.57
CA THR B 220 -23.96 17.61 -4.75
C THR B 220 -24.52 17.04 -6.03
N PRO B 221 -25.75 16.52 -5.98
CA PRO B 221 -26.25 15.79 -7.14
C PRO B 221 -26.73 16.68 -8.30
N ASP B 222 -27.31 17.85 -7.98
CA ASP B 222 -28.02 18.64 -8.99
C ASP B 222 -27.32 19.99 -9.16
N GLU B 223 -27.67 20.68 -10.25
CA GLU B 223 -27.21 22.03 -10.55
C GLU B 223 -27.30 22.91 -9.29
N ILE B 224 -26.24 23.70 -9.04
CA ILE B 224 -26.11 24.42 -7.77
C ILE B 224 -27.05 25.63 -7.74
N TYR B 225 -27.18 26.24 -6.56
CA TYR B 225 -28.06 27.37 -6.31
C TYR B 225 -27.35 28.70 -6.65
N HIS B 226 -28.02 29.59 -7.39
CA HIS B 226 -27.35 30.80 -7.84
C HIS B 226 -27.81 32.09 -7.10
N GLY B 227 -28.65 31.97 -6.08
CA GLY B 227 -29.27 33.10 -5.39
C GLY B 227 -30.77 33.22 -5.67
N ALA B 228 -31.47 33.98 -4.80
CA ALA B 228 -32.89 34.29 -4.93
C ALA B 228 -33.14 35.06 -6.24
N PRO B 229 -34.33 34.95 -6.88
CA PRO B 229 -34.45 35.35 -8.28
C PRO B 229 -34.16 36.82 -8.60
N ASN B 230 -34.54 37.79 -7.75
CA ASN B 230 -34.26 39.18 -8.14
C ASN B 230 -32.85 39.66 -7.76
N GLU B 231 -32.04 38.75 -7.25
CA GLU B 231 -30.80 39.09 -6.53
C GLU B 231 -29.57 38.75 -7.36
N LYS B 232 -28.40 39.21 -6.90
CA LYS B 232 -27.13 38.98 -7.55
C LYS B 232 -26.91 37.47 -7.70
N TYR B 233 -26.51 37.08 -8.92
CA TYR B 233 -26.13 35.72 -9.19
C TYR B 233 -24.79 35.40 -8.51
N VAL B 234 -24.77 34.27 -7.79
CA VAL B 234 -23.57 33.78 -7.13
C VAL B 234 -23.15 32.45 -7.76
N ALA B 235 -21.86 32.35 -8.12
CA ALA B 235 -21.33 31.14 -8.72
C ALA B 235 -21.07 30.11 -7.61
N GLY B 236 -20.63 28.90 -8.03
CA GLY B 236 -20.34 27.84 -7.09
C GLY B 236 -19.00 27.16 -7.40
N GLU B 237 -18.44 26.50 -6.38
CA GLU B 237 -17.16 25.82 -6.56
C GLU B 237 -17.15 24.58 -5.66
N ILE B 238 -16.62 23.48 -6.20
CA ILE B 238 -16.35 22.32 -5.36
C ILE B 238 -14.83 22.08 -5.30
N SER B 239 -14.41 21.29 -4.33
CA SER B 239 -13.02 21.02 -4.01
C SER B 239 -12.80 19.52 -3.86
N ILE B 240 -11.64 19.04 -4.30
CA ILE B 240 -11.31 17.65 -4.04
C ILE B 240 -9.86 17.64 -3.56
N THR B 241 -9.62 16.89 -2.48
CA THR B 241 -8.24 16.63 -2.10
C THR B 241 -7.91 15.17 -2.48
N LEU B 242 -6.62 14.86 -2.69
CA LEU B 242 -6.26 13.57 -3.27
C LEU B 242 -6.39 12.42 -2.27
N ASN B 243 -6.05 12.66 -1.00
CA ASN B 243 -6.29 11.71 0.06
C ASN B 243 -7.31 12.31 1.02
N GLN B 244 -7.14 12.11 2.33
CA GLN B 244 -8.13 12.56 3.31
C GLN B 244 -7.74 13.94 3.86
N HIS B 245 -6.53 14.45 3.55
CA HIS B 245 -6.02 15.65 4.19
C HIS B 245 -5.75 16.76 3.16
N TRP B 246 -5.75 18.02 3.59
CA TRP B 246 -5.46 19.14 2.70
C TRP B 246 -3.97 19.48 2.70
N GLY B 247 -3.37 19.66 3.88
CA GLY B 247 -1.92 19.70 3.94
C GLY B 247 -1.35 18.29 3.72
N ILE B 248 -0.05 18.19 3.48
CA ILE B 248 0.57 16.90 3.23
C ILE B 248 0.46 16.01 4.47
N ALA B 249 0.30 14.71 4.24
CA ALA B 249 0.11 13.70 5.26
C ALA B 249 0.74 12.40 4.78
N ALA B 250 1.97 12.15 5.24
CA ALA B 250 2.85 11.12 4.73
C ALA B 250 2.23 9.74 4.89
N ASN B 251 1.54 9.47 6.01
CA ASN B 251 0.98 8.14 6.21
C ASN B 251 -0.53 8.09 5.95
N ASP B 252 -1.04 9.06 5.17
CA ASP B 252 -2.38 8.91 4.63
C ASP B 252 -2.26 8.22 3.26
N LEU B 253 -2.53 6.91 3.21
CA LEU B 253 -2.44 6.11 2.01
C LEU B 253 -3.79 6.07 1.29
N ASN B 254 -4.82 6.71 1.86
CA ASN B 254 -6.16 6.56 1.33
C ASN B 254 -6.41 7.54 0.16
N TYR B 255 -5.65 7.39 -0.93
CA TYR B 255 -5.81 8.23 -2.12
C TYR B 255 -7.02 7.81 -2.94
N LYS B 256 -7.72 8.77 -3.54
CA LYS B 256 -8.81 8.49 -4.48
C LYS B 256 -8.17 8.04 -5.81
N SER B 257 -8.93 7.31 -6.64
CA SER B 257 -8.38 6.94 -7.93
C SER B 257 -8.28 8.16 -8.85
N PRO B 258 -7.29 8.19 -9.76
CA PRO B 258 -7.28 9.19 -10.83
C PRO B 258 -8.61 9.24 -11.58
N ALA B 259 -9.28 8.09 -11.72
CA ALA B 259 -10.55 8.04 -12.43
C ALA B 259 -11.60 8.87 -11.69
N GLU B 260 -11.64 8.71 -10.36
CA GLU B 260 -12.61 9.45 -9.57
C GLU B 260 -12.32 10.95 -9.69
N MET B 261 -11.04 11.32 -9.73
CA MET B 261 -10.66 12.71 -9.90
C MET B 261 -11.22 13.25 -11.22
N ILE B 262 -11.03 12.51 -12.33
CA ILE B 262 -11.57 12.93 -13.61
C ILE B 262 -13.09 13.04 -13.57
N GLU B 263 -13.76 12.06 -12.99
CA GLU B 263 -15.20 12.11 -12.88
C GLU B 263 -15.67 13.32 -12.06
N THR B 264 -14.90 13.73 -11.05
CA THR B 264 -15.33 14.83 -10.19
C THR B 264 -15.19 16.14 -10.96
N VAL B 265 -14.11 16.26 -11.74
CA VAL B 265 -13.94 17.46 -12.56
C VAL B 265 -15.12 17.56 -13.53
N ALA B 266 -15.45 16.47 -14.22
CA ALA B 266 -16.56 16.52 -15.17
C ALA B 266 -17.86 16.87 -14.44
N HIS B 267 -18.06 16.32 -13.27
CA HIS B 267 -19.25 16.53 -12.47
C HIS B 267 -19.50 17.97 -12.03
N ALA B 268 -18.44 18.69 -11.70
CA ALA B 268 -18.52 20.07 -11.31
C ALA B 268 -19.06 20.88 -12.45
N ARG B 269 -18.57 20.63 -13.64
CA ARG B 269 -19.01 21.29 -14.83
C ARG B 269 -20.49 21.00 -15.15
N HIS B 270 -20.87 19.78 -14.91
CA HIS B 270 -22.21 19.35 -15.08
C HIS B 270 -23.20 20.06 -14.14
N ILE B 271 -22.81 20.34 -12.91
CA ILE B 271 -23.72 21.00 -11.98
C ILE B 271 -23.52 22.52 -12.02
N GLY B 272 -22.64 23.01 -12.89
CA GLY B 272 -22.47 24.46 -13.05
C GLY B 272 -21.55 25.09 -11.99
N ALA B 273 -20.43 24.40 -11.67
CA ALA B 273 -19.49 24.88 -10.66
C ALA B 273 -18.08 24.79 -11.24
N ASN B 274 -17.18 25.49 -10.59
CA ASN B 274 -15.79 25.36 -10.83
C ASN B 274 -15.28 24.22 -9.89
N ILE B 275 -14.13 23.69 -10.17
CA ILE B 275 -13.53 22.67 -9.38
C ILE B 275 -12.08 23.03 -9.04
N LEU B 276 -11.69 22.81 -7.81
CA LEU B 276 -10.35 23.00 -7.35
C LEU B 276 -9.79 21.65 -6.95
N VAL B 277 -8.64 21.30 -7.47
CA VAL B 277 -7.94 20.09 -7.11
C VAL B 277 -6.79 20.49 -6.19
N ASN B 278 -6.74 19.88 -5.00
CA ASN B 278 -5.85 20.34 -3.95
C ASN B 278 -4.57 19.52 -3.94
N ILE B 279 -3.43 20.21 -3.76
CA ILE B 279 -2.18 19.53 -3.45
C ILE B 279 -1.60 20.16 -2.18
N GLY B 280 -0.97 19.34 -1.33
CA GLY B 280 -0.24 19.87 -0.17
C GLY B 280 1.26 19.82 -0.42
N LEU B 281 1.96 20.96 -0.31
CA LEU B 281 3.41 20.98 -0.55
C LEU B 281 4.15 20.33 0.62
N THR B 282 5.38 19.86 0.36
CA THR B 282 6.31 19.45 1.41
C THR B 282 6.68 20.63 2.31
N GLY B 283 7.29 20.32 3.45
CA GLY B 283 7.71 21.35 4.38
C GLY B 283 8.49 22.47 3.69
N THR B 284 9.39 22.10 2.76
CA THR B 284 10.25 23.08 2.11
C THR B 284 9.60 23.65 0.84
N GLY B 285 8.34 23.27 0.53
CA GLY B 285 7.63 23.92 -0.57
C GLY B 285 7.68 23.18 -1.91
N ALA B 286 8.08 21.91 -1.96
CA ALA B 286 8.04 21.16 -3.22
C ALA B 286 6.66 20.55 -3.46
N ILE B 287 6.31 20.36 -4.74
CA ILE B 287 5.18 19.52 -5.11
C ILE B 287 5.59 18.07 -4.87
N PRO B 288 4.89 17.31 -4.00
CA PRO B 288 5.29 15.92 -3.79
C PRO B 288 5.05 15.05 -5.03
N ALA B 289 5.83 13.97 -5.15
CA ALA B 289 5.77 13.11 -6.32
C ALA B 289 4.35 12.57 -6.55
N ALA B 290 3.64 12.19 -5.48
CA ALA B 290 2.28 11.66 -5.67
C ALA B 290 1.39 12.67 -6.37
N ALA B 291 1.48 13.95 -5.96
CA ALA B 291 0.63 14.97 -6.53
C ALA B 291 0.97 15.17 -8.01
N GLN B 292 2.27 15.09 -8.35
CA GLN B 292 2.70 15.22 -9.73
CA GLN B 292 2.71 15.22 -9.73
C GLN B 292 2.04 14.14 -10.60
N THR B 293 1.94 12.91 -10.08
CA THR B 293 1.31 11.82 -10.82
C THR B 293 -0.13 12.19 -11.17
N TYR B 294 -0.90 12.64 -10.17
CA TYR B 294 -2.30 13.00 -10.36
C TYR B 294 -2.43 14.17 -11.35
N MET B 295 -1.51 15.14 -11.24
CA MET B 295 -1.54 16.26 -12.18
C MET B 295 -1.28 15.86 -13.61
N HIS B 296 -0.32 14.95 -13.85
CA HIS B 296 -0.04 14.47 -15.19
C HIS B 296 -1.27 13.78 -15.79
N LEU B 297 -1.93 12.92 -15.00
CA LEU B 297 -3.10 12.20 -15.49
C LEU B 297 -4.22 13.19 -15.79
N LEU B 298 -4.49 14.10 -14.84
CA LEU B 298 -5.57 15.05 -15.07
C LEU B 298 -5.27 15.91 -16.30
N GLY B 299 -3.99 16.28 -16.46
CA GLY B 299 -3.55 17.11 -17.57
C GLY B 299 -3.83 16.49 -18.93
N ARG B 300 -3.69 15.17 -19.03
CA ARG B 300 -3.98 14.51 -20.29
C ARG B 300 -5.48 14.64 -20.56
N TRP B 301 -6.30 14.50 -19.51
CA TRP B 301 -7.75 14.58 -19.73
C TRP B 301 -8.16 16.02 -20.10
N THR B 302 -7.64 17.02 -19.38
CA THR B 302 -8.14 18.37 -19.60
C THR B 302 -7.65 18.88 -20.95
N ALA B 303 -6.47 18.44 -21.42
CA ALA B 303 -6.04 18.83 -22.77
C ALA B 303 -7.04 18.31 -23.81
N MET B 304 -7.49 17.05 -23.66
CA MET B 304 -8.48 16.49 -24.57
C MET B 304 -9.79 17.26 -24.45
N ALA B 305 -10.18 17.65 -23.21
CA ALA B 305 -11.51 18.23 -22.94
C ALA B 305 -11.57 19.74 -23.17
N ALA B 306 -10.43 20.36 -23.53
CA ALA B 306 -10.31 21.83 -23.68
C ALA B 306 -11.45 22.49 -24.45
N PRO B 307 -12.00 21.92 -25.56
CA PRO B 307 -13.09 22.61 -26.27
C PRO B 307 -14.33 22.84 -25.42
N VAL B 308 -14.51 22.10 -24.30
CA VAL B 308 -15.76 22.23 -23.55
C VAL B 308 -15.50 22.57 -22.08
N LEU B 309 -14.30 22.28 -21.55
CA LEU B 309 -14.09 22.36 -20.11
C LEU B 309 -14.34 23.79 -19.60
N TYR B 310 -13.94 24.82 -20.38
CA TYR B 310 -14.01 26.22 -19.97
C TYR B 310 -15.38 26.85 -20.24
N LYS B 311 -15.87 26.72 -21.48
CA LYS B 311 -17.08 27.44 -21.89
C LYS B 311 -18.34 26.59 -21.72
N GLY B 312 -18.22 25.26 -21.53
CA GLY B 312 -19.38 24.40 -21.43
C GLY B 312 -20.25 24.73 -20.21
N ARG B 313 -21.58 24.71 -20.38
CA ARG B 313 -22.49 25.05 -19.31
C ARG B 313 -23.61 24.01 -19.26
N PRO B 314 -24.22 23.80 -18.08
CA PRO B 314 -25.34 22.88 -17.97
C PRO B 314 -26.49 23.30 -18.87
N VAL B 315 -27.30 22.35 -19.28
CA VAL B 315 -28.38 22.64 -20.22
C VAL B 315 -29.47 21.63 -19.90
N PRO B 316 -30.78 21.94 -20.08
CA PRO B 316 -31.83 20.98 -19.71
C PRO B 316 -31.95 19.81 -20.69
N VAL B 317 -30.91 18.96 -20.73
CA VAL B 317 -30.89 17.79 -21.59
C VAL B 317 -30.53 16.65 -20.67
N THR B 318 -31.40 15.63 -20.58
CA THR B 318 -31.11 14.56 -19.63
C THR B 318 -30.67 13.29 -20.37
N SER B 319 -30.07 12.36 -19.64
CA SER B 319 -29.64 11.11 -20.24
C SER B 319 -30.69 10.04 -19.95
N ALA B 320 -30.71 8.98 -20.75
CA ALA B 320 -31.65 7.86 -20.57
C ALA B 320 -31.45 7.17 -19.21
N HIS B 321 -32.48 6.43 -18.80
CA HIS B 321 -32.51 5.60 -17.61
C HIS B 321 -31.24 4.74 -17.52
N GLY B 322 -30.60 4.82 -16.33
CA GLY B 322 -29.55 3.89 -15.98
C GLY B 322 -28.14 4.28 -16.46
N THR B 323 -27.97 5.51 -16.97
CA THR B 323 -26.64 5.97 -17.36
C THR B 323 -26.33 7.21 -16.54
N ARG B 324 -25.05 7.59 -16.48
CA ARG B 324 -24.62 8.78 -15.75
C ARG B 324 -24.15 9.82 -16.78
N ASP B 325 -24.49 9.62 -18.06
CA ASP B 325 -24.09 10.54 -19.13
C ASP B 325 -24.72 11.92 -18.92
N PHE B 326 -24.12 12.98 -19.47
CA PHE B 326 -24.72 14.29 -19.39
C PHE B 326 -24.24 15.14 -20.56
N VAL B 327 -24.80 16.36 -20.70
CA VAL B 327 -24.53 17.22 -21.82
C VAL B 327 -24.05 18.59 -21.33
N LEU B 328 -23.07 19.18 -22.05
CA LEU B 328 -22.65 20.54 -21.82
C LEU B 328 -22.86 21.34 -23.11
N HIS B 329 -23.25 22.62 -22.94
CA HIS B 329 -23.56 23.51 -24.05
C HIS B 329 -22.52 24.62 -24.14
N THR B 330 -22.18 24.95 -25.36
CA THR B 330 -21.39 26.09 -25.73
C THR B 330 -22.20 26.85 -26.79
N SER B 331 -21.82 28.07 -27.11
CA SER B 331 -22.58 28.81 -28.09
C SER B 331 -22.61 28.12 -29.45
N LYS B 332 -21.52 27.54 -29.89
CA LYS B 332 -21.55 26.84 -31.13
C LYS B 332 -21.81 25.34 -31.11
N HIS B 333 -21.67 24.66 -29.97
CA HIS B 333 -21.85 23.18 -29.90
C HIS B 333 -22.42 22.55 -28.64
N ASP B 334 -23.02 21.37 -28.75
CA ASP B 334 -23.29 20.58 -27.57
C ASP B 334 -22.26 19.47 -27.46
N PHE B 335 -22.00 19.01 -26.24
CA PHE B 335 -21.03 17.95 -26.00
C PHE B 335 -21.67 16.90 -25.12
N LEU B 336 -21.60 15.64 -25.57
CA LEU B 336 -22.05 14.48 -24.82
C LEU B 336 -20.85 14.00 -24.00
N CYS B 337 -21.03 13.98 -22.67
CA CYS B 337 -20.03 13.47 -21.75
C CYS B 337 -20.49 12.08 -21.33
N ILE B 338 -19.74 11.06 -21.75
CA ILE B 338 -20.23 9.70 -21.67
C ILE B 338 -19.33 8.89 -20.74
N LEU B 339 -19.95 8.23 -19.75
CA LEU B 339 -19.26 7.49 -18.69
C LEU B 339 -19.47 5.98 -18.87
N ASP B 340 -18.65 5.17 -18.17
CA ASP B 340 -18.85 3.73 -18.10
C ASP B 340 -18.64 3.10 -19.46
N LEU B 341 -17.65 3.56 -20.24
CA LEU B 341 -17.30 2.88 -21.48
C LEU B 341 -16.22 1.86 -21.21
N GLN B 342 -16.12 0.86 -22.10
CA GLN B 342 -15.03 -0.10 -22.00
C GLN B 342 -14.10 -0.04 -23.21
N VAL B 343 -12.98 -0.77 -23.12
CA VAL B 343 -12.00 -0.84 -24.17
C VAL B 343 -12.43 -1.86 -25.23
N VAL B 344 -12.11 -1.58 -26.49
CA VAL B 344 -12.42 -2.45 -27.62
C VAL B 344 -11.22 -3.35 -27.93
N GLY B 345 -11.41 -4.68 -27.87
CA GLY B 345 -10.48 -5.68 -28.40
C GLY B 345 -10.62 -5.93 -29.92
N LYS B 346 -10.46 -7.20 -30.34
CA LYS B 346 -10.51 -7.54 -31.76
C LYS B 346 -10.74 -9.05 -31.88
N ASP B 347 -11.73 -9.43 -32.72
CA ASP B 347 -12.08 -10.81 -33.03
C ASP B 347 -12.37 -11.59 -31.74
N ASN B 348 -11.51 -12.56 -31.41
CA ASN B 348 -11.68 -13.47 -30.29
C ASN B 348 -11.40 -12.77 -28.95
N VAL B 349 -10.62 -11.66 -29.01
CA VAL B 349 -10.16 -10.95 -27.82
C VAL B 349 -11.17 -9.86 -27.44
N VAL B 350 -11.93 -10.15 -26.38
CA VAL B 350 -13.12 -9.40 -26.02
C VAL B 350 -12.80 -8.64 -24.74
N LEU B 351 -12.81 -7.29 -24.79
CA LEU B 351 -12.48 -6.46 -23.64
C LEU B 351 -13.70 -5.76 -23.03
N GLY B 352 -14.85 -5.79 -23.71
CA GLY B 352 -16.11 -5.30 -23.17
C GLY B 352 -16.78 -4.22 -24.02
N GLY B 353 -16.00 -3.49 -24.84
CA GLY B 353 -16.51 -2.30 -25.50
C GLY B 353 -17.01 -2.53 -26.92
N GLU B 354 -17.01 -3.79 -27.41
CA GLU B 354 -17.15 -4.02 -28.85
C GLU B 354 -18.59 -3.97 -29.39
N GLY B 355 -19.63 -4.30 -28.59
CA GLY B 355 -20.99 -4.28 -29.13
C GLY B 355 -21.49 -2.86 -29.37
N VAL B 356 -22.48 -2.69 -30.25
CA VAL B 356 -23.17 -1.42 -30.37
C VAL B 356 -23.71 -1.00 -29.00
N ASN B 357 -23.57 0.30 -28.67
CA ASN B 357 -23.77 0.77 -27.30
C ASN B 357 -24.65 2.01 -27.36
N PRO B 358 -25.98 1.86 -27.52
CA PRO B 358 -26.86 3.02 -27.67
C PRO B 358 -27.01 3.83 -26.39
N ARG B 359 -26.60 5.11 -26.42
CA ARG B 359 -26.77 6.01 -25.31
C ARG B 359 -27.71 7.12 -25.78
N SER B 360 -28.75 7.39 -24.99
CA SER B 360 -29.80 8.32 -25.38
C SER B 360 -29.84 9.53 -24.45
N PHE B 361 -30.38 10.63 -25.03
CA PHE B 361 -30.52 11.91 -24.37
C PHE B 361 -31.86 12.48 -24.80
N VAL B 362 -32.50 13.23 -23.89
CA VAL B 362 -33.78 13.87 -24.13
C VAL B 362 -33.61 15.37 -23.94
N GLY B 363 -33.99 16.14 -24.95
CA GLY B 363 -33.93 17.59 -24.85
C GLY B 363 -33.17 18.22 -26.01
N ILE B 364 -32.70 17.42 -26.98
CA ILE B 364 -32.10 17.99 -28.17
C ILE B 364 -33.12 18.04 -29.30
N GLY B 365 -33.48 19.27 -29.71
CA GLY B 365 -34.57 19.52 -30.64
C GLY B 365 -34.11 19.91 -32.05
N GLN B 366 -32.81 20.11 -32.29
CA GLN B 366 -32.31 20.60 -33.56
C GLN B 366 -31.70 19.45 -34.37
N PRO B 367 -31.84 19.41 -35.71
CA PRO B 367 -31.19 18.36 -36.49
C PRO B 367 -29.68 18.42 -36.42
N ILE B 368 -29.01 17.27 -36.40
CA ILE B 368 -27.58 17.22 -36.18
C ILE B 368 -26.92 16.84 -37.49
N GLN B 369 -25.74 17.38 -37.73
CA GLN B 369 -24.99 17.02 -38.89
C GLN B 369 -23.93 15.96 -38.60
N ARG B 370 -23.17 16.16 -37.55
CA ARG B 370 -22.10 15.27 -37.23
C ARG B 370 -21.80 15.17 -35.75
N ILE B 371 -21.39 14.00 -35.31
CA ILE B 371 -20.99 13.77 -33.93
C ILE B 371 -19.65 13.07 -33.93
N HIS B 372 -18.68 13.51 -33.16
CA HIS B 372 -17.39 12.85 -33.17
C HIS B 372 -16.73 12.92 -31.78
N TRP B 373 -16.00 11.86 -31.43
CA TRP B 373 -15.21 11.83 -30.21
C TRP B 373 -14.07 12.84 -30.28
N LEU B 374 -13.87 13.62 -29.22
CA LEU B 374 -12.77 14.58 -29.13
C LEU B 374 -11.43 13.86 -29.13
N ASP B 375 -11.30 12.67 -28.55
CA ASP B 375 -9.97 12.08 -28.37
C ASP B 375 -9.38 11.59 -29.70
N ASN B 376 -10.21 11.16 -30.68
CA ASN B 376 -9.61 10.55 -31.86
C ASN B 376 -10.39 10.95 -33.13
N ASP B 377 -11.40 11.81 -33.02
CA ASP B 377 -12.16 12.27 -34.18
C ASP B 377 -13.01 11.19 -34.84
N GLU B 378 -13.21 10.03 -34.22
CA GLU B 378 -14.10 9.04 -34.83
C GLU B 378 -15.52 9.61 -34.90
N VAL B 379 -16.17 9.43 -36.05
CA VAL B 379 -17.54 9.88 -36.28
C VAL B 379 -18.50 8.83 -35.72
N LEU B 380 -19.52 9.27 -34.98
CA LEU B 380 -20.47 8.37 -34.34
C LEU B 380 -21.74 8.26 -35.20
N SER B 381 -22.35 7.08 -35.23
CA SER B 381 -23.68 7.05 -35.83
C SER B 381 -24.73 7.45 -34.78
N PHE B 382 -25.86 8.01 -35.24
CA PHE B 382 -26.89 8.51 -34.34
C PHE B 382 -28.25 8.50 -35.06
N THR B 383 -29.35 8.55 -34.30
CA THR B 383 -30.70 8.71 -34.79
C THR B 383 -31.36 9.78 -33.91
N GLN B 384 -32.34 10.49 -34.47
CA GLN B 384 -33.07 11.50 -33.73
C GLN B 384 -34.56 11.29 -33.89
N ASP B 385 -35.31 11.63 -32.84
CA ASP B 385 -36.73 11.92 -32.96
C ASP B 385 -36.91 13.38 -32.54
N LEU B 386 -37.06 14.27 -33.53
CA LEU B 386 -37.10 15.70 -33.28
C LEU B 386 -38.35 16.09 -32.51
N ASP B 387 -39.48 15.39 -32.71
CA ASP B 387 -40.68 15.79 -31.96
C ASP B 387 -40.51 15.55 -30.45
N LYS B 388 -39.90 14.42 -30.08
CA LYS B 388 -39.79 14.07 -28.68
C LYS B 388 -38.44 14.54 -28.13
N LYS B 389 -37.59 15.06 -29.02
CA LYS B 389 -36.30 15.63 -28.65
C LYS B 389 -35.38 14.52 -28.12
N VAL B 390 -35.39 13.38 -28.82
CA VAL B 390 -34.55 12.24 -28.46
C VAL B 390 -33.36 12.15 -29.41
N LEU B 391 -32.16 11.99 -28.84
CA LEU B 391 -30.95 11.63 -29.56
C LEU B 391 -30.42 10.31 -29.02
N THR B 392 -30.06 9.39 -29.93
CA THR B 392 -29.42 8.13 -29.56
C THR B 392 -28.14 7.99 -30.37
N VAL B 393 -26.99 7.80 -29.70
CA VAL B 393 -25.71 7.62 -30.39
C VAL B 393 -25.22 6.22 -30.07
N ASP B 394 -24.45 5.65 -31.02
CA ASP B 394 -23.70 4.45 -30.72
C ASP B 394 -22.36 4.89 -30.12
N ALA B 395 -22.24 4.80 -28.79
CA ALA B 395 -21.03 5.28 -28.12
C ALA B 395 -19.96 4.18 -28.16
N THR B 396 -19.12 4.19 -29.20
CA THR B 396 -18.14 3.14 -29.35
C THR B 396 -17.12 3.18 -28.20
N GLY B 397 -16.53 2.04 -27.89
CA GLY B 397 -15.62 1.90 -26.78
C GLY B 397 -14.24 2.45 -27.12
N TYR B 398 -13.34 2.47 -26.13
CA TYR B 398 -12.03 3.07 -26.32
C TYR B 398 -11.19 2.23 -27.27
N PRO B 399 -10.39 2.86 -28.15
CA PRO B 399 -9.33 2.12 -28.83
C PRO B 399 -8.41 1.44 -27.80
N TYR B 400 -8.03 0.20 -28.08
CA TYR B 400 -7.11 -0.51 -27.22
C TYR B 400 -5.93 0.40 -26.93
N GLY B 401 -5.50 0.38 -25.66
CA GLY B 401 -4.36 1.18 -25.28
C GLY B 401 -4.76 2.52 -24.70
N SER B 402 -6.05 2.83 -24.69
CA SER B 402 -6.42 4.10 -24.09
C SER B 402 -7.74 3.95 -23.30
N ASP B 403 -8.02 4.92 -22.41
CA ASP B 403 -9.21 4.90 -21.57
C ASP B 403 -9.32 6.27 -20.89
N TRP B 404 -10.31 7.06 -21.33
CA TRP B 404 -10.39 8.48 -20.96
C TRP B 404 -11.28 8.68 -19.72
N VAL B 405 -11.96 7.62 -19.26
CA VAL B 405 -12.81 7.66 -18.08
C VAL B 405 -14.09 8.44 -18.35
N VAL B 406 -13.99 9.73 -18.71
CA VAL B 406 -15.14 10.47 -19.22
C VAL B 406 -14.82 10.83 -20.67
N ARG B 407 -15.57 10.24 -21.62
CA ARG B 407 -15.28 10.46 -23.04
C ARG B 407 -16.24 11.53 -23.56
N ILE B 408 -15.77 12.40 -24.46
CA ILE B 408 -16.58 13.54 -24.85
C ILE B 408 -16.79 13.55 -26.36
N ALA B 409 -18.06 13.61 -26.78
CA ALA B 409 -18.42 13.69 -28.20
C ALA B 409 -18.95 15.08 -28.48
N GLN B 410 -18.40 15.71 -29.54
CA GLN B 410 -18.89 17.01 -29.97
C GLN B 410 -19.99 16.86 -31.01
N ILE B 411 -21.08 17.60 -30.78
CA ILE B 411 -22.18 17.67 -31.73
C ILE B 411 -22.04 18.92 -32.61
N ASP B 412 -22.07 18.71 -33.94
CA ASP B 412 -22.11 19.78 -34.94
C ASP B 412 -23.53 19.82 -35.52
N TYR B 413 -24.23 20.93 -35.28
CA TYR B 413 -25.59 21.10 -35.80
C TYR B 413 -25.59 21.50 -37.28
N GLU B 414 -26.67 21.12 -37.96
CA GLU B 414 -26.99 21.61 -39.30
C GLU B 414 -27.30 23.12 -39.26
N THR C 2 -38.97 20.64 26.08
CA THR C 2 -40.31 20.78 26.62
C THR C 2 -40.98 19.45 26.63
N GLU C 3 -41.72 19.19 27.68
CA GLU C 3 -42.42 17.96 27.79
C GLU C 3 -43.66 18.03 26.95
N PRO C 4 -44.07 16.92 26.36
CA PRO C 4 -45.29 16.98 25.59
C PRO C 4 -46.52 17.10 26.44
N LEU C 5 -47.55 17.67 25.86
CA LEU C 5 -48.83 17.80 26.50
C LEU C 5 -49.47 16.44 26.69
N PRO C 6 -50.26 16.29 27.72
CA PRO C 6 -50.90 14.99 27.90
C PRO C 6 -51.45 14.32 26.64
N ARG C 7 -52.15 15.09 25.79
CA ARG C 7 -52.85 14.46 24.68
C ARG C 7 -51.82 13.97 23.65
N ILE C 8 -50.66 14.64 23.60
CA ILE C 8 -49.59 14.27 22.68
C ILE C 8 -48.81 13.05 23.20
N GLN C 9 -48.58 12.98 24.53
CA GLN C 9 -48.05 11.79 25.16
C GLN C 9 -48.95 10.59 24.83
N HIS C 10 -50.27 10.80 24.93
CA HIS C 10 -51.20 9.71 24.66
C HIS C 10 -51.08 9.29 23.18
N TYR C 11 -50.89 10.29 22.30
CA TYR C 11 -50.79 10.05 20.88
C TYR C 11 -49.58 9.16 20.58
N GLU C 12 -48.41 9.50 21.15
CA GLU C 12 -47.20 8.74 20.91
C GLU C 12 -47.32 7.29 21.40
N ASP C 13 -48.20 7.06 22.38
CA ASP C 13 -48.41 5.72 22.90
C ASP C 13 -49.28 4.89 21.97
N LEU C 14 -49.97 5.55 21.03
CA LEU C 14 -50.85 4.82 20.14
C LEU C 14 -49.99 3.94 19.20
N GLY C 15 -48.86 4.48 18.74
CA GLY C 15 -47.88 3.72 17.98
C GLY C 15 -48.29 3.50 16.53
N LEU C 16 -49.37 2.72 16.34
CA LEU C 16 -49.79 2.25 15.04
C LEU C 16 -51.26 2.62 14.83
N GLY C 17 -51.54 3.21 13.67
CA GLY C 17 -52.91 3.45 13.26
C GLY C 17 -53.20 2.84 11.88
N LEU C 18 -54.48 2.64 11.62
CA LEU C 18 -54.92 2.23 10.30
C LEU C 18 -55.48 3.45 9.55
N PHE C 19 -54.97 3.67 8.33
CA PHE C 19 -55.45 4.73 7.45
C PHE C 19 -56.44 4.12 6.48
N ILE C 20 -57.61 4.75 6.28
CA ILE C 20 -58.61 4.19 5.37
C ILE C 20 -59.05 5.23 4.35
N HIS C 21 -58.83 4.92 3.06
CA HIS C 21 -59.25 5.75 1.94
C HIS C 21 -60.47 5.13 1.32
N TRP C 22 -61.56 5.92 1.34
CA TRP C 22 -62.80 5.48 0.72
C TRP C 22 -63.57 6.72 0.30
N GLY C 23 -63.97 6.76 -0.97
CA GLY C 23 -64.76 7.86 -1.50
C GLY C 23 -65.42 7.44 -2.81
N LEU C 24 -65.91 8.40 -3.59
CA LEU C 24 -66.56 8.04 -4.86
C LEU C 24 -65.53 7.38 -5.76
N TYR C 25 -64.27 7.84 -5.69
CA TYR C 25 -63.18 7.32 -6.51
C TYR C 25 -63.08 5.79 -6.39
N SER C 26 -63.45 5.24 -5.22
CA SER C 26 -63.31 3.81 -4.97
C SER C 26 -64.09 2.99 -5.99
N GLN C 27 -65.19 3.56 -6.50
CA GLN C 27 -65.98 2.81 -7.47
C GLN C 27 -65.22 2.58 -8.77
N MET C 28 -64.21 3.38 -9.10
CA MET C 28 -63.53 3.21 -10.38
C MET C 28 -62.26 2.38 -10.23
N ALA C 29 -61.69 2.32 -9.00
CA ALA C 29 -60.56 1.44 -8.70
C ALA C 29 -59.35 1.79 -9.58
N VAL C 30 -59.15 3.08 -9.81
CA VAL C 30 -57.96 3.54 -10.51
C VAL C 30 -57.35 4.70 -9.73
N GLY C 31 -57.36 4.65 -8.39
CA GLY C 31 -56.65 5.66 -7.60
C GLY C 31 -57.57 6.81 -7.16
N GLU C 32 -57.25 7.43 -6.01
CA GLU C 32 -58.12 8.46 -5.43
C GLU C 32 -58.00 9.79 -6.19
N TRP C 33 -56.90 10.00 -6.95
CA TRP C 33 -56.76 11.24 -7.70
C TRP C 33 -57.37 11.15 -9.10
N THR C 34 -58.21 10.12 -9.38
CA THR C 34 -58.61 9.84 -10.75
C THR C 34 -59.29 11.07 -11.41
N GLU C 35 -60.13 11.80 -10.66
CA GLU C 35 -60.88 12.89 -11.26
C GLU C 35 -59.95 13.93 -11.89
N LEU C 36 -58.91 14.34 -11.17
CA LEU C 36 -57.98 15.33 -11.71
C LEU C 36 -57.04 14.67 -12.71
N ILE C 37 -56.38 13.56 -12.35
CA ILE C 37 -55.27 13.08 -13.15
C ILE C 37 -55.75 12.49 -14.47
N HIS C 38 -56.93 11.87 -14.49
CA HIS C 38 -57.46 11.32 -15.73
C HIS C 38 -58.34 12.36 -16.45
N HIS C 39 -58.31 13.63 -16.01
CA HIS C 39 -58.96 14.75 -16.68
C HIS C 39 -60.44 14.44 -16.93
N ARG C 40 -61.17 13.97 -15.91
CA ARG C 40 -62.52 13.52 -16.17
C ARG C 40 -63.46 14.72 -16.21
N ASN C 41 -64.57 14.58 -16.92
CA ASN C 41 -65.67 15.52 -16.89
C ASN C 41 -66.25 15.56 -15.46
N GLN C 42 -66.23 16.75 -14.84
CA GLN C 42 -66.67 16.86 -13.46
C GLN C 42 -68.10 16.35 -13.26
N HIS C 43 -69.01 16.76 -14.16
CA HIS C 43 -70.41 16.41 -14.02
C HIS C 43 -70.56 14.90 -14.03
N ASP C 44 -69.85 14.22 -14.95
CA ASP C 44 -69.99 12.79 -15.13
C ASP C 44 -69.40 12.05 -13.94
N TYR C 45 -68.21 12.48 -13.47
CA TYR C 45 -67.58 11.89 -12.30
C TYR C 45 -68.50 12.00 -11.08
N GLU C 46 -69.10 13.19 -10.87
CA GLU C 46 -69.91 13.43 -9.68
C GLU C 46 -71.20 12.61 -9.67
N GLN C 47 -71.59 12.04 -10.83
CA GLN C 47 -72.73 11.14 -10.88
C GLN C 47 -72.50 9.86 -10.07
N LEU C 48 -71.22 9.56 -9.72
CA LEU C 48 -70.90 8.39 -8.91
C LEU C 48 -71.63 8.44 -7.56
N ILE C 49 -72.08 9.64 -7.14
CA ILE C 49 -72.90 9.73 -5.92
C ILE C 49 -74.13 8.81 -6.02
N LYS C 50 -74.66 8.62 -7.24
CA LYS C 50 -75.92 7.91 -7.40
C LYS C 50 -75.77 6.42 -7.15
N THR C 51 -74.52 5.91 -7.26
CA THR C 51 -74.29 4.49 -7.05
C THR C 51 -73.49 4.26 -5.76
N PHE C 52 -73.37 5.29 -4.91
CA PHE C 52 -72.69 5.14 -3.63
C PHE C 52 -73.67 4.56 -2.60
N THR C 53 -73.79 3.24 -2.56
CA THR C 53 -74.76 2.56 -1.69
C THR C 53 -74.17 2.26 -0.32
N ALA C 54 -72.81 2.17 -0.24
CA ALA C 54 -72.13 1.71 0.97
C ALA C 54 -72.65 0.35 1.40
N ALA C 55 -73.09 -0.48 0.45
CA ALA C 55 -73.76 -1.74 0.76
C ALA C 55 -72.86 -2.69 1.53
N GLN C 56 -71.53 -2.55 1.46
CA GLN C 56 -70.69 -3.51 2.15
C GLN C 56 -69.85 -2.84 3.22
N PHE C 57 -70.20 -1.61 3.60
CA PHE C 57 -69.44 -0.96 4.63
C PHE C 57 -69.95 -1.45 5.99
N ASP C 58 -69.05 -2.05 6.76
CA ASP C 58 -69.39 -2.45 8.12
C ASP C 58 -68.33 -1.89 9.07
N ALA C 59 -68.68 -0.80 9.77
CA ALA C 59 -67.72 -0.10 10.60
C ALA C 59 -67.23 -1.03 11.72
N LYS C 60 -68.08 -1.95 12.16
CA LYS C 60 -67.73 -2.86 13.25
C LYS C 60 -66.62 -3.80 12.77
N LYS C 61 -66.74 -4.31 11.53
CA LYS C 61 -65.71 -5.17 10.97
C LYS C 61 -64.39 -4.41 10.85
N ILE C 62 -64.46 -3.15 10.42
CA ILE C 62 -63.26 -2.36 10.25
C ILE C 62 -62.59 -2.12 11.59
N ALA C 63 -63.38 -1.76 12.61
CA ALA C 63 -62.81 -1.54 13.93
C ALA C 63 -62.18 -2.82 14.50
N HIS C 64 -62.86 -3.95 14.30
CA HIS C 64 -62.35 -5.25 14.75
C HIS C 64 -61.00 -5.54 14.08
N ALA C 65 -60.93 -5.36 12.75
CA ALA C 65 -59.71 -5.61 12.02
C ALA C 65 -58.58 -4.70 12.52
N ALA C 66 -58.88 -3.42 12.80
CA ALA C 66 -57.87 -2.52 13.34
C ALA C 66 -57.35 -3.02 14.70
N LYS C 67 -58.27 -3.48 15.56
CA LYS C 67 -57.90 -3.99 16.87
C LYS C 67 -57.00 -5.23 16.69
N ALA C 68 -57.38 -6.17 15.81
CA ALA C 68 -56.63 -7.40 15.58
C ALA C 68 -55.23 -7.10 15.07
N VAL C 69 -55.07 -6.04 14.28
CA VAL C 69 -53.77 -5.77 13.69
C VAL C 69 -52.89 -5.04 14.71
N GLY C 70 -53.45 -4.70 15.89
CA GLY C 70 -52.72 -3.95 16.91
C GLY C 70 -52.72 -2.42 16.74
N ALA C 71 -53.59 -1.89 15.86
CA ALA C 71 -53.75 -0.44 15.74
C ALA C 71 -54.52 0.11 16.94
N LYS C 72 -54.24 1.36 17.32
CA LYS C 72 -54.91 2.00 18.45
C LYS C 72 -55.76 3.18 17.99
N TYR C 73 -55.70 3.52 16.70
CA TYR C 73 -56.52 4.57 16.12
C TYR C 73 -56.73 4.30 14.64
N ILE C 74 -57.76 4.96 14.07
CA ILE C 74 -58.08 4.84 12.66
C ILE C 74 -58.29 6.25 12.11
N VAL C 75 -57.61 6.54 10.99
CA VAL C 75 -57.87 7.76 10.25
C VAL C 75 -58.71 7.42 9.03
N LEU C 76 -59.96 7.94 8.99
CA LEU C 76 -60.89 7.73 7.88
C LEU C 76 -61.00 9.01 7.04
N THR C 77 -60.92 8.86 5.71
CA THR C 77 -61.16 9.99 4.81
C THR C 77 -62.63 10.45 4.93
N THR C 78 -62.87 11.62 5.54
CA THR C 78 -64.24 12.09 5.67
C THR C 78 -64.66 12.91 4.45
N LYS C 79 -63.65 13.49 3.77
CA LYS C 79 -63.81 14.19 2.51
C LYS C 79 -62.42 14.29 1.86
N HIS C 80 -62.28 13.71 0.65
CA HIS C 80 -60.99 13.75 -0.06
C HIS C 80 -61.01 14.92 -1.06
N HIS C 81 -60.00 15.02 -1.94
CA HIS C 81 -59.96 16.10 -2.91
C HIS C 81 -61.23 16.16 -3.75
N GLU C 82 -61.81 15.02 -4.09
CA GLU C 82 -63.02 15.01 -4.92
C GLU C 82 -64.12 15.84 -4.25
N GLY C 83 -64.06 16.03 -2.92
CA GLY C 83 -64.93 16.98 -2.24
C GLY C 83 -66.27 16.38 -1.78
N PHE C 84 -66.45 15.05 -1.90
CA PHE C 84 -67.65 14.37 -1.44
C PHE C 84 -67.54 14.02 0.06
N PHE C 85 -68.60 14.30 0.83
CA PHE C 85 -68.54 14.13 2.28
C PHE C 85 -69.20 12.83 2.69
N LEU C 86 -68.52 12.07 3.56
CA LEU C 86 -69.04 10.78 4.01
C LEU C 86 -69.93 10.97 5.25
N TYR C 87 -70.28 12.21 5.57
CA TYR C 87 -71.15 12.48 6.70
C TYR C 87 -72.23 13.50 6.33
N ASP C 88 -73.19 13.69 7.25
CA ASP C 88 -74.26 14.66 7.05
C ASP C 88 -73.75 16.07 7.28
N THR C 89 -73.67 16.86 6.21
CA THR C 89 -73.11 18.21 6.36
C THR C 89 -74.17 19.21 6.83
N LYS C 90 -75.40 18.72 7.10
CA LYS C 90 -76.46 19.52 7.72
C LYS C 90 -76.72 20.81 6.95
N GLY C 91 -76.83 20.70 5.62
CA GLY C 91 -77.16 21.84 4.78
C GLY C 91 -75.96 22.52 4.13
N LEU C 92 -74.73 22.21 4.59
CA LEU C 92 -73.60 22.90 3.97
C LEU C 92 -73.44 22.52 2.49
N SER C 93 -73.75 21.27 2.12
CA SER C 93 -73.51 20.80 0.77
C SER C 93 -74.51 19.70 0.42
N ASP C 94 -74.87 19.58 -0.85
CA ASP C 94 -75.71 18.47 -1.30
C ASP C 94 -74.86 17.28 -1.74
N PHE C 95 -73.52 17.49 -1.79
CA PHE C 95 -72.63 16.45 -2.29
C PHE C 95 -72.13 15.62 -1.09
N ASP C 96 -73.06 14.92 -0.42
CA ASP C 96 -72.75 14.21 0.79
C ASP C 96 -73.55 12.92 0.82
N VAL C 97 -73.25 12.09 1.82
CA VAL C 97 -73.77 10.73 1.83
C VAL C 97 -75.28 10.73 2.06
N MET C 98 -75.83 11.80 2.68
CA MET C 98 -77.27 11.86 2.88
C MET C 98 -78.02 12.04 1.55
N HIS C 99 -77.33 12.46 0.49
CA HIS C 99 -77.93 12.60 -0.82
C HIS C 99 -77.55 11.43 -1.71
N ALA C 100 -76.98 10.38 -1.11
CA ALA C 100 -76.62 9.19 -1.87
C ALA C 100 -77.57 8.08 -1.46
N PRO C 101 -77.75 7.01 -2.28
CA PRO C 101 -78.56 5.88 -1.83
C PRO C 101 -78.18 5.34 -0.45
N ALA C 102 -76.92 5.47 -0.01
CA ALA C 102 -76.56 4.97 1.30
C ALA C 102 -77.46 5.56 2.40
N ARG C 103 -77.71 6.88 2.35
CA ARG C 103 -78.56 7.59 3.30
C ARG C 103 -78.25 7.25 4.76
N ARG C 104 -76.97 7.17 5.12
CA ARG C 104 -76.55 6.89 6.48
C ARG C 104 -75.35 7.78 6.73
N ASP C 105 -75.25 8.32 7.97
CA ASP C 105 -74.07 9.02 8.37
C ASP C 105 -72.96 8.02 8.69
N LEU C 106 -72.00 7.84 7.75
CA LEU C 106 -70.98 6.81 7.86
C LEU C 106 -69.97 7.19 8.93
N ILE C 107 -69.72 8.48 9.12
CA ILE C 107 -68.87 8.93 10.20
C ILE C 107 -69.47 8.57 11.56
N ALA C 108 -70.81 8.64 11.69
CA ALA C 108 -71.44 8.28 12.96
C ALA C 108 -71.24 6.80 13.23
N GLU C 109 -71.42 5.97 12.18
CA GLU C 109 -71.18 4.54 12.31
C GLU C 109 -69.73 4.26 12.73
N PHE C 110 -68.80 5.00 12.12
CA PHE C 110 -67.37 4.81 12.34
C PHE C 110 -66.99 5.14 13.78
N VAL C 111 -67.49 6.27 14.28
CA VAL C 111 -67.12 6.71 15.61
C VAL C 111 -67.62 5.72 16.66
N ALA C 112 -68.84 5.22 16.49
CA ALA C 112 -69.42 4.28 17.45
C ALA C 112 -68.62 2.98 17.43
N ALA C 113 -68.26 2.51 16.23
CA ALA C 113 -67.48 1.28 16.10
C ALA C 113 -66.11 1.44 16.77
N CYS C 114 -65.46 2.60 16.59
CA CYS C 114 -64.17 2.84 17.22
C CYS C 114 -64.29 2.79 18.74
N ARG C 115 -65.34 3.42 19.28
CA ARG C 115 -65.47 3.53 20.73
C ARG C 115 -65.69 2.15 21.33
N GLU C 116 -66.45 1.29 20.66
CA GLU C 116 -66.68 -0.03 21.21
C GLU C 116 -65.39 -0.84 21.26
N GLU C 117 -64.39 -0.51 20.43
CA GLU C 117 -63.15 -1.28 20.39
C GLU C 117 -62.03 -0.55 21.11
N ASP C 118 -62.36 0.56 21.78
CA ASP C 118 -61.37 1.38 22.46
C ASP C 118 -60.33 1.95 21.47
N LEU C 119 -60.75 2.31 20.26
CA LEU C 119 -59.85 2.97 19.32
C LEU C 119 -60.19 4.45 19.26
N LEU C 120 -59.17 5.31 19.06
CA LEU C 120 -59.47 6.71 18.79
C LEU C 120 -59.88 6.94 17.34
N PRO C 121 -61.04 7.59 17.06
CA PRO C 121 -61.43 7.95 15.70
C PRO C 121 -60.79 9.26 15.24
N PHE C 122 -60.13 9.23 14.07
CA PHE C 122 -59.52 10.42 13.53
C PHE C 122 -60.17 10.72 12.18
N PHE C 123 -60.31 12.01 11.87
CA PHE C 123 -60.99 12.42 10.67
C PHE C 123 -59.99 13.06 9.71
N TYR C 124 -59.80 12.42 8.54
CA TYR C 124 -58.98 13.05 7.52
C TYR C 124 -59.90 14.03 6.79
N MET C 125 -59.35 15.22 6.48
CA MET C 125 -60.09 16.21 5.75
C MET C 125 -59.17 16.84 4.70
N ALA C 126 -59.56 16.76 3.43
CA ALA C 126 -58.76 17.41 2.39
C ALA C 126 -59.04 18.92 2.35
N THR C 127 -57.99 19.74 2.36
CA THR C 127 -58.20 21.17 2.31
C THR C 127 -58.11 21.66 0.86
N TYR C 128 -57.53 20.86 -0.03
CA TYR C 128 -57.56 21.13 -1.45
C TYR C 128 -58.77 20.41 -2.03
N ASP C 129 -59.72 21.17 -2.59
CA ASP C 129 -61.05 20.66 -2.89
C ASP C 129 -61.36 20.87 -4.37
N TRP C 130 -61.78 19.83 -5.11
CA TRP C 130 -62.02 19.92 -6.55
C TRP C 130 -63.52 20.11 -6.82
N HIS C 131 -64.36 20.03 -5.76
CA HIS C 131 -65.80 20.08 -6.01
C HIS C 131 -66.33 21.52 -6.04
N THR C 132 -66.06 22.31 -4.99
CA THR C 132 -66.68 23.61 -4.85
C THR C 132 -65.92 24.63 -5.71
N PRO C 133 -66.64 25.42 -6.54
CA PRO C 133 -66.00 26.52 -7.29
C PRO C 133 -65.36 27.57 -6.39
N LEU C 134 -65.76 27.59 -5.10
CA LEU C 134 -65.17 28.55 -4.17
C LEU C 134 -63.66 28.38 -4.14
N TYR C 135 -63.16 27.15 -4.28
CA TYR C 135 -61.73 26.91 -4.08
C TYR C 135 -60.87 27.79 -4.99
N ASP C 136 -61.19 27.85 -6.30
CA ASP C 136 -60.39 28.69 -7.19
C ASP C 136 -60.95 30.10 -7.35
N ASP C 137 -62.27 30.26 -7.19
CA ASP C 137 -62.94 31.47 -7.63
C ASP C 137 -63.18 32.44 -6.48
N ASP C 138 -63.07 32.00 -5.23
CA ASP C 138 -63.33 32.85 -4.07
C ASP C 138 -62.72 32.21 -2.81
N PHE C 139 -61.38 32.26 -2.76
CA PHE C 139 -60.64 31.50 -1.77
C PHE C 139 -61.11 31.86 -0.35
N PRO C 140 -61.28 33.17 0.00
CA PRO C 140 -61.72 33.53 1.34
C PRO C 140 -63.03 32.84 1.73
N ALA C 141 -63.96 32.75 0.78
CA ALA C 141 -65.23 32.09 1.04
C ALA C 141 -65.05 30.57 1.15
N TYR C 142 -64.06 30.03 0.42
CA TYR C 142 -63.69 28.63 0.53
C TYR C 142 -63.24 28.32 1.96
N LEU C 143 -62.39 29.19 2.54
CA LEU C 143 -61.95 29.01 3.90
C LEU C 143 -63.13 28.90 4.87
N THR C 144 -64.21 29.65 4.62
CA THR C 144 -65.38 29.63 5.49
C THR C 144 -66.08 28.27 5.36
N TYR C 145 -66.16 27.77 4.11
CA TYR C 145 -66.81 26.50 3.83
C TYR C 145 -66.01 25.35 4.47
N LEU C 146 -64.68 25.39 4.29
CA LEU C 146 -63.80 24.39 4.88
C LEU C 146 -64.00 24.38 6.40
N GLN C 147 -63.95 25.57 7.00
CA GLN C 147 -64.10 25.72 8.44
C GLN C 147 -65.45 25.20 8.92
N LYS C 148 -66.51 25.48 8.17
CA LYS C 148 -67.82 25.01 8.57
C LYS C 148 -67.89 23.49 8.51
N SER C 149 -67.27 22.90 7.46
CA SER C 149 -67.30 21.45 7.31
C SER C 149 -66.56 20.78 8.47
N VAL C 150 -65.52 21.44 8.99
CA VAL C 150 -64.80 20.91 10.14
C VAL C 150 -65.61 21.11 11.43
N GLU C 151 -66.33 22.24 11.49
CA GLU C 151 -67.16 22.53 12.66
C GLU C 151 -68.24 21.45 12.84
N VAL C 152 -68.86 21.01 11.74
CA VAL C 152 -69.83 19.93 11.83
C VAL C 152 -69.19 18.69 12.50
N LEU C 153 -67.95 18.36 12.10
CA LEU C 153 -67.29 17.17 12.61
C LEU C 153 -66.99 17.37 14.09
N CYS C 154 -66.72 18.62 14.50
CA CYS C 154 -66.39 18.91 15.88
C CYS C 154 -67.61 18.95 16.80
N ARG C 155 -68.84 18.95 16.26
CA ARG C 155 -70.00 19.23 17.09
C ARG C 155 -71.03 18.10 17.08
N ASN C 156 -70.93 17.12 16.16
CA ASN C 156 -72.04 16.20 16.02
C ASN C 156 -71.68 14.75 16.34
N TYR C 157 -70.47 14.48 16.86
CA TYR C 157 -70.01 13.11 16.92
C TYR C 157 -69.39 12.76 18.27
N GLY C 158 -69.49 13.66 19.25
CA GLY C 158 -68.89 13.45 20.55
C GLY C 158 -67.39 13.76 20.50
N PRO C 159 -66.60 13.33 21.52
CA PRO C 159 -65.15 13.57 21.51
C PRO C 159 -64.45 12.90 20.33
N VAL C 160 -63.57 13.63 19.66
CA VAL C 160 -62.94 13.13 18.45
C VAL C 160 -61.47 12.92 18.78
N GLY C 161 -60.89 11.80 18.35
CA GLY C 161 -59.49 11.55 18.64
C GLY C 161 -58.59 12.61 17.99
N GLY C 162 -58.89 12.96 16.74
CA GLY C 162 -58.01 13.88 16.04
C GLY C 162 -58.50 14.17 14.62
N PHE C 163 -57.83 15.15 14.00
CA PHE C 163 -58.07 15.60 12.64
C PHE C 163 -56.74 15.47 11.92
N TRP C 164 -56.84 15.07 10.65
CA TRP C 164 -55.68 14.84 9.82
C TRP C 164 -55.90 15.69 8.56
N PHE C 165 -55.20 16.82 8.49
CA PHE C 165 -55.45 17.81 7.47
C PHE C 165 -54.43 17.65 6.35
N ASP C 166 -54.95 17.61 5.12
CA ASP C 166 -54.07 17.39 3.99
C ASP C 166 -54.39 18.38 2.88
N GLY C 167 -53.40 19.20 2.47
CA GLY C 167 -53.58 19.82 1.15
C GLY C 167 -53.26 21.33 1.09
N ASN C 168 -52.84 21.90 2.22
CA ASN C 168 -52.39 23.28 2.25
C ASN C 168 -51.21 23.49 1.29
N TRP C 169 -50.47 22.39 1.03
CA TRP C 169 -49.34 22.35 0.10
C TRP C 169 -49.75 22.77 -1.32
N ASN C 170 -51.06 22.75 -1.63
CA ASN C 170 -51.52 23.13 -2.95
C ASN C 170 -51.34 24.65 -3.18
N LYS C 171 -51.46 25.46 -2.13
CA LYS C 171 -51.21 26.91 -2.20
C LYS C 171 -50.28 27.29 -1.05
N LYS C 172 -48.96 27.11 -1.23
CA LYS C 172 -47.99 27.26 -0.15
C LYS C 172 -47.97 28.69 0.39
N ASP C 173 -48.32 29.66 -0.47
CA ASP C 173 -48.16 31.08 -0.21
C ASP C 173 -49.42 31.72 0.39
N ALA C 174 -50.58 31.06 0.29
CA ALA C 174 -51.85 31.66 0.67
C ALA C 174 -51.97 31.75 2.19
N ASP C 175 -52.83 32.67 2.65
CA ASP C 175 -53.19 32.74 4.06
C ASP C 175 -54.36 31.78 4.28
N TRP C 176 -54.12 30.71 5.04
CA TRP C 176 -55.13 29.67 5.26
C TRP C 176 -55.96 29.94 6.52
N HIS C 177 -55.63 31.01 7.26
CA HIS C 177 -56.41 31.39 8.43
C HIS C 177 -56.43 30.21 9.42
N LEU C 178 -55.24 29.69 9.70
CA LEU C 178 -55.11 28.52 10.58
C LEU C 178 -55.48 28.89 12.01
N PRO C 179 -55.10 30.09 12.55
CA PRO C 179 -55.53 30.48 13.89
C PRO C 179 -57.03 30.31 14.13
N GLU C 180 -57.82 30.69 13.11
CA GLU C 180 -59.27 30.60 13.23
C GLU C 180 -59.75 29.16 13.12
N LEU C 181 -59.21 28.40 12.15
CA LEU C 181 -59.61 27.01 11.95
C LEU C 181 -59.25 26.18 13.20
N TYR C 182 -58.00 26.22 13.59
CA TYR C 182 -57.53 25.45 14.74
C TYR C 182 -58.11 25.90 16.05
N GLY C 183 -58.32 27.20 16.19
CA GLY C 183 -58.93 27.77 17.35
C GLY C 183 -60.34 27.29 17.51
N MET C 184 -61.07 27.16 16.42
CA MET C 184 -62.40 26.63 16.47
C MET C 184 -62.36 25.18 16.94
N ILE C 185 -61.39 24.40 16.47
CA ILE C 185 -61.27 23.02 16.90
C ILE C 185 -60.96 22.93 18.39
N ARG C 186 -60.08 23.77 18.88
CA ARG C 186 -59.73 23.80 20.28
C ARG C 186 -60.93 24.17 21.16
N HIS C 187 -61.77 25.07 20.71
CA HIS C 187 -62.93 25.41 21.46
C HIS C 187 -63.93 24.27 21.61
N TYR C 188 -64.22 23.56 20.54
CA TYR C 188 -65.15 22.46 20.62
C TYR C 188 -64.54 21.11 20.96
N GLN C 189 -63.29 20.92 20.59
CA GLN C 189 -62.59 19.68 20.84
C GLN C 189 -61.23 19.98 21.38
N PRO C 190 -61.14 20.39 22.62
CA PRO C 190 -59.86 20.75 23.18
C PRO C 190 -58.84 19.63 23.22
N ASN C 191 -59.31 18.42 23.29
CA ASN C 191 -58.47 17.25 23.43
C ASN C 191 -58.10 16.58 22.09
N ALA C 192 -58.59 17.09 20.96
CA ALA C 192 -58.35 16.47 19.66
C ALA C 192 -56.89 16.65 19.26
N ILE C 193 -56.28 15.60 18.67
CA ILE C 193 -54.96 15.74 18.09
C ILE C 193 -55.12 16.40 16.71
N ILE C 194 -54.37 17.48 16.46
CA ILE C 194 -54.37 18.07 15.13
C ILE C 194 -53.10 17.67 14.39
N VAL C 195 -53.25 16.89 13.32
CA VAL C 195 -52.15 16.44 12.50
C VAL C 195 -52.12 17.20 11.21
N SER C 196 -50.96 17.60 10.77
CA SER C 196 -50.89 18.30 9.53
C SER C 196 -49.91 17.68 8.57
N ASN C 197 -50.37 17.33 7.40
CA ASN C 197 -49.58 16.75 6.36
C ASN C 197 -49.07 17.90 5.59
N THR C 198 -47.78 18.13 5.69
CA THR C 198 -47.09 19.27 5.13
C THR C 198 -47.70 20.55 5.68
N GLN C 205 -39.69 25.10 11.41
CA GLN C 205 -40.75 25.89 12.09
C GLN C 205 -42.14 25.43 11.62
N VAL C 206 -43.03 25.17 12.60
CA VAL C 206 -44.35 24.59 12.38
C VAL C 206 -45.34 25.66 11.93
N SER C 207 -46.38 25.27 11.20
CA SER C 207 -47.18 26.25 10.49
C SER C 207 -48.21 26.95 11.39
N ASP C 208 -48.44 26.43 12.61
CA ASP C 208 -49.37 27.04 13.54
C ASP C 208 -49.17 26.44 14.92
N PRO C 209 -49.18 27.25 16.01
CA PRO C 209 -48.96 26.73 17.36
C PRO C 209 -49.91 25.60 17.75
N GLU C 210 -51.09 25.53 17.13
CA GLU C 210 -52.09 24.55 17.56
C GLU C 210 -51.84 23.15 16.97
N ILE C 211 -50.96 23.03 15.96
CA ILE C 211 -50.60 21.73 15.41
C ILE C 211 -49.92 20.86 16.49
N ASP C 212 -50.32 19.59 16.57
CA ASP C 212 -49.79 18.64 17.55
C ASP C 212 -48.83 17.63 16.91
N VAL C 213 -49.08 17.23 15.67
CA VAL C 213 -48.31 16.24 14.95
C VAL C 213 -48.02 16.68 13.53
N VAL C 214 -46.83 16.44 13.06
CA VAL C 214 -46.38 16.73 11.73
C VAL C 214 -46.02 15.41 11.04
N THR C 215 -46.33 15.27 9.77
CA THR C 215 -46.00 14.09 8.99
C THR C 215 -44.60 14.10 8.37
N TYR C 216 -43.99 12.96 8.21
CA TYR C 216 -42.68 12.85 7.66
C TYR C 216 -42.60 11.78 6.61
N GLU C 217 -41.59 11.87 5.76
CA GLU C 217 -41.37 10.86 4.76
C GLU C 217 -41.00 9.60 5.48
N ARG C 218 -41.45 8.46 5.00
CA ARG C 218 -41.19 7.21 5.66
C ARG C 218 -39.75 6.76 5.74
N ARG C 219 -38.94 7.23 4.81
CA ARG C 219 -37.55 6.91 4.78
C ARG C 219 -36.66 7.81 5.56
N THR C 220 -37.21 8.72 6.36
CA THR C 220 -36.42 9.64 7.14
C THR C 220 -35.42 8.85 7.97
N PRO C 221 -34.13 9.19 7.84
CA PRO C 221 -33.12 8.32 8.46
C PRO C 221 -33.00 8.48 9.99
N ASP C 222 -33.19 9.71 10.50
CA ASP C 222 -32.85 10.03 11.88
C ASP C 222 -34.09 10.40 12.67
N GLU C 223 -33.97 10.34 14.01
CA GLU C 223 -34.97 10.78 14.95
C GLU C 223 -35.56 12.14 14.53
N ILE C 224 -36.90 12.28 14.58
CA ILE C 224 -37.58 13.41 13.98
C ILE C 224 -37.43 14.65 14.88
N TYR C 225 -37.83 15.81 14.33
CA TYR C 225 -37.76 17.10 14.99
C TYR C 225 -38.99 17.36 15.87
N HIS C 226 -38.78 17.80 17.12
CA HIS C 226 -39.90 17.96 18.04
C HIS C 226 -40.30 19.41 18.34
N GLY C 227 -39.71 20.39 17.64
CA GLY C 227 -39.93 21.82 17.92
C GLY C 227 -38.70 22.49 18.56
N ALA C 228 -38.64 23.84 18.47
CA ALA C 228 -37.56 24.64 19.07
C ALA C 228 -37.60 24.48 20.59
N PRO C 229 -36.46 24.58 21.33
CA PRO C 229 -36.51 24.55 22.79
C PRO C 229 -37.25 25.75 23.39
N ASN C 230 -38.00 25.52 24.48
CA ASN C 230 -38.90 26.51 25.04
C ASN C 230 -40.22 26.60 24.27
N GLU C 231 -40.38 25.86 23.15
CA GLU C 231 -41.64 25.86 22.42
C GLU C 231 -42.41 24.56 22.65
N LYS C 232 -43.64 24.52 22.12
CA LYS C 232 -44.49 23.34 22.25
C LYS C 232 -43.81 22.15 21.57
N TYR C 233 -43.79 21.00 22.26
CA TYR C 233 -43.35 19.75 21.65
C TYR C 233 -44.38 19.26 20.62
N VAL C 234 -43.92 18.95 19.41
CA VAL C 234 -44.77 18.41 18.35
C VAL C 234 -44.31 16.99 18.02
N ALA C 235 -45.27 16.05 17.97
CA ALA C 235 -44.98 14.67 17.63
C ALA C 235 -44.82 14.52 16.11
N GLY C 236 -44.51 13.27 15.65
CA GLY C 236 -44.34 12.99 14.23
C GLY C 236 -45.06 11.71 13.80
N GLU C 237 -45.35 11.56 12.51
CA GLU C 237 -46.05 10.39 12.01
C GLU C 237 -45.58 10.08 10.58
N ILE C 238 -45.39 8.80 10.25
CA ILE C 238 -45.15 8.42 8.87
C ILE C 238 -46.29 7.51 8.41
N SER C 239 -46.39 7.31 7.08
CA SER C 239 -47.47 6.62 6.43
C SER C 239 -46.91 5.63 5.41
N ILE C 240 -47.57 4.47 5.25
CA ILE C 240 -47.19 3.59 4.17
C ILE C 240 -48.47 3.09 3.53
N THR C 241 -48.51 3.09 2.19
CA THR C 241 -49.58 2.41 1.49
C THR C 241 -49.03 1.10 0.90
N LEU C 242 -49.90 0.13 0.64
CA LEU C 242 -49.46 -1.23 0.29
C LEU C 242 -48.91 -1.30 -1.14
N ASN C 243 -49.54 -0.59 -2.08
CA ASN C 243 -49.03 -0.49 -3.43
C ASN C 243 -48.65 0.97 -3.67
N GLN C 244 -48.91 1.50 -4.87
CA GLN C 244 -48.50 2.85 -5.21
C GLN C 244 -49.62 3.86 -4.94
N HIS C 245 -50.84 3.37 -4.64
CA HIS C 245 -52.01 4.25 -4.55
C HIS C 245 -52.62 4.17 -3.14
N TRP C 246 -53.35 5.22 -2.75
CA TRP C 246 -54.01 5.28 -1.46
C TRP C 246 -55.43 4.75 -1.57
N GLY C 247 -56.22 5.23 -2.54
CA GLY C 247 -57.49 4.60 -2.85
C GLY C 247 -57.20 3.27 -3.58
N ILE C 248 -58.19 2.37 -3.65
CA ILE C 248 -58.03 1.10 -4.31
C ILE C 248 -57.69 1.32 -5.79
N ALA C 249 -56.84 0.42 -6.32
CA ALA C 249 -56.35 0.48 -7.70
C ALA C 249 -56.10 -0.96 -8.15
N ALA C 250 -57.09 -1.49 -8.88
CA ALA C 250 -57.21 -2.90 -9.17
C ALA C 250 -56.01 -3.41 -9.97
N ASN C 251 -55.47 -2.62 -10.90
CA ASN C 251 -54.35 -3.06 -11.71
C ASN C 251 -53.03 -2.44 -11.27
N ASP C 252 -52.96 -2.03 -9.99
CA ASP C 252 -51.68 -1.70 -9.39
C ASP C 252 -51.18 -2.97 -8.70
N LEU C 253 -50.25 -3.69 -9.36
CA LEU C 253 -49.72 -4.96 -8.85
C LEU C 253 -48.44 -4.69 -8.07
N ASN C 254 -48.01 -3.42 -8.01
CA ASN C 254 -46.70 -3.12 -7.45
C ASN C 254 -46.78 -3.02 -5.91
N TYR C 255 -47.16 -4.11 -5.24
CA TYR C 255 -47.27 -4.17 -3.78
C TYR C 255 -45.88 -4.30 -3.17
N LYS C 256 -45.68 -3.66 -2.01
CA LYS C 256 -44.47 -3.83 -1.22
C LYS C 256 -44.52 -5.19 -0.55
N SER C 257 -43.37 -5.72 -0.14
CA SER C 257 -43.40 -6.99 0.58
C SER C 257 -43.95 -6.77 1.99
N PRO C 258 -44.63 -7.78 2.56
CA PRO C 258 -44.97 -7.75 4.00
C PRO C 258 -43.74 -7.47 4.86
N ALA C 259 -42.55 -7.93 4.43
CA ALA C 259 -41.33 -7.67 5.20
C ALA C 259 -41.04 -6.17 5.26
N GLU C 260 -41.18 -5.48 4.13
CA GLU C 260 -40.93 -4.05 4.08
C GLU C 260 -41.94 -3.33 4.98
N MET C 261 -43.18 -3.80 4.99
CA MET C 261 -44.20 -3.25 5.87
C MET C 261 -43.76 -3.36 7.34
N ILE C 262 -43.30 -4.56 7.75
CA ILE C 262 -42.86 -4.75 9.12
C ILE C 262 -41.67 -3.85 9.43
N GLU C 263 -40.69 -3.79 8.51
CA GLU C 263 -39.53 -2.94 8.74
C GLU C 263 -39.94 -1.47 8.88
N THR C 264 -41.00 -1.03 8.18
CA THR C 264 -41.37 0.37 8.21
C THR C 264 -42.03 0.69 9.55
N VAL C 265 -42.86 -0.24 10.04
CA VAL C 265 -43.46 -0.05 11.36
C VAL C 265 -42.35 0.06 12.41
N ALA C 266 -41.37 -0.86 12.39
CA ALA C 266 -40.30 -0.81 13.37
C ALA C 266 -39.53 0.51 13.23
N HIS C 267 -39.31 0.91 12.00
CA HIS C 267 -38.58 2.11 11.70
C HIS C 267 -39.21 3.38 12.22
N ALA C 268 -40.53 3.48 12.23
CA ALA C 268 -41.19 4.64 12.71
C ALA C 268 -40.88 4.85 14.18
N ARG C 269 -40.92 3.77 14.93
CA ARG C 269 -40.64 3.78 16.35
C ARG C 269 -39.22 4.16 16.63
N HIS C 270 -38.32 3.68 15.81
CA HIS C 270 -36.95 3.98 15.93
C HIS C 270 -36.68 5.47 15.76
N ILE C 271 -37.42 6.15 14.91
CA ILE C 271 -37.17 7.58 14.73
C ILE C 271 -38.11 8.40 15.60
N GLY C 272 -38.95 7.77 16.40
CA GLY C 272 -39.80 8.50 17.35
C GLY C 272 -41.10 9.02 16.71
N ALA C 273 -41.73 8.20 15.87
CA ALA C 273 -42.94 8.60 15.15
C ALA C 273 -43.99 7.50 15.29
N ASN C 274 -45.26 7.87 15.09
CA ASN C 274 -46.28 6.87 14.86
C ASN C 274 -46.22 6.43 13.40
N ILE C 275 -46.95 5.36 13.07
CA ILE C 275 -47.01 4.89 11.69
C ILE C 275 -48.49 4.60 11.39
N LEU C 276 -48.93 5.06 10.20
CA LEU C 276 -50.22 4.67 9.65
C LEU C 276 -49.97 3.67 8.52
N VAL C 277 -50.72 2.56 8.53
CA VAL C 277 -50.72 1.63 7.42
C VAL C 277 -52.05 1.81 6.71
N ASN C 278 -52.00 2.10 5.41
CA ASN C 278 -53.16 2.49 4.65
C ASN C 278 -53.81 1.32 3.95
N ILE C 279 -55.16 1.28 3.97
CA ILE C 279 -55.91 0.39 3.09
C ILE C 279 -56.94 1.22 2.33
N GLY C 280 -57.18 0.85 1.06
CA GLY C 280 -58.25 1.48 0.27
C GLY C 280 -59.45 0.56 0.17
N LEU C 281 -60.65 1.01 0.60
CA LEU C 281 -61.84 0.16 0.54
C LEU C 281 -62.32 0.05 -0.90
N THR C 282 -63.10 -1.03 -1.18
CA THR C 282 -63.83 -1.17 -2.45
C THR C 282 -64.88 -0.08 -2.57
N GLY C 283 -65.45 0.05 -3.78
CA GLY C 283 -66.51 1.04 -4.04
C GLY C 283 -67.59 1.00 -2.96
N THR C 284 -68.01 -0.22 -2.59
CA THR C 284 -69.11 -0.40 -1.65
C THR C 284 -68.63 -0.44 -0.21
N GLY C 285 -67.33 -0.23 0.05
CA GLY C 285 -66.89 -0.08 1.44
C GLY C 285 -66.33 -1.34 2.10
N ALA C 286 -65.99 -2.39 1.34
CA ALA C 286 -65.37 -3.58 1.92
C ALA C 286 -63.84 -3.40 2.01
N ILE C 287 -63.23 -4.09 2.99
CA ILE C 287 -61.79 -4.28 3.01
C ILE C 287 -61.45 -5.30 1.92
N PRO C 288 -60.60 -4.96 0.93
CA PRO C 288 -60.23 -5.95 -0.08
C PRO C 288 -59.41 -7.10 0.50
N ALA C 289 -59.49 -8.27 -0.14
CA ALA C 289 -58.79 -9.47 0.30
C ALA C 289 -57.29 -9.23 0.42
N ALA C 290 -56.69 -8.51 -0.54
CA ALA C 290 -55.24 -8.27 -0.47
C ALA C 290 -54.86 -7.56 0.82
N ALA C 291 -55.67 -6.56 1.20
CA ALA C 291 -55.36 -5.79 2.40
C ALA C 291 -55.47 -6.69 3.63
N GLN C 292 -56.47 -7.60 3.64
CA GLN C 292 -56.64 -8.53 4.74
C GLN C 292 -55.38 -9.39 4.94
N THR C 293 -54.76 -9.84 3.83
CA THR C 293 -53.53 -10.64 3.94
C THR C 293 -52.45 -9.84 4.67
N TYR C 294 -52.23 -8.58 4.27
CA TYR C 294 -51.21 -7.74 4.89
C TYR C 294 -51.54 -7.48 6.36
N MET C 295 -52.83 -7.28 6.66
CA MET C 295 -53.22 -7.07 8.05
C MET C 295 -52.98 -8.28 8.94
N HIS C 296 -53.27 -9.49 8.43
CA HIS C 296 -53.01 -10.71 9.19
C HIS C 296 -51.51 -10.86 9.50
N LEU C 297 -50.66 -10.62 8.51
CA LEU C 297 -49.23 -10.74 8.71
C LEU C 297 -48.75 -9.68 9.70
N LEU C 298 -49.16 -8.42 9.51
CA LEU C 298 -48.71 -7.38 10.42
C LEU C 298 -49.19 -7.71 11.85
N GLY C 299 -50.42 -8.24 11.95
CA GLY C 299 -51.03 -8.56 13.25
C GLY C 299 -50.20 -9.60 14.03
N ARG C 300 -49.61 -10.56 13.32
CA ARG C 300 -48.77 -11.54 14.01
C ARG C 300 -47.54 -10.83 14.56
N TRP C 301 -46.98 -9.89 13.80
CA TRP C 301 -45.79 -9.19 14.28
C TRP C 301 -46.13 -8.28 15.46
N THR C 302 -47.24 -7.52 15.37
CA THR C 302 -47.49 -6.52 16.41
C THR C 302 -47.88 -7.23 17.70
N ALA C 303 -48.56 -8.39 17.62
CA ALA C 303 -48.85 -9.15 18.83
C ALA C 303 -47.55 -9.55 19.54
N MET C 304 -46.55 -10.02 18.78
CA MET C 304 -45.27 -10.39 19.35
C MET C 304 -44.60 -9.14 19.95
N ALA C 305 -44.71 -7.99 19.26
CA ALA C 305 -43.96 -6.79 19.62
C ALA C 305 -44.65 -5.93 20.68
N ALA C 306 -45.86 -6.34 21.12
CA ALA C 306 -46.69 -5.58 22.05
C ALA C 306 -45.92 -4.99 23.26
N PRO C 307 -44.96 -5.70 23.90
CA PRO C 307 -44.28 -5.10 25.05
C PRO C 307 -43.52 -3.83 24.74
N VAL C 308 -43.20 -3.56 23.46
CA VAL C 308 -42.36 -2.40 23.16
C VAL C 308 -43.03 -1.46 22.13
N LEU C 309 -43.97 -1.98 21.33
CA LEU C 309 -44.49 -1.21 20.21
C LEU C 309 -45.11 0.12 20.68
N TYR C 310 -45.83 0.12 21.83
CA TYR C 310 -46.58 1.28 22.30
C TYR C 310 -45.71 2.23 23.14
N LYS C 311 -44.99 1.68 24.14
CA LYS C 311 -44.26 2.52 25.09
C LYS C 311 -42.81 2.76 24.69
N GLY C 312 -42.27 1.98 23.75
CA GLY C 312 -40.85 2.09 23.41
C GLY C 312 -40.52 3.45 22.78
N ARG C 313 -39.37 4.01 23.15
CA ARG C 313 -38.96 5.32 22.67
C ARG C 313 -37.51 5.25 22.23
N PRO C 314 -37.09 6.10 21.27
CA PRO C 314 -35.69 6.13 20.85
C PRO C 314 -34.80 6.49 22.02
N VAL C 315 -33.54 6.08 21.96
CA VAL C 315 -32.62 6.31 23.06
C VAL C 315 -31.24 6.40 22.41
N PRO C 316 -30.28 7.18 22.93
CA PRO C 316 -28.98 7.32 22.24
C PRO C 316 -28.08 6.08 22.40
N VAL C 317 -28.50 4.97 21.79
CA VAL C 317 -27.75 3.73 21.81
C VAL C 317 -27.64 3.32 20.36
N THR C 318 -26.42 3.21 19.85
CA THR C 318 -26.28 2.94 18.43
C THR C 318 -25.82 1.49 18.21
N SER C 319 -25.94 1.03 16.97
CA SER C 319 -25.56 -0.33 16.67
C SER C 319 -24.17 -0.32 16.03
N ALA C 320 -23.48 -1.46 16.03
CA ALA C 320 -22.18 -1.61 15.41
C ALA C 320 -22.23 -1.34 13.91
N HIS C 321 -21.06 -1.02 13.34
CA HIS C 321 -20.81 -0.89 11.92
C HIS C 321 -21.44 -2.03 11.13
N GLY C 322 -22.21 -1.66 10.10
CA GLY C 322 -22.68 -2.59 9.10
C GLY C 322 -24.01 -3.27 9.45
N THR C 323 -24.70 -2.86 10.52
CA THR C 323 -25.97 -3.48 10.86
C THR C 323 -27.03 -2.40 10.85
N ARG C 324 -28.30 -2.80 10.80
CA ARG C 324 -29.42 -1.86 10.84
C ARG C 324 -30.13 -2.00 12.18
N ASP C 325 -29.51 -2.68 13.16
CA ASP C 325 -30.16 -2.95 14.43
C ASP C 325 -30.37 -1.62 15.20
N PHE C 326 -31.32 -1.59 16.14
CA PHE C 326 -31.51 -0.38 16.94
C PHE C 326 -32.13 -0.77 18.28
N VAL C 327 -32.25 0.24 19.18
CA VAL C 327 -32.73 -0.01 20.54
C VAL C 327 -33.94 0.88 20.86
N LEU C 328 -34.91 0.33 21.59
CA LEU C 328 -36.05 1.09 22.11
C LEU C 328 -36.07 0.97 23.64
N HIS C 329 -36.44 2.06 24.30
CA HIS C 329 -36.42 2.18 25.76
C HIS C 329 -37.86 2.29 26.28
N THR C 330 -38.21 1.49 27.29
CA THR C 330 -39.36 1.76 28.12
C THR C 330 -38.83 2.01 29.53
N SER C 331 -39.69 2.35 30.50
CA SER C 331 -39.10 2.71 31.79
C SER C 331 -38.53 1.49 32.51
N LYS C 332 -39.02 0.28 32.20
CA LYS C 332 -38.55 -0.94 32.84
C LYS C 332 -37.50 -1.73 32.04
N HIS C 333 -37.43 -1.56 30.71
CA HIS C 333 -36.57 -2.41 29.90
C HIS C 333 -36.02 -1.67 28.69
N ASP C 334 -34.89 -2.16 28.17
CA ASP C 334 -34.49 -1.84 26.82
C ASP C 334 -34.80 -3.03 25.91
N PHE C 335 -34.99 -2.75 24.62
CA PHE C 335 -35.30 -3.79 23.65
C PHE C 335 -34.37 -3.61 22.45
N LEU C 336 -33.69 -4.71 22.08
CA LEU C 336 -32.87 -4.79 20.90
C LEU C 336 -33.77 -5.24 19.75
N CYS C 337 -33.83 -4.41 18.70
CA CYS C 337 -34.58 -4.71 17.50
C CYS C 337 -33.56 -5.09 16.44
N ILE C 338 -33.58 -6.37 16.06
CA ILE C 338 -32.48 -6.92 15.30
C ILE C 338 -32.99 -7.37 13.92
N LEU C 339 -32.31 -6.89 12.87
CA LEU C 339 -32.69 -7.10 11.48
C LEU C 339 -31.69 -8.06 10.79
N ASP C 340 -32.09 -8.58 9.61
CA ASP C 340 -31.19 -9.36 8.76
C ASP C 340 -30.78 -10.64 9.46
N LEU C 341 -31.70 -11.30 10.18
CA LEU C 341 -31.43 -12.61 10.72
C LEU C 341 -31.83 -13.67 9.70
N GLN C 342 -31.19 -14.85 9.83
CA GLN C 342 -31.60 -15.96 8.99
C GLN C 342 -32.18 -17.10 9.81
N VAL C 343 -32.76 -18.07 9.10
CA VAL C 343 -33.33 -19.25 9.73
C VAL C 343 -32.22 -20.27 10.02
N VAL C 344 -32.38 -20.99 11.15
CA VAL C 344 -31.43 -22.01 11.57
C VAL C 344 -31.88 -23.40 11.06
N GLY C 345 -31.04 -24.08 10.27
CA GLY C 345 -31.18 -25.49 9.89
C GLY C 345 -30.60 -26.45 10.95
N LYS C 346 -29.92 -27.52 10.51
CA LYS C 346 -29.46 -28.56 11.41
C LYS C 346 -28.48 -29.45 10.65
N ASP C 347 -27.31 -29.71 11.26
CA ASP C 347 -26.26 -30.58 10.75
C ASP C 347 -25.84 -30.13 9.34
N ASN C 348 -26.12 -30.97 8.34
CA ASN C 348 -25.70 -30.74 6.97
C ASN C 348 -26.61 -29.73 6.27
N VAL C 349 -27.80 -29.46 6.84
CA VAL C 349 -28.77 -28.54 6.24
C VAL C 349 -28.54 -27.12 6.78
N VAL C 350 -27.93 -26.29 5.92
CA VAL C 350 -27.46 -24.96 6.29
C VAL C 350 -28.40 -23.92 5.67
N LEU C 351 -29.08 -23.14 6.51
CA LEU C 351 -30.02 -22.12 6.05
C LEU C 351 -29.48 -20.69 6.23
N GLY C 352 -28.37 -20.52 6.97
CA GLY C 352 -27.68 -19.24 7.10
C GLY C 352 -27.56 -18.73 8.54
N GLY C 353 -28.46 -19.18 9.45
CA GLY C 353 -28.55 -18.59 10.77
C GLY C 353 -27.76 -19.33 11.86
N GLU C 354 -27.01 -20.40 11.50
CA GLU C 354 -26.54 -21.32 12.53
C GLU C 354 -25.26 -20.89 13.27
N GLY C 355 -24.35 -20.11 12.64
CA GLY C 355 -23.13 -19.75 13.37
C GLY C 355 -23.43 -18.72 14.47
N VAL C 356 -22.56 -18.60 15.46
CA VAL C 356 -22.66 -17.49 16.40
C VAL C 356 -22.68 -16.16 15.62
N ASN C 357 -23.54 -15.23 16.06
CA ASN C 357 -23.83 -14.03 15.29
C ASN C 357 -23.72 -12.81 16.23
N PRO C 358 -22.49 -12.32 16.51
CA PRO C 358 -22.34 -11.21 17.44
C PRO C 358 -22.88 -9.89 16.93
N ARG C 359 -23.88 -9.32 17.60
CA ARG C 359 -24.42 -8.02 17.28
C ARG C 359 -24.14 -7.08 18.45
N SER C 360 -23.53 -5.93 18.16
CA SER C 360 -23.08 -5.01 19.19
C SER C 360 -23.84 -3.68 19.15
N PHE C 361 -23.84 -3.04 20.33
CA PHE C 361 -24.50 -1.77 20.57
C PHE C 361 -23.58 -0.97 21.47
N VAL C 362 -23.61 0.35 21.33
CA VAL C 362 -22.81 1.29 22.10
C VAL C 362 -23.76 2.27 22.78
N GLY C 363 -23.65 2.39 24.10
CA GLY C 363 -24.49 3.31 24.85
C GLY C 363 -25.23 2.64 26.00
N ILE C 364 -25.01 1.34 26.23
CA ILE C 364 -25.60 0.67 27.38
C ILE C 364 -24.57 0.57 28.51
N GLY C 365 -24.81 1.29 29.61
CA GLY C 365 -23.84 1.47 30.67
C GLY C 365 -24.14 0.67 31.95
N GLN C 366 -25.30 0.01 32.03
CA GLN C 366 -25.74 -0.65 33.24
C GLN C 366 -25.55 -2.17 33.09
N PRO C 367 -25.16 -2.89 34.16
CA PRO C 367 -25.04 -4.35 34.08
C PRO C 367 -26.38 -5.04 33.80
N ILE C 368 -26.33 -6.10 32.99
CA ILE C 368 -27.55 -6.74 32.53
C ILE C 368 -27.69 -8.08 33.25
N GLN C 369 -28.93 -8.42 33.62
CA GLN C 369 -29.15 -9.73 34.21
C GLN C 369 -29.50 -10.78 33.15
N ARG C 370 -30.39 -10.45 32.21
CA ARG C 370 -30.85 -11.46 31.25
C ARG C 370 -31.33 -10.76 29.97
N ILE C 371 -31.17 -11.44 28.84
CA ILE C 371 -31.72 -10.99 27.56
C ILE C 371 -32.48 -12.17 26.95
N HIS C 372 -33.68 -11.93 26.41
CA HIS C 372 -34.42 -13.02 25.78
C HIS C 372 -35.24 -12.50 24.59
N TRP C 373 -35.35 -13.35 23.56
CA TRP C 373 -36.22 -13.08 22.42
C TRP C 373 -37.69 -13.08 22.87
N LEU C 374 -38.46 -12.06 22.44
CA LEU C 374 -39.89 -12.00 22.73
C LEU C 374 -40.64 -13.13 22.05
N ASP C 375 -40.21 -13.62 20.88
CA ASP C 375 -41.04 -14.57 20.15
C ASP C 375 -41.03 -15.95 20.82
N ASN C 376 -39.96 -16.36 21.51
CA ASN C 376 -39.92 -17.74 21.99
C ASN C 376 -39.25 -17.83 23.36
N ASP C 377 -38.86 -16.70 23.96
CA ASP C 377 -38.27 -16.68 25.29
C ASP C 377 -36.87 -17.32 25.37
N GLU C 378 -36.23 -17.62 24.25
CA GLU C 378 -34.85 -18.10 24.33
C GLU C 378 -33.95 -17.03 24.96
N VAL C 379 -33.11 -17.47 25.91
CA VAL C 379 -32.15 -16.60 26.59
C VAL C 379 -30.91 -16.45 25.72
N LEU C 380 -30.42 -15.21 25.57
CA LEU C 380 -29.27 -14.93 24.71
C LEU C 380 -28.01 -14.83 25.55
N SER C 381 -26.88 -15.30 25.03
CA SER C 381 -25.65 -14.97 25.73
C SER C 381 -25.17 -13.58 25.30
N PHE C 382 -24.40 -12.91 26.16
CA PHE C 382 -23.95 -11.56 25.92
C PHE C 382 -22.67 -11.29 26.72
N THR C 383 -21.92 -10.24 26.34
CA THR C 383 -20.80 -9.71 27.11
C THR C 383 -20.97 -8.20 27.14
N GLN C 384 -20.41 -7.56 28.16
CA GLN C 384 -20.47 -6.12 28.28
C GLN C 384 -19.08 -5.57 28.57
N ASP C 385 -18.83 -4.35 28.08
CA ASP C 385 -17.74 -3.52 28.57
C ASP C 385 -18.41 -2.25 29.09
N LEU C 386 -18.53 -2.17 30.43
CA LEU C 386 -19.31 -1.10 31.04
C LEU C 386 -18.62 0.24 30.87
N ASP C 387 -17.28 0.29 30.83
CA ASP C 387 -16.62 1.57 30.66
C ASP C 387 -16.91 2.20 29.31
N LYS C 388 -16.91 1.37 28.25
CA LYS C 388 -17.09 1.91 26.91
C LYS C 388 -18.56 1.83 26.51
N LYS C 389 -19.37 1.19 27.36
CA LYS C 389 -20.79 1.09 27.14
C LYS C 389 -21.10 0.21 25.94
N VAL C 390 -20.38 -0.91 25.83
CA VAL C 390 -20.55 -1.84 24.73
C VAL C 390 -21.32 -3.07 25.23
N LEU C 391 -22.36 -3.45 24.48
CA LEU C 391 -23.05 -4.72 24.64
C LEU C 391 -22.92 -5.52 23.35
N THR C 392 -22.56 -6.81 23.48
CA THR C 392 -22.53 -7.72 22.34
C THR C 392 -23.37 -8.94 22.69
N VAL C 393 -24.36 -9.27 21.85
CA VAL C 393 -25.19 -10.45 22.05
C VAL C 393 -24.93 -11.43 20.91
N ASP C 394 -25.11 -12.72 21.21
CA ASP C 394 -25.18 -13.69 20.13
C ASP C 394 -26.64 -13.77 19.68
N ALA C 395 -26.94 -13.10 18.54
CA ALA C 395 -28.32 -13.02 18.09
C ALA C 395 -28.64 -14.29 17.29
N THR C 396 -29.17 -15.31 17.96
CA THR C 396 -29.43 -16.59 17.30
C THR C 396 -30.47 -16.40 16.20
N GLY C 397 -30.39 -17.25 15.17
CA GLY C 397 -31.26 -17.14 14.03
C GLY C 397 -32.65 -17.70 14.38
N TYR C 398 -33.60 -17.57 13.44
CA TYR C 398 -34.95 -18.00 13.71
C TYR C 398 -35.00 -19.53 13.80
N PRO C 399 -35.84 -20.07 14.73
CA PRO C 399 -36.20 -21.48 14.64
C PRO C 399 -36.80 -21.79 13.26
N TYR C 400 -36.40 -22.93 12.69
CA TYR C 400 -36.95 -23.35 11.43
C TYR C 400 -38.47 -23.26 11.51
N GLY C 401 -39.09 -22.77 10.42
CA GLY C 401 -40.53 -22.66 10.39
C GLY C 401 -41.01 -21.26 10.79
N SER C 402 -40.07 -20.37 11.14
CA SER C 402 -40.55 -19.04 11.47
C SER C 402 -39.55 -17.99 10.99
N ASP C 403 -39.98 -16.73 10.90
CA ASP C 403 -39.16 -15.62 10.43
C ASP C 403 -39.94 -14.32 10.70
N TRP C 404 -39.46 -13.54 11.69
CA TRP C 404 -40.20 -12.39 12.20
C TRP C 404 -39.80 -11.10 11.50
N VAL C 405 -38.77 -11.14 10.63
CA VAL C 405 -38.29 -9.98 9.89
C VAL C 405 -37.56 -9.00 10.80
N VAL C 406 -38.25 -8.45 11.81
CA VAL C 406 -37.58 -7.68 12.86
C VAL C 406 -37.76 -8.47 14.15
N ARG C 407 -36.66 -8.98 14.71
CA ARG C 407 -36.76 -9.79 15.93
C ARG C 407 -36.42 -8.91 17.12
N ILE C 408 -37.10 -9.13 18.26
CA ILE C 408 -36.96 -8.22 19.39
C ILE C 408 -36.51 -8.99 20.63
N ALA C 409 -35.41 -8.52 21.23
CA ALA C 409 -34.89 -9.10 22.46
C ALA C 409 -35.13 -8.10 23.59
N GLN C 410 -35.70 -8.58 24.70
CA GLN C 410 -35.90 -7.76 25.88
C GLN C 410 -34.70 -7.90 26.83
N ILE C 411 -34.20 -6.76 27.27
CA ILE C 411 -33.14 -6.68 28.26
C ILE C 411 -33.74 -6.47 29.65
N ASP C 412 -33.38 -7.34 30.60
CA ASP C 412 -33.70 -7.21 32.03
C ASP C 412 -32.43 -6.78 32.76
N TYR C 413 -32.45 -5.58 33.34
CA TYR C 413 -31.32 -5.06 34.10
C TYR C 413 -31.26 -5.65 35.51
N GLU C 414 -30.04 -5.73 36.03
CA GLU C 414 -29.78 -6.03 37.43
C GLU C 414 -30.36 -4.94 38.35
N THR D 2 -29.51 -29.47 -31.04
CA THR D 2 -30.61 -30.37 -31.47
C THR D 2 -31.93 -29.66 -31.25
N GLU D 3 -32.99 -30.19 -31.86
CA GLU D 3 -34.35 -29.71 -31.64
C GLU D 3 -34.99 -30.52 -30.51
N PRO D 4 -35.69 -29.86 -29.55
CA PRO D 4 -36.37 -30.58 -28.48
C PRO D 4 -37.35 -31.63 -28.99
N LEU D 5 -37.39 -32.80 -28.34
CA LEU D 5 -38.46 -33.77 -28.53
C LEU D 5 -39.82 -33.07 -28.41
N PRO D 6 -40.88 -33.53 -29.14
CA PRO D 6 -42.21 -32.96 -28.99
C PRO D 6 -42.66 -32.71 -27.55
N ARG D 7 -42.42 -33.66 -26.64
CA ARG D 7 -43.00 -33.55 -25.31
C ARG D 7 -42.31 -32.40 -24.56
N ILE D 8 -41.03 -32.14 -24.91
CA ILE D 8 -40.26 -31.09 -24.28
C ILE D 8 -40.63 -29.71 -24.84
N GLN D 9 -40.89 -29.63 -26.15
CA GLN D 9 -41.45 -28.44 -26.77
C GLN D 9 -42.77 -28.09 -26.08
N HIS D 10 -43.61 -29.11 -25.83
CA HIS D 10 -44.90 -28.86 -25.19
C HIS D 10 -44.66 -28.33 -23.77
N TYR D 11 -43.63 -28.89 -23.09
CA TYR D 11 -43.30 -28.49 -21.73
C TYR D 11 -42.93 -27.01 -21.68
N GLU D 12 -42.07 -26.56 -22.61
CA GLU D 12 -41.63 -25.17 -22.62
C GLU D 12 -42.79 -24.22 -22.90
N ASP D 13 -43.85 -24.71 -23.57
CA ASP D 13 -45.01 -23.89 -23.84
C ASP D 13 -45.89 -23.74 -22.60
N LEU D 14 -45.67 -24.59 -21.59
CA LEU D 14 -46.50 -24.52 -20.39
C LEU D 14 -46.20 -23.19 -19.67
N GLY D 15 -44.90 -22.82 -19.61
CA GLY D 15 -44.48 -21.53 -19.06
C GLY D 15 -44.50 -21.52 -17.53
N LEU D 16 -45.70 -21.64 -16.96
CA LEU D 16 -45.94 -21.39 -15.55
C LEU D 16 -46.66 -22.59 -14.96
N GLY D 17 -46.15 -23.08 -13.83
CA GLY D 17 -46.84 -24.12 -13.09
C GLY D 17 -47.04 -23.71 -11.63
N LEU D 18 -48.00 -24.37 -10.99
CA LEU D 18 -48.19 -24.20 -9.56
C LEU D 18 -47.58 -25.40 -8.84
N PHE D 19 -46.73 -25.12 -7.85
CA PHE D 19 -46.15 -26.14 -6.98
C PHE D 19 -47.00 -26.21 -5.71
N ILE D 20 -47.37 -27.43 -5.27
CA ILE D 20 -48.16 -27.57 -4.05
C ILE D 20 -47.49 -28.51 -3.06
N HIS D 21 -47.19 -27.97 -1.86
CA HIS D 21 -46.62 -28.73 -0.77
C HIS D 21 -47.71 -29.01 0.25
N TRP D 22 -47.95 -30.30 0.46
CA TRP D 22 -48.93 -30.71 1.45
C TRP D 22 -48.53 -32.10 1.93
N GLY D 23 -48.44 -32.26 3.26
CA GLY D 23 -48.10 -33.54 3.85
C GLY D 23 -48.46 -33.52 5.33
N LEU D 24 -47.95 -34.48 6.12
CA LEU D 24 -48.28 -34.49 7.53
C LEU D 24 -47.71 -33.21 8.18
N TYR D 25 -46.55 -32.74 7.69
CA TYR D 25 -45.90 -31.54 8.23
C TYR D 25 -46.86 -30.36 8.26
N SER D 26 -47.81 -30.31 7.31
CA SER D 26 -48.71 -29.18 7.18
C SER D 26 -49.51 -28.96 8.47
N GLN D 27 -49.76 -30.04 9.22
CA GLN D 27 -50.54 -29.89 10.44
C GLN D 27 -49.81 -29.06 11.48
N MET D 28 -48.48 -28.99 11.44
CA MET D 28 -47.76 -28.28 12.48
C MET D 28 -47.45 -26.84 12.05
N ALA D 29 -47.43 -26.56 10.73
CA ALA D 29 -47.29 -25.20 10.21
C ALA D 29 -45.96 -24.60 10.66
N VAL D 30 -44.91 -25.45 10.69
CA VAL D 30 -43.57 -24.96 10.99
C VAL D 30 -42.60 -25.49 9.94
N GLY D 31 -43.02 -25.58 8.66
CA GLY D 31 -42.09 -25.95 7.60
C GLY D 31 -42.11 -27.45 7.30
N GLU D 32 -41.80 -27.83 6.04
CA GLU D 32 -41.91 -29.21 5.61
C GLU D 32 -40.76 -30.07 6.17
N TRP D 33 -39.62 -29.45 6.54
CA TRP D 33 -38.51 -30.19 7.10
C TRP D 33 -38.60 -30.36 8.61
N THR D 34 -39.77 -30.08 9.22
CA THR D 34 -39.84 -30.00 10.68
C THR D 34 -39.34 -31.28 11.37
N GLU D 35 -39.66 -32.46 10.83
CA GLU D 35 -39.33 -33.71 11.47
C GLU D 35 -37.82 -33.80 11.70
N LEU D 36 -37.02 -33.54 10.67
CA LEU D 36 -35.58 -33.61 10.81
C LEU D 36 -35.05 -32.39 11.57
N ILE D 37 -35.41 -31.17 11.15
CA ILE D 37 -34.69 -30.00 11.65
C ILE D 37 -35.04 -29.72 13.11
N HIS D 38 -36.27 -30.03 13.54
CA HIS D 38 -36.63 -29.83 14.94
C HIS D 38 -36.37 -31.10 15.76
N HIS D 39 -35.65 -32.09 15.19
CA HIS D 39 -35.20 -33.28 15.90
C HIS D 39 -36.37 -33.97 16.59
N ARG D 40 -37.47 -34.22 15.87
CA ARG D 40 -38.66 -34.73 16.55
C ARG D 40 -38.52 -36.24 16.74
N ASN D 41 -39.21 -36.76 17.75
CA ASN D 41 -39.38 -38.19 17.91
C ASN D 41 -40.17 -38.75 16.72
N GLN D 42 -39.55 -39.68 15.98
CA GLN D 42 -40.18 -40.21 14.77
C GLN D 42 -41.56 -40.80 15.05
N HIS D 43 -41.66 -41.61 16.11
CA HIS D 43 -42.92 -42.29 16.43
C HIS D 43 -44.01 -41.25 16.66
N ASP D 44 -43.68 -40.19 17.41
CA ASP D 44 -44.67 -39.17 17.78
C ASP D 44 -45.10 -38.37 16.55
N TYR D 45 -44.13 -37.97 15.71
CA TYR D 45 -44.42 -37.25 14.49
C TYR D 45 -45.33 -38.07 13.57
N GLU D 46 -45.05 -39.38 13.41
CA GLU D 46 -45.80 -40.23 12.51
C GLU D 46 -47.25 -40.45 12.96
N GLN D 47 -47.55 -40.14 14.22
CA GLN D 47 -48.93 -40.21 14.70
C GLN D 47 -49.81 -39.17 14.00
N LEU D 48 -49.23 -38.17 13.34
CA LEU D 48 -49.97 -37.17 12.59
C LEU D 48 -50.83 -37.84 11.51
N ILE D 49 -50.48 -39.07 11.10
CA ILE D 49 -51.36 -39.79 10.17
C ILE D 49 -52.79 -39.90 10.72
N LYS D 50 -52.94 -39.98 12.05
CA LYS D 50 -54.25 -40.24 12.64
C LYS D 50 -55.18 -39.03 12.52
N THR D 51 -54.62 -37.83 12.30
CA THR D 51 -55.43 -36.63 12.19
C THR D 51 -55.37 -36.08 10.76
N PHE D 52 -54.85 -36.86 9.81
CA PHE D 52 -54.83 -36.44 8.41
C PHE D 52 -56.18 -36.76 7.77
N THR D 53 -57.13 -35.82 7.87
CA THR D 53 -58.51 -36.05 7.41
C THR D 53 -58.69 -35.59 5.97
N ALA D 54 -57.84 -34.68 5.50
CA ALA D 54 -58.03 -34.00 4.23
C ALA D 54 -59.41 -33.35 4.14
N ALA D 55 -59.96 -32.92 5.29
CA ALA D 55 -61.34 -32.45 5.32
C ALA D 55 -61.55 -31.20 4.45
N GLN D 56 -60.50 -30.43 4.13
CA GLN D 56 -60.74 -29.25 3.33
C GLN D 56 -60.01 -29.32 1.99
N PHE D 57 -59.56 -30.51 1.61
CA PHE D 57 -58.88 -30.63 0.34
C PHE D 57 -59.93 -30.76 -0.75
N ASP D 58 -59.91 -29.82 -1.70
CA ASP D 58 -60.76 -29.91 -2.86
C ASP D 58 -59.88 -29.77 -4.11
N ALA D 59 -59.64 -30.88 -4.80
CA ALA D 59 -58.73 -30.85 -5.93
C ALA D 59 -59.27 -29.92 -7.04
N LYS D 60 -60.60 -29.80 -7.12
CA LYS D 60 -61.20 -28.91 -8.11
C LYS D 60 -60.87 -27.47 -7.76
N LYS D 61 -60.88 -27.07 -6.49
CA LYS D 61 -60.49 -25.71 -6.12
C LYS D 61 -59.02 -25.46 -6.46
N ILE D 62 -58.16 -26.45 -6.24
CA ILE D 62 -56.76 -26.28 -6.57
C ILE D 62 -56.55 -26.13 -8.07
N ALA D 63 -57.25 -26.95 -8.86
CA ALA D 63 -57.16 -26.85 -10.31
C ALA D 63 -57.70 -25.50 -10.79
N HIS D 64 -58.78 -25.01 -10.18
CA HIS D 64 -59.37 -23.74 -10.51
C HIS D 64 -58.36 -22.62 -10.25
N ALA D 65 -57.73 -22.64 -9.08
CA ALA D 65 -56.76 -21.63 -8.71
C ALA D 65 -55.61 -21.62 -9.73
N ALA D 66 -55.14 -22.82 -10.13
CA ALA D 66 -54.08 -22.88 -11.11
C ALA D 66 -54.50 -22.25 -12.45
N LYS D 67 -55.73 -22.56 -12.88
CA LYS D 67 -56.25 -22.05 -14.13
C LYS D 67 -56.33 -20.51 -14.06
N ALA D 68 -56.88 -19.97 -12.97
CA ALA D 68 -57.05 -18.53 -12.80
C ALA D 68 -55.70 -17.81 -12.80
N VAL D 69 -54.65 -18.44 -12.27
CA VAL D 69 -53.38 -17.75 -12.16
C VAL D 69 -52.63 -17.86 -13.50
N GLY D 70 -53.19 -18.60 -14.48
CA GLY D 70 -52.52 -18.78 -15.76
C GLY D 70 -51.49 -19.92 -15.82
N ALA D 71 -51.47 -20.80 -14.79
CA ALA D 71 -50.63 -21.99 -14.80
C ALA D 71 -51.16 -23.03 -15.78
N LYS D 72 -50.27 -23.83 -16.36
CA LYS D 72 -50.65 -24.86 -17.31
C LYS D 72 -50.36 -26.28 -16.77
N TYR D 73 -49.73 -26.34 -15.58
CA TYR D 73 -49.49 -27.62 -14.92
C TYR D 73 -49.38 -27.39 -13.42
N ILE D 74 -49.52 -28.49 -12.66
CA ILE D 74 -49.42 -28.46 -11.21
C ILE D 74 -48.50 -29.60 -10.78
N VAL D 75 -47.53 -29.28 -9.91
CA VAL D 75 -46.69 -30.29 -9.30
C VAL D 75 -47.16 -30.46 -7.86
N LEU D 76 -47.68 -31.65 -7.52
CA LEU D 76 -48.14 -31.97 -6.16
C LEU D 76 -47.15 -32.92 -5.47
N THR D 77 -46.82 -32.60 -4.20
CA THR D 77 -45.99 -33.49 -3.40
C THR D 77 -46.74 -34.82 -3.15
N THR D 78 -46.33 -35.92 -3.80
CA THR D 78 -47.03 -37.17 -3.57
C THR D 78 -46.42 -37.92 -2.38
N LYS D 79 -45.14 -37.63 -2.11
CA LYS D 79 -44.42 -38.12 -0.93
C LYS D 79 -43.20 -37.22 -0.73
N HIS D 80 -43.14 -36.55 0.42
CA HIS D 80 -42.02 -35.67 0.77
C HIS D 80 -40.99 -36.45 1.59
N HIS D 81 -39.97 -35.76 2.13
CA HIS D 81 -38.94 -36.46 2.91
C HIS D 81 -39.55 -37.24 4.08
N GLU D 82 -40.60 -36.71 4.71
CA GLU D 82 -41.23 -37.39 5.84
C GLU D 82 -41.68 -38.81 5.42
N GLY D 83 -41.90 -39.04 4.11
CA GLY D 83 -42.08 -40.40 3.62
C GLY D 83 -43.54 -40.89 3.63
N PHE D 84 -44.50 -39.99 3.95
CA PHE D 84 -45.92 -40.33 3.92
C PHE D 84 -46.49 -40.14 2.51
N PHE D 85 -47.27 -41.13 2.05
CA PHE D 85 -47.75 -41.12 0.67
C PHE D 85 -49.19 -40.63 0.60
N LEU D 86 -49.45 -39.70 -0.33
CA LEU D 86 -50.77 -39.13 -0.50
C LEU D 86 -51.64 -39.99 -1.43
N TYR D 87 -51.20 -41.20 -1.76
CA TYR D 87 -51.96 -42.08 -2.63
C TYR D 87 -51.96 -43.52 -2.08
N ASP D 88 -52.74 -44.39 -2.74
CA ASP D 88 -52.82 -45.78 -2.34
C ASP D 88 -51.59 -46.54 -2.84
N THR D 89 -50.70 -46.96 -1.93
CA THR D 89 -49.48 -47.62 -2.37
C THR D 89 -49.72 -49.11 -2.60
N LYS D 90 -50.98 -49.57 -2.42
CA LYS D 90 -51.40 -50.94 -2.75
C LYS D 90 -50.50 -51.99 -2.08
N GLY D 91 -50.24 -51.80 -0.78
CA GLY D 91 -49.49 -52.78 -0.03
C GLY D 91 -48.02 -52.44 0.12
N LEU D 92 -47.49 -51.46 -0.62
CA LEU D 92 -46.07 -51.16 -0.43
C LEU D 92 -45.80 -50.64 0.98
N SER D 93 -46.72 -49.84 1.54
CA SER D 93 -46.47 -49.20 2.81
C SER D 93 -47.79 -48.98 3.55
N ASP D 94 -47.76 -49.01 4.87
CA ASP D 94 -48.94 -48.67 5.67
C ASP D 94 -48.99 -47.16 5.98
N PHE D 95 -47.90 -46.44 5.63
CA PHE D 95 -47.84 -45.03 5.94
C PHE D 95 -48.35 -44.24 4.74
N ASP D 96 -49.64 -44.41 4.42
CA ASP D 96 -50.24 -43.80 3.25
C ASP D 96 -51.65 -43.35 3.59
N VAL D 97 -52.27 -42.64 2.66
CA VAL D 97 -53.51 -41.96 2.94
C VAL D 97 -54.64 -42.97 3.15
N MET D 98 -54.50 -44.19 2.61
CA MET D 98 -55.53 -45.21 2.82
C MET D 98 -55.55 -45.70 4.28
N HIS D 99 -54.49 -45.44 5.04
CA HIS D 99 -54.46 -45.80 6.45
C HIS D 99 -54.70 -44.56 7.31
N ALA D 100 -55.00 -43.46 6.69
CA ALA D 100 -55.32 -42.24 7.37
C ALA D 100 -56.83 -42.13 7.40
N PRO D 101 -57.39 -41.26 8.22
CA PRO D 101 -58.82 -41.08 8.26
C PRO D 101 -59.41 -40.56 6.96
N ALA D 102 -58.60 -39.93 6.14
CA ALA D 102 -59.09 -39.42 4.90
C ALA D 102 -59.64 -40.53 3.98
N ARG D 103 -58.95 -41.63 3.86
CA ARG D 103 -59.36 -42.77 3.07
C ARG D 103 -59.72 -42.48 1.63
N ARG D 104 -58.98 -41.60 0.99
CA ARG D 104 -59.22 -41.22 -0.37
C ARG D 104 -57.90 -41.21 -1.07
N ASP D 105 -57.83 -41.61 -2.32
CA ASP D 105 -56.59 -41.52 -3.04
C ASP D 105 -56.63 -40.09 -3.54
N LEU D 106 -55.79 -39.26 -2.94
CA LEU D 106 -55.77 -37.84 -3.23
C LEU D 106 -55.14 -37.58 -4.59
N ILE D 107 -54.19 -38.44 -4.99
CA ILE D 107 -53.60 -38.34 -6.31
C ILE D 107 -54.66 -38.60 -7.39
N ALA D 108 -55.60 -39.52 -7.16
CA ALA D 108 -56.62 -39.79 -8.16
C ALA D 108 -57.53 -38.55 -8.28
N GLU D 109 -57.88 -37.93 -7.15
CA GLU D 109 -58.67 -36.69 -7.18
C GLU D 109 -57.93 -35.60 -7.94
N PHE D 110 -56.62 -35.50 -7.72
CA PHE D 110 -55.81 -34.45 -8.31
C PHE D 110 -55.72 -34.62 -9.83
N VAL D 111 -55.48 -35.86 -10.28
CA VAL D 111 -55.35 -36.14 -11.70
C VAL D 111 -56.65 -35.80 -12.45
N ALA D 112 -57.78 -36.17 -11.88
CA ALA D 112 -59.08 -35.91 -12.50
C ALA D 112 -59.33 -34.40 -12.56
N ALA D 113 -59.01 -33.68 -11.48
CA ALA D 113 -59.23 -32.24 -11.43
C ALA D 113 -58.37 -31.53 -12.48
N CYS D 114 -57.11 -31.99 -12.64
CA CYS D 114 -56.25 -31.36 -13.64
C CYS D 114 -56.81 -31.58 -15.04
N ARG D 115 -57.26 -32.80 -15.32
CA ARG D 115 -57.70 -33.13 -16.67
C ARG D 115 -58.94 -32.31 -17.02
N GLU D 116 -59.85 -32.12 -16.06
CA GLU D 116 -61.04 -31.34 -16.33
C GLU D 116 -60.71 -29.88 -16.64
N GLU D 117 -59.54 -29.36 -16.22
CA GLU D 117 -59.19 -27.96 -16.48
C GLU D 117 -58.15 -27.87 -17.59
N ASP D 118 -57.88 -28.99 -18.28
CA ASP D 118 -56.81 -29.03 -19.29
C ASP D 118 -55.43 -28.66 -18.70
N LEU D 119 -55.14 -29.07 -17.44
CA LEU D 119 -53.80 -28.87 -16.89
C LEU D 119 -53.06 -30.21 -16.91
N LEU D 120 -51.73 -30.19 -17.06
CA LEU D 120 -50.97 -31.42 -16.87
C LEU D 120 -50.74 -31.69 -15.38
N PRO D 121 -51.06 -32.90 -14.85
CA PRO D 121 -50.68 -33.27 -13.48
C PRO D 121 -49.25 -33.80 -13.39
N PHE D 122 -48.46 -33.24 -12.47
CA PHE D 122 -47.11 -33.71 -12.25
C PHE D 122 -46.99 -34.22 -10.82
N PHE D 123 -46.15 -35.25 -10.64
CA PHE D 123 -45.98 -35.86 -9.33
C PHE D 123 -44.59 -35.56 -8.78
N TYR D 124 -44.53 -34.82 -7.68
CA TYR D 124 -43.26 -34.67 -6.98
C TYR D 124 -43.04 -35.93 -6.14
N MET D 125 -41.80 -36.41 -6.13
CA MET D 125 -41.45 -37.57 -5.30
C MET D 125 -40.10 -37.31 -4.66
N ALA D 126 -40.04 -37.37 -3.32
CA ALA D 126 -38.76 -37.22 -2.63
C ALA D 126 -37.98 -38.53 -2.68
N THR D 127 -36.70 -38.46 -3.07
CA THR D 127 -35.91 -39.67 -3.12
C THR D 127 -35.12 -39.83 -1.82
N TYR D 128 -34.97 -38.74 -1.06
CA TYR D 128 -34.40 -38.82 0.28
C TYR D 128 -35.54 -39.01 1.26
N ASP D 129 -35.56 -40.12 1.99
CA ASP D 129 -36.75 -40.57 2.70
C ASP D 129 -36.39 -40.79 4.17
N TRP D 130 -37.14 -40.19 5.11
CA TRP D 130 -36.84 -40.28 6.54
C TRP D 130 -37.65 -41.40 7.20
N HIS D 131 -38.62 -41.97 6.47
CA HIS D 131 -39.56 -42.89 7.10
C HIS D 131 -39.02 -44.33 7.12
N THR D 132 -38.62 -44.86 5.96
CA THR D 132 -38.25 -46.26 5.86
C THR D 132 -36.81 -46.44 6.35
N PRO D 133 -36.57 -47.40 7.28
CA PRO D 133 -35.20 -47.74 7.68
C PRO D 133 -34.32 -48.23 6.52
N LEU D 134 -34.96 -48.65 5.41
CA LEU D 134 -34.20 -49.08 4.25
C LEU D 134 -33.24 -47.98 3.81
N TYR D 135 -33.62 -46.70 3.96
CA TYR D 135 -32.83 -45.63 3.37
C TYR D 135 -31.39 -45.65 3.89
N ASP D 136 -31.22 -45.77 5.23
CA ASP D 136 -29.86 -45.80 5.77
C ASP D 136 -29.30 -47.21 5.93
N ASP D 137 -30.19 -48.19 6.15
CA ASP D 137 -29.75 -49.51 6.59
C ASP D 137 -29.64 -50.50 5.44
N ASP D 138 -30.17 -50.20 4.25
CA ASP D 138 -30.13 -51.12 3.13
C ASP D 138 -30.45 -50.36 1.83
N PHE D 139 -29.50 -49.55 1.41
CA PHE D 139 -29.74 -48.60 0.33
C PHE D 139 -30.24 -49.33 -0.93
N PRO D 140 -29.61 -50.45 -1.36
CA PRO D 140 -30.07 -51.12 -2.57
C PRO D 140 -31.55 -51.51 -2.48
N ALA D 141 -32.00 -51.95 -1.29
CA ALA D 141 -33.39 -52.32 -1.11
C ALA D 141 -34.28 -51.07 -1.08
N TYR D 142 -33.72 -49.93 -0.61
CA TYR D 142 -34.40 -48.65 -0.66
C TYR D 142 -34.70 -48.29 -2.12
N LEU D 143 -33.71 -48.46 -3.01
CA LEU D 143 -33.92 -48.18 -4.42
C LEU D 143 -35.10 -48.98 -4.98
N THR D 144 -35.29 -50.21 -4.50
CA THR D 144 -36.39 -51.04 -4.99
C THR D 144 -37.72 -50.45 -4.51
N TYR D 145 -37.74 -49.99 -3.25
CA TYR D 145 -38.93 -49.39 -2.65
C TYR D 145 -39.27 -48.09 -3.37
N LEU D 146 -38.27 -47.24 -3.60
CA LEU D 146 -38.47 -45.98 -4.30
C LEU D 146 -39.06 -46.28 -5.69
N GLN D 147 -38.42 -47.22 -6.41
CA GLN D 147 -38.87 -47.58 -7.74
C GLN D 147 -40.30 -48.13 -7.73
N LYS D 148 -40.64 -48.93 -6.73
CA LYS D 148 -41.99 -49.49 -6.65
C LYS D 148 -43.00 -48.37 -6.41
N SER D 149 -42.64 -47.41 -5.56
CA SER D 149 -43.55 -46.31 -5.23
C SER D 149 -43.81 -45.47 -6.48
N VAL D 150 -42.80 -45.34 -7.35
CA VAL D 150 -42.98 -44.61 -8.60
C VAL D 150 -43.78 -45.44 -9.61
N GLU D 151 -43.58 -46.76 -9.58
CA GLU D 151 -44.30 -47.66 -10.45
C GLU D 151 -45.81 -47.58 -10.21
N VAL D 152 -46.22 -47.50 -8.94
CA VAL D 152 -47.62 -47.34 -8.64
C VAL D 152 -48.17 -46.06 -9.32
N LEU D 153 -47.40 -44.97 -9.27
CA LEU D 153 -47.85 -43.70 -9.85
C LEU D 153 -47.91 -43.84 -11.37
N CYS D 154 -47.04 -44.68 -11.96
CA CYS D 154 -47.01 -44.85 -13.39
C CYS D 154 -48.13 -45.78 -13.92
N ARG D 155 -48.80 -46.52 -13.03
CA ARG D 155 -49.63 -47.63 -13.50
C ARG D 155 -51.10 -47.54 -13.05
N ASN D 156 -51.44 -46.60 -12.15
CA ASN D 156 -52.77 -46.63 -11.59
C ASN D 156 -53.59 -45.39 -11.94
N TYR D 157 -53.11 -44.49 -12.81
CA TYR D 157 -53.78 -43.19 -12.91
C TYR D 157 -53.99 -42.77 -14.37
N GLY D 158 -53.54 -43.57 -15.31
CA GLY D 158 -53.58 -43.20 -16.70
C GLY D 158 -52.39 -42.34 -17.07
N PRO D 159 -52.43 -41.73 -18.23
CA PRO D 159 -51.34 -40.86 -18.67
C PRO D 159 -51.10 -39.66 -17.72
N VAL D 160 -49.84 -39.44 -17.44
CA VAL D 160 -49.41 -38.47 -16.48
C VAL D 160 -48.55 -37.40 -17.13
N GLY D 161 -48.69 -36.18 -16.69
CA GLY D 161 -47.86 -35.12 -17.24
C GLY D 161 -46.38 -35.21 -16.97
N GLY D 162 -46.01 -35.58 -15.79
CA GLY D 162 -44.58 -35.63 -15.48
C GLY D 162 -44.31 -35.99 -14.03
N PHE D 163 -43.02 -36.16 -13.72
CA PHE D 163 -42.49 -36.54 -12.42
C PHE D 163 -41.42 -35.52 -12.10
N TRP D 164 -41.35 -35.16 -10.82
CA TRP D 164 -40.47 -34.11 -10.33
C TRP D 164 -39.70 -34.76 -9.17
N PHE D 165 -38.45 -35.12 -9.44
CA PHE D 165 -37.66 -35.91 -8.50
C PHE D 165 -36.78 -34.99 -7.68
N ASP D 166 -36.80 -35.18 -6.36
CA ASP D 166 -35.99 -34.35 -5.51
C ASP D 166 -35.21 -35.17 -4.48
N GLY D 167 -33.87 -35.09 -4.46
CA GLY D 167 -33.20 -35.53 -3.23
C GLY D 167 -31.99 -36.44 -3.41
N ASN D 168 -31.63 -36.72 -4.68
CA ASN D 168 -30.42 -37.49 -4.97
C ASN D 168 -29.19 -36.76 -4.43
N TRP D 169 -29.30 -35.43 -4.27
CA TRP D 169 -28.27 -34.57 -3.70
C TRP D 169 -27.90 -35.00 -2.26
N ASN D 170 -28.73 -35.81 -1.60
CA ASN D 170 -28.42 -36.25 -0.25
C ASN D 170 -27.25 -37.26 -0.25
N LYS D 171 -27.12 -38.07 -1.30
CA LYS D 171 -25.99 -38.98 -1.48
C LYS D 171 -25.41 -38.80 -2.89
N LYS D 172 -24.54 -37.77 -3.06
CA LYS D 172 -24.06 -37.37 -4.38
C LYS D 172 -23.25 -38.47 -5.05
N ASP D 173 -22.66 -39.35 -4.24
CA ASP D 173 -21.72 -40.37 -4.74
C ASP D 173 -22.38 -41.71 -5.06
N ALA D 174 -23.61 -41.96 -4.58
CA ALA D 174 -24.22 -43.28 -4.65
C ALA D 174 -24.67 -43.60 -6.08
N ASP D 175 -24.81 -44.90 -6.36
CA ASP D 175 -25.44 -45.35 -7.58
C ASP D 175 -26.95 -45.40 -7.35
N TRP D 176 -27.69 -44.51 -8.02
CA TRP D 176 -29.13 -44.40 -7.81
C TRP D 176 -29.90 -45.26 -8.81
N HIS D 177 -29.20 -45.94 -9.74
CA HIS D 177 -29.85 -46.85 -10.66
C HIS D 177 -30.94 -46.10 -11.45
N LEU D 178 -30.52 -44.95 -12.01
CA LEU D 178 -31.44 -44.10 -12.74
C LEU D 178 -31.89 -44.77 -14.04
N PRO D 179 -31.00 -45.49 -14.80
CA PRO D 179 -31.45 -46.18 -16.01
C PRO D 179 -32.67 -47.07 -15.76
N GLU D 180 -32.68 -47.76 -14.61
CA GLU D 180 -33.77 -48.67 -14.29
C GLU D 180 -35.03 -47.90 -13.87
N LEU D 181 -34.86 -46.85 -13.05
CA LEU D 181 -35.99 -46.05 -12.59
C LEU D 181 -36.64 -45.35 -13.79
N TYR D 182 -35.84 -44.64 -14.60
CA TYR D 182 -36.40 -43.85 -15.67
C TYR D 182 -36.86 -44.73 -16.83
N GLY D 183 -36.17 -45.88 -17.00
CA GLY D 183 -36.57 -46.88 -17.99
C GLY D 183 -37.97 -47.40 -17.68
N MET D 184 -38.24 -47.68 -16.41
CA MET D 184 -39.55 -48.11 -15.98
C MET D 184 -40.57 -47.02 -16.30
N ILE D 185 -40.22 -45.73 -16.06
CA ILE D 185 -41.16 -44.66 -16.35
C ILE D 185 -41.46 -44.62 -17.86
N ARG D 186 -40.40 -44.71 -18.68
CA ARG D 186 -40.58 -44.68 -20.13
C ARG D 186 -41.47 -45.85 -20.60
N HIS D 187 -41.36 -47.00 -19.92
CA HIS D 187 -42.18 -48.13 -20.27
C HIS D 187 -43.66 -47.81 -20.09
N TYR D 188 -44.09 -47.32 -18.92
CA TYR D 188 -45.51 -47.14 -18.71
C TYR D 188 -46.00 -45.75 -19.13
N GLN D 189 -45.11 -44.76 -19.17
CA GLN D 189 -45.49 -43.36 -19.35
C GLN D 189 -44.54 -42.74 -20.37
N PRO D 190 -44.55 -43.20 -21.65
CA PRO D 190 -43.54 -42.75 -22.62
C PRO D 190 -43.49 -41.22 -22.80
N ASN D 191 -44.63 -40.57 -22.56
CA ASN D 191 -44.81 -39.16 -22.84
C ASN D 191 -44.62 -38.27 -21.61
N ALA D 192 -44.32 -38.84 -20.43
CA ALA D 192 -44.22 -38.06 -19.21
C ALA D 192 -42.93 -37.24 -19.24
N ILE D 193 -43.01 -36.01 -18.71
CA ILE D 193 -41.81 -35.20 -18.54
C ILE D 193 -41.10 -35.64 -17.26
N ILE D 194 -39.80 -35.94 -17.35
CA ILE D 194 -39.05 -36.25 -16.14
C ILE D 194 -38.18 -35.04 -15.77
N VAL D 195 -38.47 -34.47 -14.60
CA VAL D 195 -37.74 -33.34 -14.06
C VAL D 195 -36.87 -33.83 -12.91
N SER D 196 -35.68 -33.28 -12.82
CA SER D 196 -34.78 -33.59 -11.76
C SER D 196 -34.16 -32.37 -11.08
N ASN D 197 -34.25 -32.34 -9.77
CA ASN D 197 -33.67 -31.36 -8.88
C ASN D 197 -32.17 -31.50 -8.74
N THR D 198 -31.67 -32.65 -9.03
CA THR D 198 -30.26 -32.89 -8.96
C THR D 198 -29.77 -33.37 -10.30
N GLN D 205 -23.13 -31.47 -17.40
CA GLN D 205 -23.46 -32.84 -17.88
C GLN D 205 -24.58 -33.46 -17.04
N VAL D 206 -25.63 -33.96 -17.71
CA VAL D 206 -26.90 -34.37 -17.11
C VAL D 206 -26.77 -35.78 -16.52
N SER D 207 -27.58 -36.08 -15.50
CA SER D 207 -27.30 -37.26 -14.70
C SER D 207 -27.85 -38.55 -15.34
N ASP D 208 -28.70 -38.42 -16.38
CA ASP D 208 -29.23 -39.59 -17.07
C ASP D 208 -29.87 -39.15 -18.37
N PRO D 209 -29.67 -39.89 -19.50
CA PRO D 209 -30.25 -39.51 -20.78
C PRO D 209 -31.78 -39.32 -20.75
N GLU D 210 -32.47 -39.97 -19.81
CA GLU D 210 -33.92 -39.93 -19.81
C GLU D 210 -34.48 -38.65 -19.17
N ILE D 211 -33.64 -37.88 -18.44
CA ILE D 211 -34.08 -36.61 -17.88
C ILE D 211 -34.46 -35.63 -19.00
N ASP D 212 -35.58 -34.92 -18.83
CA ASP D 212 -36.10 -33.98 -19.81
C ASP D 212 -35.88 -32.52 -19.39
N VAL D 213 -35.93 -32.26 -18.11
CA VAL D 213 -35.83 -30.95 -17.51
C VAL D 213 -34.93 -30.97 -16.27
N VAL D 214 -34.14 -29.93 -16.11
CA VAL D 214 -33.26 -29.74 -15.02
C VAL D 214 -33.64 -28.43 -14.31
N THR D 215 -33.54 -28.39 -12.99
CA THR D 215 -33.77 -27.19 -12.22
C THR D 215 -32.57 -26.23 -12.09
N TYR D 216 -32.84 -24.96 -11.89
CA TYR D 216 -31.84 -23.93 -11.73
C TYR D 216 -32.24 -22.97 -10.63
N GLU D 217 -31.29 -22.27 -10.04
CA GLU D 217 -31.54 -21.24 -9.03
C GLU D 217 -32.24 -20.04 -9.68
N ARG D 218 -33.17 -19.44 -8.94
CA ARG D 218 -34.08 -18.47 -9.54
C ARG D 218 -33.30 -17.25 -10.01
N ARG D 219 -32.11 -17.04 -9.44
CA ARG D 219 -31.32 -15.85 -9.75
C ARG D 219 -30.38 -16.08 -10.94
N THR D 220 -30.37 -17.29 -11.54
CA THR D 220 -29.47 -17.55 -12.67
C THR D 220 -29.49 -16.35 -13.63
N PRO D 221 -28.36 -15.69 -13.93
CA PRO D 221 -28.38 -14.46 -14.74
C PRO D 221 -28.61 -14.67 -16.24
N ASP D 222 -28.10 -15.77 -16.80
CA ASP D 222 -28.06 -15.92 -18.26
C ASP D 222 -28.91 -17.10 -18.70
N GLU D 223 -29.24 -17.11 -20.00
CA GLU D 223 -29.92 -18.20 -20.66
C GLU D 223 -29.34 -19.55 -20.23
N ILE D 224 -30.22 -20.51 -19.93
CA ILE D 224 -29.81 -21.76 -19.27
C ILE D 224 -29.17 -22.68 -20.32
N TYR D 225 -28.54 -23.76 -19.82
CA TYR D 225 -27.85 -24.76 -20.62
C TYR D 225 -28.82 -25.82 -21.16
N HIS D 226 -28.74 -26.12 -22.47
CA HIS D 226 -29.69 -27.06 -23.05
C HIS D 226 -29.11 -28.44 -23.41
N GLY D 227 -27.87 -28.74 -23.03
CA GLY D 227 -27.19 -29.98 -23.38
C GLY D 227 -26.03 -29.77 -24.37
N ALA D 228 -25.11 -30.76 -24.45
CA ALA D 228 -23.99 -30.73 -25.38
C ALA D 228 -24.52 -30.79 -26.81
N PRO D 229 -23.83 -30.22 -27.84
CA PRO D 229 -24.34 -30.33 -29.21
C PRO D 229 -24.30 -31.76 -29.74
N ASN D 230 -25.32 -32.14 -30.52
CA ASN D 230 -25.51 -33.52 -30.94
C ASN D 230 -26.11 -34.40 -29.84
N GLU D 231 -26.36 -33.85 -28.64
CA GLU D 231 -27.05 -34.60 -27.59
C GLU D 231 -28.49 -34.14 -27.43
N LYS D 232 -29.25 -34.86 -26.60
CA LYS D 232 -30.65 -34.54 -26.33
C LYS D 232 -30.73 -33.13 -25.75
N TYR D 233 -31.67 -32.34 -26.29
CA TYR D 233 -32.00 -31.04 -25.70
C TYR D 233 -32.74 -31.23 -24.37
N VAL D 234 -32.26 -30.55 -23.32
CA VAL D 234 -32.89 -30.60 -22.01
C VAL D 234 -33.41 -29.21 -21.66
N ALA D 235 -34.66 -29.13 -21.22
CA ALA D 235 -35.26 -27.88 -20.80
C ALA D 235 -34.80 -27.51 -19.39
N GLY D 236 -35.25 -26.33 -18.91
CA GLY D 236 -34.91 -25.87 -17.56
C GLY D 236 -36.12 -25.29 -16.83
N GLU D 237 -36.04 -25.21 -15.50
CA GLU D 237 -37.16 -24.74 -14.69
C GLU D 237 -36.60 -24.07 -13.44
N ILE D 238 -37.19 -22.94 -13.02
CA ILE D 238 -36.88 -22.35 -11.72
C ILE D 238 -38.13 -22.38 -10.85
N SER D 239 -37.95 -22.15 -9.55
CA SER D 239 -38.99 -22.29 -8.52
C SER D 239 -38.95 -21.09 -7.60
N ILE D 240 -40.12 -20.64 -7.11
CA ILE D 240 -40.12 -19.59 -6.12
C ILE D 240 -41.18 -19.96 -5.08
N THR D 241 -40.85 -19.79 -3.79
CA THR D 241 -41.85 -19.92 -2.76
C THR D 241 -42.15 -18.52 -2.20
N LEU D 242 -43.33 -18.32 -1.62
CA LEU D 242 -43.79 -16.98 -1.28
C LEU D 242 -43.05 -16.41 -0.06
N ASN D 243 -42.77 -17.26 0.93
CA ASN D 243 -41.96 -16.83 2.07
C ASN D 243 -40.68 -17.64 2.05
N GLN D 244 -40.18 -18.04 3.22
CA GLN D 244 -38.91 -18.77 3.28
C GLN D 244 -39.13 -20.28 3.24
N HIS D 245 -40.38 -20.75 3.35
CA HIS D 245 -40.65 -22.17 3.50
C HIS D 245 -41.50 -22.67 2.34
N TRP D 246 -41.45 -23.98 2.06
CA TRP D 246 -42.25 -24.61 1.02
C TRP D 246 -43.57 -25.13 1.59
N GLY D 247 -43.53 -25.89 2.66
CA GLY D 247 -44.75 -26.20 3.40
C GLY D 247 -45.20 -24.95 4.16
N ILE D 248 -46.45 -24.93 4.62
CA ILE D 248 -46.97 -23.80 5.35
C ILE D 248 -46.17 -23.55 6.64
N ALA D 249 -46.00 -22.28 6.97
CA ALA D 249 -45.24 -21.85 8.14
C ALA D 249 -45.88 -20.57 8.68
N ALA D 250 -46.70 -20.74 9.72
CA ALA D 250 -47.62 -19.75 10.22
C ALA D 250 -46.88 -18.49 10.67
N ASN D 251 -45.72 -18.64 11.32
CA ASN D 251 -44.98 -17.48 11.80
C ASN D 251 -43.80 -17.11 10.91
N ASP D 252 -43.84 -17.51 9.64
CA ASP D 252 -42.91 -16.98 8.66
C ASP D 252 -43.61 -15.78 7.99
N LEU D 253 -43.27 -14.55 8.42
CA LEU D 253 -43.87 -13.32 7.92
C LEU D 253 -43.01 -12.76 6.79
N ASN D 254 -41.90 -13.45 6.46
CA ASN D 254 -40.96 -12.89 5.52
C ASN D 254 -41.38 -13.19 4.07
N TYR D 255 -42.55 -12.68 3.65
CA TYR D 255 -43.06 -12.88 2.29
C TYR D 255 -42.35 -11.94 1.33
N LYS D 256 -42.10 -12.43 0.10
CA LYS D 256 -41.56 -11.59 -0.97
C LYS D 256 -42.66 -10.64 -1.44
N SER D 257 -42.30 -9.53 -2.09
CA SER D 257 -43.34 -8.69 -2.66
C SER D 257 -43.98 -9.38 -3.87
N PRO D 258 -45.28 -9.13 -4.11
CA PRO D 258 -45.89 -9.50 -5.39
C PRO D 258 -45.09 -9.03 -6.59
N ALA D 259 -44.44 -7.85 -6.47
CA ALA D 259 -43.63 -7.32 -7.57
C ALA D 259 -42.46 -8.27 -7.89
N GLU D 260 -41.79 -8.75 -6.84
CA GLU D 260 -40.66 -9.64 -7.03
C GLU D 260 -41.15 -10.94 -7.68
N MET D 261 -42.33 -11.40 -7.27
CA MET D 261 -42.92 -12.58 -7.88
C MET D 261 -43.12 -12.39 -9.40
N ILE D 262 -43.70 -11.25 -9.80
CA ILE D 262 -43.89 -10.96 -11.21
C ILE D 262 -42.54 -10.88 -11.93
N GLU D 263 -41.56 -10.19 -11.33
CA GLU D 263 -40.25 -10.09 -11.95
C GLU D 263 -39.61 -11.48 -12.15
N THR D 264 -39.87 -12.42 -11.21
CA THR D 264 -39.23 -13.72 -11.29
C THR D 264 -39.87 -14.52 -12.42
N VAL D 265 -41.21 -14.42 -12.55
CA VAL D 265 -41.88 -15.09 -13.66
C VAL D 265 -41.33 -14.58 -14.99
N ALA D 266 -41.24 -13.24 -15.14
CA ALA D 266 -40.73 -12.72 -16.40
C ALA D 266 -39.29 -13.19 -16.63
N HIS D 267 -38.50 -13.22 -15.54
CA HIS D 267 -37.09 -13.55 -15.62
C HIS D 267 -36.90 -15.00 -16.09
N ALA D 268 -37.76 -15.92 -15.67
CA ALA D 268 -37.67 -17.29 -16.07
C ALA D 268 -37.81 -17.40 -17.56
N ARG D 269 -38.73 -16.67 -18.14
CA ARG D 269 -38.92 -16.69 -19.56
C ARG D 269 -37.74 -16.10 -20.29
N HIS D 270 -37.15 -15.07 -19.76
CA HIS D 270 -36.00 -14.45 -20.33
C HIS D 270 -34.80 -15.39 -20.43
N ILE D 271 -34.61 -16.24 -19.44
CA ILE D 271 -33.52 -17.19 -19.46
C ILE D 271 -33.85 -18.53 -20.12
N GLY D 272 -35.04 -18.67 -20.65
CA GLY D 272 -35.49 -19.89 -21.26
C GLY D 272 -35.92 -21.03 -20.38
N ALA D 273 -36.62 -20.72 -19.32
CA ALA D 273 -37.02 -21.73 -18.35
C ALA D 273 -38.52 -21.59 -18.07
N ASN D 274 -39.12 -22.65 -17.57
CA ASN D 274 -40.42 -22.54 -16.94
C ASN D 274 -40.23 -22.03 -15.50
N ILE D 275 -41.30 -21.68 -14.85
CA ILE D 275 -41.30 -21.26 -13.49
C ILE D 275 -42.41 -21.94 -12.70
N LEU D 276 -42.11 -22.45 -11.52
CA LEU D 276 -43.11 -22.94 -10.58
C LEU D 276 -43.27 -21.92 -9.46
N VAL D 277 -44.52 -21.55 -9.13
CA VAL D 277 -44.80 -20.72 -7.98
C VAL D 277 -45.44 -21.64 -6.93
N ASN D 278 -44.85 -21.68 -5.74
CA ASN D 278 -45.21 -22.66 -4.74
C ASN D 278 -46.23 -22.12 -3.75
N ILE D 279 -47.20 -22.97 -3.39
CA ILE D 279 -48.10 -22.70 -2.27
C ILE D 279 -48.06 -23.90 -1.32
N GLY D 280 -48.12 -23.65 -0.01
CA GLY D 280 -48.21 -24.72 0.99
C GLY D 280 -49.63 -24.79 1.54
N LEU D 281 -50.30 -25.95 1.45
CA LEU D 281 -51.67 -26.07 1.95
C LEU D 281 -51.67 -26.15 3.47
N THR D 282 -52.83 -25.82 4.08
CA THR D 282 -53.07 -26.06 5.50
C THR D 282 -53.06 -27.55 5.80
N GLY D 283 -53.02 -27.89 7.09
CA GLY D 283 -53.04 -29.29 7.54
C GLY D 283 -54.13 -30.09 6.82
N THR D 284 -55.33 -29.51 6.72
CA THR D 284 -56.48 -30.20 6.18
C THR D 284 -56.61 -29.98 4.67
N GLY D 285 -55.64 -29.32 4.02
CA GLY D 285 -55.62 -29.28 2.57
C GLY D 285 -56.24 -28.04 1.91
N ALA D 286 -56.47 -26.96 2.65
CA ALA D 286 -56.98 -25.71 2.06
C ALA D 286 -55.83 -24.85 1.51
N ILE D 287 -56.14 -24.05 0.48
CA ILE D 287 -55.27 -22.97 0.05
C ILE D 287 -55.36 -21.85 1.07
N PRO D 288 -54.26 -21.45 1.73
CA PRO D 288 -54.36 -20.33 2.67
C PRO D 288 -54.70 -19.01 1.99
N ALA D 289 -55.34 -18.10 2.75
CA ALA D 289 -55.76 -16.80 2.24
C ALA D 289 -54.55 -16.02 1.67
N ALA D 290 -53.39 -16.07 2.33
CA ALA D 290 -52.24 -15.33 1.85
C ALA D 290 -51.86 -15.76 0.44
N ALA D 291 -51.89 -17.08 0.19
CA ALA D 291 -51.49 -17.60 -1.11
C ALA D 291 -52.48 -17.12 -2.17
N GLN D 292 -53.75 -17.02 -1.84
CA GLN D 292 -54.73 -16.55 -2.77
C GLN D 292 -54.49 -15.14 -3.23
N THR D 293 -54.03 -14.28 -2.34
CA THR D 293 -53.74 -12.91 -2.65
C THR D 293 -52.63 -12.81 -3.70
N TYR D 294 -51.59 -13.60 -3.56
CA TYR D 294 -50.51 -13.64 -4.49
C TYR D 294 -50.96 -14.15 -5.85
N MET D 295 -51.82 -15.13 -5.84
CA MET D 295 -52.37 -15.68 -7.04
C MET D 295 -53.21 -14.76 -7.84
N HIS D 296 -54.01 -13.98 -7.16
CA HIS D 296 -54.82 -13.00 -7.80
C HIS D 296 -54.03 -11.92 -8.47
N LEU D 297 -52.98 -11.44 -7.82
CA LEU D 297 -52.13 -10.45 -8.39
C LEU D 297 -51.37 -10.97 -9.59
N LEU D 298 -50.86 -12.18 -9.46
CA LEU D 298 -50.13 -12.85 -10.50
C LEU D 298 -51.01 -13.14 -11.69
N GLY D 299 -52.23 -13.52 -11.40
CA GLY D 299 -53.23 -13.79 -12.38
C GLY D 299 -53.55 -12.58 -13.21
N ARG D 300 -53.59 -11.41 -12.62
CA ARG D 300 -53.80 -10.23 -13.40
C ARG D 300 -52.66 -10.00 -14.34
N TRP D 301 -51.44 -10.23 -13.88
CA TRP D 301 -50.31 -10.02 -14.76
C TRP D 301 -50.29 -11.06 -15.89
N THR D 302 -50.52 -12.35 -15.58
CA THR D 302 -50.34 -13.38 -16.59
C THR D 302 -51.46 -13.26 -17.62
N ALA D 303 -52.66 -12.81 -17.22
CA ALA D 303 -53.73 -12.58 -18.20
C ALA D 303 -53.29 -11.51 -19.21
N MET D 304 -52.68 -10.43 -18.72
CA MET D 304 -52.17 -9.38 -19.60
C MET D 304 -51.06 -9.93 -20.50
N ALA D 305 -50.20 -10.79 -19.95
CA ALA D 305 -48.99 -11.25 -20.65
C ALA D 305 -49.23 -12.47 -21.54
N ALA D 306 -50.47 -12.99 -21.55
CA ALA D 306 -50.84 -14.20 -22.29
C ALA D 306 -50.28 -14.28 -23.72
N PRO D 307 -50.28 -13.21 -24.55
CA PRO D 307 -49.75 -13.34 -25.91
C PRO D 307 -48.28 -13.77 -25.96
N VAL D 308 -47.50 -13.60 -24.86
CA VAL D 308 -46.08 -13.92 -24.95
C VAL D 308 -45.66 -14.95 -23.90
N LEU D 309 -46.39 -15.07 -22.79
CA LEU D 309 -45.91 -15.86 -21.66
C LEU D 309 -45.65 -17.32 -22.07
N TYR D 310 -46.49 -17.91 -22.94
CA TYR D 310 -46.41 -19.33 -23.30
C TYR D 310 -45.43 -19.58 -24.46
N LYS D 311 -45.57 -18.83 -25.56
CA LYS D 311 -44.80 -19.09 -26.77
C LYS D 311 -43.51 -18.27 -26.84
N GLY D 312 -43.36 -17.22 -26.00
CA GLY D 312 -42.17 -16.37 -26.10
C GLY D 312 -40.89 -17.11 -25.74
N ARG D 313 -39.81 -16.84 -26.49
CA ARG D 313 -38.54 -17.50 -26.27
C ARG D 313 -37.43 -16.46 -26.27
N PRO D 314 -36.30 -16.72 -25.57
CA PRO D 314 -35.17 -15.80 -25.61
C PRO D 314 -34.65 -15.64 -27.03
N VAL D 315 -34.01 -14.52 -27.30
CA VAL D 315 -33.52 -14.23 -28.64
C VAL D 315 -32.29 -13.36 -28.46
N PRO D 316 -31.27 -13.39 -29.35
CA PRO D 316 -30.05 -12.61 -29.12
C PRO D 316 -30.23 -11.10 -29.36
N VAL D 317 -31.03 -10.46 -28.51
CA VAL D 317 -31.32 -9.04 -28.58
C VAL D 317 -31.06 -8.53 -27.18
N THR D 318 -30.14 -7.57 -27.04
CA THR D 318 -29.85 -7.10 -25.69
C THR D 318 -30.42 -5.70 -25.49
N SER D 319 -30.51 -5.29 -24.23
CA SER D 319 -31.00 -3.96 -23.90
C SER D 319 -29.81 -3.03 -23.67
N ALA D 320 -30.06 -1.72 -23.74
CA ALA D 320 -29.04 -0.71 -23.51
C ALA D 320 -28.44 -0.81 -22.11
N HIS D 321 -27.26 -0.20 -21.95
CA HIS D 321 -26.55 -0.05 -20.69
C HIS D 321 -27.49 0.50 -19.61
N GLY D 322 -27.50 -0.20 -18.46
CA GLY D 322 -28.16 0.33 -17.26
C GLY D 322 -29.65 0.02 -17.16
N THR D 323 -30.21 -0.84 -18.04
CA THR D 323 -31.60 -1.23 -17.91
C THR D 323 -31.64 -2.73 -17.72
N ARG D 324 -32.79 -3.23 -17.24
CA ARG D 324 -32.99 -4.65 -17.05
C ARG D 324 -34.02 -5.15 -18.07
N ASP D 325 -34.28 -4.34 -19.12
CA ASP D 325 -35.27 -4.69 -20.13
C ASP D 325 -34.78 -5.91 -20.92
N PHE D 326 -35.69 -6.66 -21.55
CA PHE D 326 -35.28 -7.78 -22.40
C PHE D 326 -36.35 -8.03 -23.47
N VAL D 327 -36.06 -8.96 -24.40
CA VAL D 327 -36.97 -9.23 -25.51
C VAL D 327 -37.34 -10.72 -25.54
N LEU D 328 -38.59 -11.02 -25.89
CA LEU D 328 -39.04 -12.39 -26.14
C LEU D 328 -39.57 -12.47 -27.57
N HIS D 329 -39.31 -13.60 -28.22
CA HIS D 329 -39.65 -13.83 -29.62
C HIS D 329 -40.74 -14.90 -29.73
N THR D 330 -41.80 -14.60 -30.48
CA THR D 330 -42.67 -15.65 -30.99
C THR D 330 -42.53 -15.67 -32.50
N SER D 331 -43.21 -16.60 -33.19
CA SER D 331 -42.95 -16.67 -34.63
C SER D 331 -43.57 -15.47 -35.35
N LYS D 332 -44.58 -14.82 -34.77
CA LYS D 332 -45.23 -13.67 -35.40
C LYS D 332 -44.77 -12.31 -34.88
N HIS D 333 -44.19 -12.23 -33.67
CA HIS D 333 -43.91 -10.93 -33.06
C HIS D 333 -42.67 -10.99 -32.16
N ASP D 334 -42.06 -9.83 -31.91
CA ASP D 334 -41.18 -9.69 -30.76
C ASP D 334 -41.92 -8.89 -29.70
N PHE D 335 -41.51 -9.08 -28.44
CA PHE D 335 -42.12 -8.37 -27.31
C PHE D 335 -40.98 -7.77 -26.48
N LEU D 336 -41.11 -6.48 -26.19
CA LEU D 336 -40.21 -5.77 -25.29
C LEU D 336 -40.82 -5.88 -23.89
N CYS D 337 -40.02 -6.43 -22.97
CA CYS D 337 -40.39 -6.54 -21.57
C CYS D 337 -39.62 -5.46 -20.82
N ILE D 338 -40.36 -4.48 -20.30
CA ILE D 338 -39.73 -3.27 -19.83
C ILE D 338 -39.97 -3.09 -18.35
N LEU D 339 -38.87 -2.90 -17.60
CA LEU D 339 -38.88 -2.82 -16.14
C LEU D 339 -38.58 -1.39 -15.67
N ASP D 340 -38.87 -1.12 -14.38
CA ASP D 340 -38.50 0.13 -13.74
C ASP D 340 -39.21 1.30 -14.38
N LEU D 341 -40.49 1.13 -14.73
CA LEU D 341 -41.31 2.25 -15.17
C LEU D 341 -41.99 2.88 -13.96
N GLN D 342 -42.34 4.17 -14.11
CA GLN D 342 -43.12 4.83 -13.08
C GLN D 342 -44.50 5.23 -13.57
N VAL D 343 -45.34 5.67 -12.63
CA VAL D 343 -46.69 6.13 -12.94
C VAL D 343 -46.66 7.57 -13.46
N VAL D 344 -47.56 7.87 -14.39
CA VAL D 344 -47.67 9.21 -14.97
C VAL D 344 -48.75 10.01 -14.22
N GLY D 345 -48.37 11.16 -13.64
CA GLY D 345 -49.28 12.16 -13.11
C GLY D 345 -49.79 13.14 -14.18
N LYS D 346 -50.15 14.32 -13.73
CA LYS D 346 -50.63 15.38 -14.60
C LYS D 346 -50.25 16.74 -14.07
N ASP D 347 -49.68 17.58 -14.94
CA ASP D 347 -49.33 18.94 -14.62
C ASP D 347 -48.45 18.99 -13.42
N ASN D 348 -48.95 19.60 -12.38
CA ASN D 348 -48.30 19.71 -11.11
C ASN D 348 -48.03 18.40 -10.44
N VAL D 349 -48.91 17.43 -10.56
CA VAL D 349 -48.68 16.19 -9.90
C VAL D 349 -47.73 15.33 -10.72
N VAL D 350 -46.51 15.23 -10.22
CA VAL D 350 -45.50 14.47 -10.89
C VAL D 350 -45.19 13.27 -10.07
N LEU D 351 -45.32 12.14 -10.72
CA LEU D 351 -45.20 10.81 -10.10
C LEU D 351 -43.93 10.08 -10.56
N GLY D 352 -43.24 10.58 -11.61
CA GLY D 352 -41.95 10.04 -12.03
C GLY D 352 -41.94 9.59 -13.50
N GLY D 353 -43.11 9.25 -14.08
CA GLY D 353 -43.15 8.58 -15.38
C GLY D 353 -43.36 9.53 -16.57
N GLU D 354 -43.40 10.86 -16.33
CA GLU D 354 -43.95 11.77 -17.34
C GLU D 354 -42.99 12.16 -18.48
N GLY D 355 -41.66 12.21 -18.25
CA GLY D 355 -40.78 12.65 -19.32
C GLY D 355 -40.64 11.56 -20.40
N VAL D 356 -40.21 11.94 -21.60
CA VAL D 356 -39.84 10.95 -22.58
C VAL D 356 -38.77 10.01 -22.00
N ASN D 357 -38.90 8.70 -22.28
CA ASN D 357 -38.12 7.67 -21.60
C ASN D 357 -37.55 6.72 -22.65
N PRO D 358 -36.45 7.10 -23.32
CA PRO D 358 -35.89 6.26 -24.39
C PRO D 358 -35.26 4.96 -23.87
N ARG D 359 -35.80 3.81 -24.31
CA ARG D 359 -35.26 2.51 -23.97
C ARG D 359 -34.81 1.85 -25.26
N SER D 360 -33.54 1.40 -25.30
CA SER D 360 -32.93 0.88 -26.49
C SER D 360 -32.61 -0.60 -26.39
N PHE D 361 -32.52 -1.22 -27.58
CA PHE D 361 -32.28 -2.64 -27.76
C PHE D 361 -31.38 -2.77 -29.00
N VAL D 362 -30.54 -3.80 -28.99
CA VAL D 362 -29.56 -4.05 -30.03
C VAL D 362 -29.82 -5.47 -30.50
N GLY D 363 -30.04 -5.63 -31.82
CA GLY D 363 -30.23 -6.95 -32.40
C GLY D 363 -31.54 -7.04 -33.19
N ILE D 364 -32.29 -5.96 -33.33
CA ILE D 364 -33.46 -5.97 -34.19
C ILE D 364 -33.12 -5.34 -35.54
N GLY D 365 -33.16 -6.16 -36.59
CA GLY D 365 -32.67 -5.80 -37.93
C GLY D 365 -33.77 -5.54 -38.96
N GLN D 366 -35.04 -5.79 -38.62
CA GLN D 366 -36.14 -5.68 -39.56
C GLN D 366 -36.93 -4.39 -39.32
N PRO D 367 -37.42 -3.70 -40.38
CA PRO D 367 -38.24 -2.52 -40.17
C PRO D 367 -39.55 -2.82 -39.42
N ILE D 368 -39.96 -1.90 -38.55
CA ILE D 368 -41.10 -2.15 -37.68
C ILE D 368 -42.25 -1.30 -38.18
N GLN D 369 -43.47 -1.84 -38.12
CA GLN D 369 -44.62 -1.05 -38.48
C GLN D 369 -45.21 -0.36 -37.26
N ARG D 370 -45.35 -1.07 -36.13
CA ARG D 370 -46.08 -0.52 -35.00
C ARG D 370 -45.60 -1.22 -33.72
N ILE D 371 -45.62 -0.49 -32.61
CA ILE D 371 -45.32 -1.04 -31.29
C ILE D 371 -46.42 -0.56 -30.36
N HIS D 372 -46.97 -1.44 -29.51
CA HIS D 372 -48.02 -1.03 -28.59
C HIS D 372 -47.93 -1.81 -27.27
N TRP D 373 -48.28 -1.15 -26.17
CA TRP D 373 -48.40 -1.78 -24.87
C TRP D 373 -49.54 -2.80 -24.88
N LEU D 374 -49.30 -4.00 -24.35
CA LEU D 374 -50.34 -5.01 -24.19
C LEU D 374 -51.42 -4.56 -23.22
N ASP D 375 -51.09 -3.79 -22.18
CA ASP D 375 -52.11 -3.53 -21.16
C ASP D 375 -53.19 -2.57 -21.65
N ASN D 376 -52.90 -1.65 -22.58
CA ASN D 376 -53.90 -0.64 -22.89
C ASN D 376 -53.87 -0.28 -24.39
N ASP D 377 -53.03 -0.95 -25.19
CA ASP D 377 -52.98 -0.70 -26.63
C ASP D 377 -52.40 0.67 -27.01
N GLU D 378 -51.80 1.42 -26.09
CA GLU D 378 -51.17 2.67 -26.50
C GLU D 378 -50.04 2.38 -27.49
N VAL D 379 -49.99 3.16 -28.59
CA VAL D 379 -48.97 3.04 -29.60
C VAL D 379 -47.74 3.83 -29.16
N LEU D 380 -46.54 3.23 -29.30
CA LEU D 380 -45.32 3.85 -28.83
C LEU D 380 -44.58 4.47 -30.01
N SER D 381 -43.92 5.61 -29.80
CA SER D 381 -43.05 6.08 -30.86
C SER D 381 -41.68 5.39 -30.76
N PHE D 382 -40.98 5.27 -31.89
CA PHE D 382 -39.72 4.55 -31.94
C PHE D 382 -38.87 5.07 -33.10
N THR D 383 -37.56 4.80 -33.06
CA THR D 383 -36.64 5.05 -34.16
C THR D 383 -35.80 3.79 -34.31
N GLN D 384 -35.30 3.56 -35.54
CA GLN D 384 -34.46 2.41 -35.78
C GLN D 384 -33.21 2.86 -36.52
N ASP D 385 -32.10 2.19 -36.24
CA ASP D 385 -30.94 2.17 -37.12
C ASP D 385 -30.75 0.71 -37.56
N LEU D 386 -31.20 0.42 -38.78
CA LEU D 386 -31.23 -0.95 -39.26
C LEU D 386 -29.83 -1.51 -39.46
N ASP D 387 -28.85 -0.66 -39.81
CA ASP D 387 -27.49 -1.17 -40.02
C ASP D 387 -26.89 -1.67 -38.72
N LYS D 388 -27.10 -0.96 -37.62
CA LYS D 388 -26.49 -1.34 -36.35
C LYS D 388 -27.47 -2.17 -35.52
N LYS D 389 -28.70 -2.31 -36.02
CA LYS D 389 -29.72 -3.14 -35.40
C LYS D 389 -30.16 -2.54 -34.06
N VAL D 390 -30.36 -1.21 -34.06
CA VAL D 390 -30.76 -0.49 -32.86
C VAL D 390 -32.23 -0.12 -32.97
N LEU D 391 -32.98 -0.40 -31.90
CA LEU D 391 -34.32 0.08 -31.70
C LEU D 391 -34.37 0.93 -30.42
N THR D 392 -34.99 2.12 -30.52
CA THR D 392 -35.22 2.96 -29.35
C THR D 392 -36.70 3.29 -29.30
N VAL D 393 -37.38 3.01 -28.18
CA VAL D 393 -38.79 3.33 -28.02
C VAL D 393 -38.90 4.35 -26.89
N ASP D 394 -39.96 5.17 -26.97
CA ASP D 394 -40.29 6.02 -25.82
C ASP D 394 -41.24 5.21 -24.95
N ALA D 395 -40.70 4.64 -23.86
CA ALA D 395 -41.50 3.74 -23.03
C ALA D 395 -42.29 4.59 -22.03
N THR D 396 -43.53 4.94 -22.40
CA THR D 396 -44.33 5.80 -21.56
C THR D 396 -44.63 5.09 -20.23
N GLY D 397 -44.85 5.91 -19.18
CA GLY D 397 -45.08 5.37 -17.85
C GLY D 397 -46.53 4.88 -17.72
N TYR D 398 -46.86 4.31 -16.56
CA TYR D 398 -48.17 3.71 -16.39
C TYR D 398 -49.23 4.79 -16.31
N PRO D 399 -50.44 4.54 -16.88
CA PRO D 399 -51.60 5.36 -16.53
C PRO D 399 -51.81 5.38 -15.03
N TYR D 400 -52.11 6.56 -14.47
CA TYR D 400 -52.39 6.67 -13.06
C TYR D 400 -53.43 5.60 -12.70
N GLY D 401 -53.20 4.96 -11.54
CA GLY D 401 -54.13 3.94 -11.09
C GLY D 401 -53.72 2.54 -11.52
N SER D 402 -52.60 2.42 -12.24
CA SER D 402 -52.16 1.07 -12.57
C SER D 402 -50.62 0.99 -12.52
N ASP D 403 -50.10 -0.24 -12.41
CA ASP D 403 -48.65 -0.47 -12.33
C ASP D 403 -48.42 -1.97 -12.50
N TRP D 404 -47.86 -2.36 -13.66
CA TRP D 404 -47.79 -3.76 -14.06
C TRP D 404 -46.47 -4.39 -13.64
N VAL D 405 -45.53 -3.59 -13.11
CA VAL D 405 -44.23 -4.09 -12.67
C VAL D 405 -43.34 -4.47 -13.85
N VAL D 406 -43.77 -5.45 -14.67
CA VAL D 406 -43.10 -5.72 -15.94
C VAL D 406 -44.11 -5.39 -17.04
N ARG D 407 -43.83 -4.35 -17.84
CA ARG D 407 -44.77 -3.92 -18.88
C ARG D 407 -44.31 -4.49 -20.21
N ILE D 408 -45.27 -4.87 -21.07
CA ILE D 408 -44.91 -5.61 -22.29
C ILE D 408 -45.42 -4.88 -23.51
N ALA D 409 -44.53 -4.60 -24.46
CA ALA D 409 -44.89 -3.95 -25.72
C ALA D 409 -44.73 -4.97 -26.84
N GLN D 410 -45.77 -5.10 -27.66
CA GLN D 410 -45.73 -5.98 -28.82
C GLN D 410 -45.23 -5.20 -30.05
N ILE D 411 -44.27 -5.80 -30.75
CA ILE D 411 -43.76 -5.29 -32.02
C ILE D 411 -44.48 -5.99 -33.18
N ASP D 412 -45.07 -5.20 -34.09
CA ASP D 412 -45.60 -5.67 -35.38
C ASP D 412 -44.64 -5.25 -36.48
N TYR D 413 -44.07 -6.24 -37.16
CA TYR D 413 -43.15 -5.98 -38.27
C TYR D 413 -43.90 -5.64 -39.56
N GLU D 414 -43.24 -4.86 -40.40
CA GLU D 414 -43.67 -4.60 -41.78
C GLU D 414 -43.60 -5.90 -42.59
N THR E 2 90.28 12.81 14.00
CA THR E 2 90.36 14.03 13.15
C THR E 2 88.97 14.65 13.07
N GLU E 3 88.97 15.93 12.68
CA GLU E 3 87.77 16.75 12.69
C GLU E 3 87.12 16.70 11.31
N PRO E 4 85.78 16.56 11.22
CA PRO E 4 85.11 16.59 9.92
C PRO E 4 85.37 17.89 9.15
N LEU E 5 85.59 17.79 7.84
CA LEU E 5 85.59 18.96 6.97
C LEU E 5 84.31 19.77 7.18
N PRO E 6 84.33 21.11 7.02
CA PRO E 6 83.10 21.90 7.10
C PRO E 6 81.88 21.31 6.38
N ARG E 7 82.07 20.80 5.14
CA ARG E 7 80.92 20.40 4.36
C ARG E 7 80.28 19.15 4.98
N ILE E 8 81.12 18.33 5.65
CA ILE E 8 80.67 17.12 6.29
C ILE E 8 79.96 17.42 7.62
N GLN E 9 80.49 18.39 8.38
CA GLN E 9 79.81 18.91 9.57
C GLN E 9 78.42 19.40 9.17
N HIS E 10 78.33 20.13 8.04
CA HIS E 10 77.06 20.65 7.59
C HIS E 10 76.12 19.50 7.24
N TYR E 11 76.68 18.44 6.64
CA TYR E 11 75.94 17.26 6.24
C TYR E 11 75.29 16.60 7.46
N GLU E 12 76.06 16.41 8.53
CA GLU E 12 75.56 15.75 9.73
C GLU E 12 74.45 16.57 10.38
N ASP E 13 74.45 17.88 10.15
CA ASP E 13 73.42 18.74 10.72
C ASP E 13 72.12 18.63 9.92
N LEU E 14 72.17 18.04 8.71
CA LEU E 14 70.98 17.94 7.90
C LEU E 14 70.00 16.96 8.58
N GLY E 15 70.55 15.86 9.12
CA GLY E 15 69.76 14.91 9.91
C GLY E 15 68.91 13.99 9.05
N LEU E 16 67.94 14.58 8.34
CA LEU E 16 66.89 13.84 7.66
C LEU E 16 66.83 14.32 6.21
N GLY E 17 66.83 13.36 5.29
CA GLY E 17 66.56 13.68 3.90
C GLY E 17 65.41 12.84 3.35
N LEU E 18 64.84 13.31 2.25
CA LEU E 18 63.85 12.56 1.52
C LEU E 18 64.51 11.94 0.29
N PHE E 19 64.33 10.62 0.12
CA PHE E 19 64.81 9.91 -1.05
C PHE E 19 63.64 9.77 -2.01
N ILE E 20 63.86 10.06 -3.31
CA ILE E 20 62.79 9.97 -4.30
C ILE E 20 63.22 9.09 -5.47
N HIS E 21 62.48 7.99 -5.70
CA HIS E 21 62.68 7.10 -6.82
C HIS E 21 61.60 7.36 -7.85
N TRP E 22 62.03 7.77 -9.03
CA TRP E 22 61.13 8.03 -10.14
C TRP E 22 61.89 7.79 -11.44
N GLY E 23 61.33 6.94 -12.31
CA GLY E 23 61.92 6.64 -13.59
C GLY E 23 60.86 6.03 -14.50
N LEU E 24 61.29 5.38 -15.60
CA LEU E 24 60.32 4.78 -16.50
C LEU E 24 59.59 3.66 -15.76
N TYR E 25 60.31 2.97 -14.86
CA TYR E 25 59.76 1.86 -14.10
C TYR E 25 58.48 2.28 -13.37
N SER E 26 58.39 3.55 -12.99
CA SER E 26 57.25 4.03 -12.20
C SER E 26 55.94 3.79 -12.93
N GLN E 27 55.99 3.81 -14.27
CA GLN E 27 54.74 3.63 -15.02
C GLN E 27 54.16 2.23 -14.82
N MET E 28 54.97 1.23 -14.46
CA MET E 28 54.43 -0.12 -14.33
C MET E 28 54.06 -0.45 -12.88
N ALA E 29 54.65 0.27 -11.90
CA ALA E 29 54.27 0.14 -10.50
C ALA E 29 54.51 -1.27 -9.99
N VAL E 30 55.61 -1.90 -10.45
CA VAL E 30 55.98 -3.22 -9.96
C VAL E 30 57.45 -3.20 -9.56
N GLY E 31 57.95 -2.08 -9.00
CA GLY E 31 59.31 -2.05 -8.51
C GLY E 31 60.30 -1.49 -9.54
N GLU E 32 61.39 -0.86 -9.05
CA GLU E 32 62.33 -0.19 -9.92
C GLU E 32 63.23 -1.18 -10.68
N TRP E 33 63.38 -2.42 -10.19
CA TRP E 33 64.20 -3.42 -10.87
C TRP E 33 63.40 -4.22 -11.90
N THR E 34 62.19 -3.78 -12.27
CA THR E 34 61.29 -4.62 -13.07
C THR E 34 61.95 -5.09 -14.38
N GLU E 35 62.72 -4.21 -15.06
CA GLU E 35 63.27 -4.57 -16.36
C GLU E 35 64.14 -5.82 -16.26
N LEU E 36 65.04 -5.87 -15.28
CA LEU E 36 65.91 -7.03 -15.11
C LEU E 36 65.14 -8.19 -14.49
N ILE E 37 64.46 -7.96 -13.35
CA ILE E 37 63.95 -9.08 -12.57
C ILE E 37 62.78 -9.78 -13.28
N HIS E 38 61.96 -9.03 -14.01
CA HIS E 38 60.86 -9.65 -14.72
C HIS E 38 61.28 -10.05 -16.15
N HIS E 39 62.60 -9.98 -16.46
CA HIS E 39 63.15 -10.45 -17.73
C HIS E 39 62.40 -9.80 -18.90
N ARG E 40 62.27 -8.48 -18.90
CA ARG E 40 61.46 -7.86 -19.94
C ARG E 40 62.29 -7.70 -21.21
N ASN E 41 61.60 -7.68 -22.36
CA ASN E 41 62.22 -7.29 -23.61
C ASN E 41 62.71 -5.82 -23.52
N GLN E 42 64.01 -5.61 -23.71
CA GLN E 42 64.56 -4.27 -23.57
C GLN E 42 63.88 -3.26 -24.48
N HIS E 43 63.68 -3.62 -25.75
CA HIS E 43 63.11 -2.69 -26.71
C HIS E 43 61.72 -2.26 -26.23
N ASP E 44 60.92 -3.21 -25.75
CA ASP E 44 59.55 -2.95 -25.36
C ASP E 44 59.51 -2.08 -24.11
N TYR E 45 60.35 -2.41 -23.12
CA TYR E 45 60.44 -1.64 -21.90
C TYR E 45 60.83 -0.19 -22.20
N GLU E 46 61.83 0.01 -23.07
CA GLU E 46 62.35 1.35 -23.36
C GLU E 46 61.33 2.22 -24.10
N GLN E 47 60.28 1.60 -24.67
CA GLN E 47 59.18 2.37 -25.27
C GLN E 47 58.45 3.24 -24.23
N LEU E 48 58.61 2.94 -22.93
CA LEU E 48 58.00 3.71 -21.87
C LEU E 48 58.44 5.18 -21.94
N ILE E 49 59.58 5.47 -22.61
CA ILE E 49 59.95 6.86 -22.81
C ILE E 49 58.84 7.64 -23.53
N LYS E 50 58.06 6.98 -24.38
CA LYS E 50 57.08 7.67 -25.22
C LYS E 50 55.89 8.14 -24.41
N THR E 51 55.67 7.54 -23.22
CA THR E 51 54.54 7.93 -22.38
C THR E 51 55.04 8.63 -21.10
N PHE E 52 56.32 9.01 -21.07
CA PHE E 52 56.87 9.74 -19.94
C PHE E 52 56.53 11.23 -20.09
N THR E 53 55.36 11.65 -19.59
CA THR E 53 54.88 13.01 -19.78
C THR E 53 55.30 13.91 -18.62
N ALA E 54 55.58 13.31 -17.45
CA ALA E 54 55.79 14.08 -16.23
C ALA E 54 54.62 15.03 -15.95
N ALA E 55 53.41 14.66 -16.38
CA ALA E 55 52.25 15.54 -16.31
C ALA E 55 51.92 15.93 -14.87
N GLN E 56 52.35 15.15 -13.85
CA GLN E 56 51.97 15.53 -12.50
C GLN E 56 53.19 15.84 -11.65
N PHE E 57 54.34 16.02 -12.29
CA PHE E 57 55.52 16.31 -11.51
C PHE E 57 55.54 17.81 -11.22
N ASP E 58 55.54 18.17 -9.95
CA ASP E 58 55.66 19.55 -9.55
C ASP E 58 56.76 19.67 -8.50
N ALA E 59 57.94 20.14 -8.92
CA ALA E 59 59.09 20.15 -8.05
C ALA E 59 58.83 21.05 -6.84
N LYS E 60 58.01 22.09 -7.01
CA LYS E 60 57.72 23.01 -5.92
C LYS E 60 56.92 22.28 -4.83
N LYS E 61 55.94 21.46 -5.25
CA LYS E 61 55.16 20.70 -4.30
C LYS E 61 56.06 19.70 -3.55
N ILE E 62 56.98 19.06 -4.28
CA ILE E 62 57.87 18.10 -3.66
C ILE E 62 58.77 18.78 -2.65
N ALA E 63 59.34 19.93 -3.02
CA ALA E 63 60.22 20.64 -2.10
C ALA E 63 59.44 21.10 -0.86
N HIS E 64 58.21 21.57 -1.05
CA HIS E 64 57.36 21.99 0.05
C HIS E 64 57.11 20.82 1.01
N ALA E 65 56.75 19.68 0.45
CA ALA E 65 56.50 18.48 1.25
C ALA E 65 57.76 18.09 2.04
N ALA E 66 58.93 18.14 1.40
CA ALA E 66 60.16 17.82 2.10
C ALA E 66 60.42 18.78 3.27
N LYS E 67 60.16 20.08 3.05
CA LYS E 67 60.32 21.07 4.11
C LYS E 67 59.37 20.76 5.26
N ALA E 68 58.10 20.48 4.97
CA ALA E 68 57.07 20.22 5.97
C ALA E 68 57.42 18.97 6.79
N VAL E 69 58.06 17.97 6.18
CA VAL E 69 58.34 16.74 6.87
C VAL E 69 59.60 16.93 7.74
N GLY E 70 60.27 18.10 7.63
CA GLY E 70 61.48 18.35 8.38
C GLY E 70 62.77 17.86 7.71
N ALA E 71 62.71 17.47 6.42
CA ALA E 71 63.92 17.09 5.68
C ALA E 71 64.73 18.33 5.33
N LYS E 72 66.06 18.20 5.26
CA LYS E 72 66.92 19.31 4.92
C LYS E 72 67.63 19.09 3.58
N TYR E 73 67.41 17.92 2.97
CA TYR E 73 67.91 17.62 1.63
C TYR E 73 67.03 16.57 0.97
N ILE E 74 67.14 16.48 -0.36
CA ILE E 74 66.39 15.53 -1.16
C ILE E 74 67.37 14.84 -2.11
N VAL E 75 67.33 13.50 -2.13
CA VAL E 75 68.07 12.72 -3.08
C VAL E 75 67.10 12.25 -4.15
N LEU E 76 67.27 12.73 -5.40
CA LEU E 76 66.43 12.35 -6.53
C LEU E 76 67.19 11.41 -7.46
N THR E 77 66.53 10.33 -7.91
CA THR E 77 67.13 9.45 -8.90
C THR E 77 67.27 10.21 -10.24
N THR E 78 68.50 10.58 -10.63
CA THR E 78 68.67 11.27 -11.91
C THR E 78 68.83 10.26 -13.05
N LYS E 79 69.29 9.04 -12.72
CA LYS E 79 69.36 7.91 -13.63
C LYS E 79 69.48 6.63 -12.81
N HIS E 80 68.51 5.72 -12.95
CA HIS E 80 68.57 4.45 -12.22
C HIS E 80 69.18 3.36 -13.11
N HIS E 81 69.13 2.09 -12.69
CA HIS E 81 69.74 1.02 -13.47
C HIS E 81 69.15 0.98 -14.90
N GLU E 82 67.86 1.27 -15.05
CA GLU E 82 67.25 1.23 -16.36
C GLU E 82 67.99 2.18 -17.33
N GLY E 83 68.70 3.18 -16.81
CA GLY E 83 69.62 3.95 -17.62
C GLY E 83 68.99 5.17 -18.29
N PHE E 84 67.72 5.49 -17.95
CA PHE E 84 67.04 6.67 -18.46
C PHE E 84 67.37 7.92 -17.63
N PHE E 85 67.70 9.02 -18.28
CA PHE E 85 68.16 10.22 -17.59
C PHE E 85 67.05 11.24 -17.47
N LEU E 86 66.89 11.77 -16.25
CA LEU E 86 65.81 12.72 -15.97
C LEU E 86 66.25 14.15 -16.28
N TYR E 87 67.40 14.31 -16.94
CA TYR E 87 67.88 15.64 -17.29
C TYR E 87 68.40 15.68 -18.73
N ASP E 88 68.76 16.87 -19.21
CA ASP E 88 69.27 17.04 -20.55
C ASP E 88 70.73 16.61 -20.59
N THR E 89 71.01 15.50 -21.27
CA THR E 89 72.38 15.00 -21.27
C THR E 89 73.23 15.69 -22.34
N LYS E 90 72.66 16.69 -23.05
CA LYS E 90 73.39 17.56 -23.97
C LYS E 90 74.09 16.73 -25.06
N GLY E 91 73.39 15.74 -25.62
CA GLY E 91 73.91 14.92 -26.68
C GLY E 91 74.56 13.62 -26.24
N LEU E 92 74.81 13.42 -24.93
CA LEU E 92 75.42 12.16 -24.52
C LEU E 92 74.52 10.97 -24.84
N SER E 93 73.19 11.15 -24.71
CA SER E 93 72.29 10.03 -24.91
C SER E 93 70.95 10.51 -25.47
N ASP E 94 70.28 9.67 -26.26
CA ASP E 94 68.93 10.02 -26.68
C ASP E 94 67.88 9.47 -25.70
N PHE E 95 68.33 8.70 -24.70
CA PHE E 95 67.40 8.07 -23.76
C PHE E 95 67.27 8.99 -22.53
N ASP E 96 66.75 10.20 -22.75
CA ASP E 96 66.68 11.20 -21.70
C ASP E 96 65.37 11.96 -21.83
N VAL E 97 65.10 12.83 -20.86
CA VAL E 97 63.79 13.43 -20.74
C VAL E 97 63.54 14.41 -21.90
N MET E 98 64.61 14.93 -22.52
CA MET E 98 64.44 15.83 -23.65
C MET E 98 63.90 15.08 -24.88
N HIS E 99 63.99 13.75 -24.90
CA HIS E 99 63.46 12.95 -25.98
C HIS E 99 62.15 12.30 -25.58
N ALA E 100 61.57 12.75 -24.45
CA ALA E 100 60.28 12.23 -24.02
C ALA E 100 59.24 13.33 -24.19
N PRO E 101 57.98 13.01 -24.14
CA PRO E 101 56.98 14.04 -24.31
C PRO E 101 57.09 15.15 -23.28
N ALA E 102 57.63 14.89 -22.13
CA ALA E 102 57.73 15.91 -21.13
C ALA E 102 58.53 17.12 -21.60
N ARG E 103 59.65 16.91 -22.28
CA ARG E 103 60.51 17.95 -22.81
C ARG E 103 60.95 18.98 -21.79
N ARG E 104 61.26 18.56 -20.58
CA ARG E 104 61.68 19.46 -19.56
C ARG E 104 62.86 18.91 -18.85
N ASP E 105 63.79 19.74 -18.43
CA ASP E 105 64.89 19.23 -17.67
C ASP E 105 64.35 19.22 -16.24
N LEU E 106 64.03 18.02 -15.76
CA LEU E 106 63.40 17.82 -14.46
C LEU E 106 64.40 18.11 -13.34
N ILE E 107 65.68 17.82 -13.58
CA ILE E 107 66.71 18.15 -12.61
C ILE E 107 66.81 19.67 -12.43
N ALA E 108 66.62 20.46 -13.50
CA ALA E 108 66.69 21.91 -13.36
C ALA E 108 65.51 22.38 -12.51
N GLU E 109 64.31 21.83 -12.75
CA GLU E 109 63.14 22.17 -11.96
C GLU E 109 63.40 21.81 -10.49
N PHE E 110 64.03 20.65 -10.24
CA PHE E 110 64.25 20.13 -8.92
C PHE E 110 65.22 21.04 -8.15
N VAL E 111 66.31 21.42 -8.79
CA VAL E 111 67.33 22.22 -8.14
C VAL E 111 66.77 23.59 -7.74
N ALA E 112 65.96 24.21 -8.64
CA ALA E 112 65.40 25.52 -8.37
C ALA E 112 64.43 25.41 -7.17
N ALA E 113 63.60 24.35 -7.18
CA ALA E 113 62.63 24.14 -6.12
C ALA E 113 63.33 23.94 -4.77
N CYS E 114 64.43 23.17 -4.76
CA CYS E 114 65.18 22.96 -3.53
C CYS E 114 65.72 24.27 -2.98
N ARG E 115 66.28 25.10 -3.87
CA ARG E 115 66.93 26.32 -3.42
C ARG E 115 65.91 27.27 -2.82
N GLU E 116 64.71 27.35 -3.40
CA GLU E 116 63.73 28.25 -2.87
C GLU E 116 63.27 27.82 -1.48
N GLU E 117 63.44 26.54 -1.10
CA GLU E 117 62.98 26.05 0.19
C GLU E 117 64.17 25.85 1.13
N ASP E 118 65.36 26.30 0.72
CA ASP E 118 66.58 26.13 1.49
C ASP E 118 66.90 24.64 1.73
N LEU E 119 66.66 23.79 0.74
CA LEU E 119 67.04 22.38 0.85
C LEU E 119 68.25 22.13 -0.04
N LEU E 120 69.16 21.23 0.37
CA LEU E 120 70.23 20.82 -0.53
C LEU E 120 69.74 19.79 -1.55
N PRO E 121 69.96 20.01 -2.88
CA PRO E 121 69.65 18.99 -3.89
C PRO E 121 70.77 17.97 -4.04
N PHE E 122 70.41 16.68 -3.98
CA PHE E 122 71.39 15.63 -4.14
C PHE E 122 70.99 14.78 -5.33
N PHE E 123 71.99 14.29 -6.08
CA PHE E 123 71.71 13.55 -7.30
C PHE E 123 72.10 12.10 -7.12
N TYR E 124 71.11 11.19 -7.17
CA TYR E 124 71.43 9.78 -7.18
C TYR E 124 71.80 9.43 -8.61
N MET E 125 72.84 8.60 -8.75
CA MET E 125 73.27 8.15 -10.08
C MET E 125 73.63 6.66 -9.97
N ALA E 126 72.97 5.84 -10.79
CA ALA E 126 73.30 4.41 -10.81
C ALA E 126 74.55 4.18 -11.67
N THR E 127 75.51 3.43 -11.12
CA THR E 127 76.71 3.16 -11.88
C THR E 127 76.59 1.82 -12.62
N TYR E 128 75.66 0.97 -12.19
CA TYR E 128 75.34 -0.24 -12.92
C TYR E 128 74.19 0.08 -13.87
N ASP E 129 74.44 -0.06 -15.19
CA ASP E 129 73.55 0.52 -16.20
C ASP E 129 73.08 -0.59 -17.16
N TRP E 130 71.76 -0.73 -17.36
CA TRP E 130 71.20 -1.78 -18.19
C TRP E 130 70.91 -1.28 -19.59
N HIS E 131 71.07 0.04 -19.82
CA HIS E 131 70.68 0.60 -21.11
C HIS E 131 71.82 0.52 -22.14
N THR E 132 72.99 1.05 -21.82
CA THR E 132 74.08 1.13 -22.80
C THR E 132 74.81 -0.21 -22.90
N PRO E 133 74.95 -0.78 -24.12
CA PRO E 133 75.77 -1.99 -24.31
C PRO E 133 77.24 -1.79 -23.94
N LEU E 134 77.69 -0.53 -23.80
CA LEU E 134 79.04 -0.28 -23.32
C LEU E 134 79.33 -1.03 -22.02
N TYR E 135 78.33 -1.17 -21.16
CA TYR E 135 78.58 -1.72 -19.85
C TYR E 135 79.18 -3.10 -19.82
N ASP E 136 78.66 -4.00 -20.62
CA ASP E 136 79.23 -5.31 -20.69
C ASP E 136 80.31 -5.47 -21.78
N ASP E 137 80.06 -4.88 -22.94
CA ASP E 137 80.94 -4.90 -24.10
C ASP E 137 82.27 -4.15 -24.06
N ASP E 138 82.30 -2.98 -23.46
CA ASP E 138 83.52 -2.19 -23.35
C ASP E 138 83.48 -1.37 -22.08
N PHE E 139 83.84 -1.95 -20.97
CA PHE E 139 83.75 -1.29 -19.68
C PHE E 139 84.55 -0.01 -19.55
N PRO E 140 85.78 0.04 -20.06
CA PRO E 140 86.52 1.30 -20.03
C PRO E 140 85.78 2.45 -20.72
N ALA E 141 85.11 2.14 -21.83
CA ALA E 141 84.35 3.16 -22.55
C ALA E 141 83.07 3.52 -21.77
N TYR E 142 82.50 2.52 -21.06
CA TYR E 142 81.39 2.76 -20.14
C TYR E 142 81.78 3.80 -19.09
N LEU E 143 82.96 3.62 -18.49
CA LEU E 143 83.44 4.56 -17.48
C LEU E 143 83.49 5.98 -18.01
N THR E 144 83.82 6.15 -19.30
CA THR E 144 83.88 7.48 -19.89
C THR E 144 82.47 8.08 -19.96
N TYR E 145 81.50 7.22 -20.34
CA TYR E 145 80.11 7.63 -20.48
C TYR E 145 79.54 8.00 -19.10
N LEU E 146 79.81 7.15 -18.10
CA LEU E 146 79.36 7.40 -16.74
C LEU E 146 79.92 8.75 -16.29
N GLN E 147 81.23 8.93 -16.47
CA GLN E 147 81.89 10.15 -16.03
C GLN E 147 81.33 11.38 -16.73
N LYS E 148 81.04 11.26 -18.03
CA LYS E 148 80.50 12.40 -18.77
C LYS E 148 79.09 12.74 -18.24
N SER E 149 78.30 11.69 -17.94
CA SER E 149 76.94 11.93 -17.45
C SER E 149 76.97 12.67 -16.10
N VAL E 150 77.99 12.39 -15.28
CA VAL E 150 78.14 13.09 -14.03
C VAL E 150 78.67 14.50 -14.24
N GLU E 151 79.54 14.67 -15.24
CA GLU E 151 80.11 15.97 -15.55
C GLU E 151 79.00 16.95 -15.94
N VAL E 152 78.00 16.48 -16.72
CA VAL E 152 76.88 17.34 -17.06
C VAL E 152 76.21 17.87 -15.79
N LEU E 153 76.02 16.97 -14.80
CA LEU E 153 75.34 17.31 -13.56
C LEU E 153 76.19 18.32 -12.79
N CYS E 154 77.52 18.21 -12.91
CA CYS E 154 78.42 19.11 -12.19
C CYS E 154 78.55 20.49 -12.83
N ARG E 155 78.07 20.69 -14.06
CA ARG E 155 78.38 21.92 -14.78
C ARG E 155 77.14 22.72 -15.20
N ASN E 156 75.93 22.15 -15.10
CA ASN E 156 74.79 22.83 -15.70
C ASN E 156 73.71 23.25 -14.70
N TYR E 157 73.97 23.11 -13.39
CA TYR E 157 72.89 23.25 -12.43
C TYR E 157 73.27 24.15 -11.26
N GLY E 158 74.45 24.78 -11.31
CA GLY E 158 74.94 25.56 -10.20
C GLY E 158 75.50 24.65 -9.09
N PRO E 159 75.71 25.18 -7.86
CA PRO E 159 76.24 24.37 -6.76
C PRO E 159 75.30 23.23 -6.37
N VAL E 160 75.86 22.03 -6.22
CA VAL E 160 75.04 20.85 -6.01
C VAL E 160 75.32 20.37 -4.58
N GLY E 161 74.25 19.98 -3.86
CA GLY E 161 74.45 19.54 -2.48
C GLY E 161 75.32 18.29 -2.41
N GLY E 162 75.07 17.33 -3.31
CA GLY E 162 75.81 16.09 -3.24
C GLY E 162 75.42 15.11 -4.34
N PHE E 163 76.19 14.01 -4.42
CA PHE E 163 75.96 12.92 -5.34
C PHE E 163 75.86 11.66 -4.49
N TRP E 164 74.96 10.78 -4.92
CA TRP E 164 74.68 9.54 -4.23
C TRP E 164 74.88 8.41 -5.23
N PHE E 165 76.01 7.72 -5.11
CA PHE E 165 76.44 6.76 -6.12
C PHE E 165 76.05 5.35 -5.68
N ASP E 166 75.44 4.62 -6.61
CA ASP E 166 74.99 3.29 -6.28
C ASP E 166 75.35 2.31 -7.39
N GLY E 167 76.12 1.26 -7.10
CA GLY E 167 76.10 0.14 -8.02
C GLY E 167 77.48 -0.44 -8.40
N ASN E 168 78.54 0.10 -7.80
CA ASN E 168 79.88 -0.42 -7.99
C ASN E 168 79.94 -1.88 -7.50
N TRP E 169 79.04 -2.22 -6.58
CA TRP E 169 78.88 -3.57 -6.02
C TRP E 169 78.58 -4.60 -7.11
N ASN E 170 78.14 -4.16 -8.31
CA ASN E 170 77.85 -5.10 -9.38
C ASN E 170 79.14 -5.74 -9.92
N LYS E 171 80.26 -5.00 -9.94
CA LYS E 171 81.55 -5.53 -10.33
C LYS E 171 82.56 -5.19 -9.24
N LYS E 172 82.62 -6.01 -8.18
CA LYS E 172 83.41 -5.71 -6.98
C LYS E 172 84.90 -5.67 -7.33
N ASP E 173 85.31 -6.39 -8.40
CA ASP E 173 86.72 -6.58 -8.72
C ASP E 173 87.24 -5.54 -9.72
N ALA E 174 86.36 -4.83 -10.44
CA ALA E 174 86.76 -3.97 -11.54
C ALA E 174 87.43 -2.71 -11.04
N ASP E 175 88.22 -2.09 -11.92
CA ASP E 175 88.77 -0.77 -11.66
C ASP E 175 87.74 0.24 -12.14
N TRP E 176 87.14 1.00 -11.19
CA TRP E 176 86.10 1.96 -11.49
C TRP E 176 86.65 3.36 -11.74
N HIS E 177 87.98 3.52 -11.58
CA HIS E 177 88.62 4.80 -11.87
C HIS E 177 87.95 5.91 -11.05
N LEU E 178 87.86 5.64 -9.73
CA LEU E 178 87.23 6.57 -8.81
C LEU E 178 88.04 7.85 -8.67
N PRO E 179 89.41 7.79 -8.59
CA PRO E 179 90.21 9.03 -8.54
C PRO E 179 89.82 10.02 -9.63
N GLU E 180 89.57 9.52 -10.85
CA GLU E 180 89.24 10.38 -11.97
C GLU E 180 87.81 10.90 -11.87
N LEU E 181 86.86 10.02 -11.51
CA LEU E 181 85.46 10.42 -11.37
C LEU E 181 85.31 11.44 -10.24
N TYR E 182 85.75 11.10 -9.06
CA TYR E 182 85.63 11.97 -7.90
C TYR E 182 86.47 13.20 -8.05
N GLY E 183 87.60 13.06 -8.69
CA GLY E 183 88.47 14.17 -8.94
C GLY E 183 87.81 15.20 -9.81
N MET E 184 87.07 14.77 -10.80
CA MET E 184 86.38 15.70 -11.64
C MET E 184 85.29 16.41 -10.87
N ILE E 185 84.61 15.71 -9.98
CA ILE E 185 83.58 16.30 -9.18
C ILE E 185 84.16 17.36 -8.28
N ARG E 186 85.31 17.10 -7.69
CA ARG E 186 85.95 18.07 -6.86
C ARG E 186 86.38 19.29 -7.64
N HIS E 187 86.82 19.12 -8.85
CA HIS E 187 87.20 20.27 -9.61
C HIS E 187 86.04 21.21 -9.87
N TYR E 188 84.91 20.69 -10.30
CA TYR E 188 83.74 21.50 -10.58
C TYR E 188 82.79 21.80 -9.44
N GLN E 189 82.78 20.92 -8.45
CA GLN E 189 81.85 21.02 -7.33
C GLN E 189 82.62 20.78 -6.04
N PRO E 190 83.58 21.66 -5.66
CA PRO E 190 84.45 21.37 -4.51
C PRO E 190 83.68 21.07 -3.21
N ASN E 191 82.47 21.64 -3.12
CA ASN E 191 81.66 21.60 -1.91
C ASN E 191 80.62 20.47 -1.88
N ALA E 192 80.52 19.66 -2.93
CA ALA E 192 79.49 18.63 -3.02
C ALA E 192 79.81 17.49 -2.04
N ILE E 193 78.77 16.96 -1.39
CA ILE E 193 78.95 15.76 -0.58
C ILE E 193 78.94 14.54 -1.52
N ILE E 194 79.96 13.69 -1.43
CA ILE E 194 79.96 12.46 -2.22
C ILE E 194 79.60 11.29 -1.31
N VAL E 195 78.49 10.64 -1.64
CA VAL E 195 78.00 9.51 -0.90
C VAL E 195 78.10 8.25 -1.73
N SER E 196 78.58 7.18 -1.12
CA SER E 196 78.68 5.93 -1.81
C SER E 196 77.97 4.80 -1.11
N ASN E 197 77.18 4.06 -1.85
CA ASN E 197 76.45 2.94 -1.36
C ASN E 197 77.36 1.75 -1.20
N THR E 198 78.17 1.48 -2.18
CA THR E 198 79.09 0.36 -2.07
C THR E 198 80.06 0.48 -0.91
N VAL E 206 87.71 2.41 3.20
CA VAL E 206 86.84 3.26 2.33
C VAL E 206 87.37 3.21 0.89
N SER E 207 86.48 3.32 -0.08
CA SER E 207 86.84 2.93 -1.44
C SER E 207 87.60 4.02 -2.20
N ASP E 208 87.63 5.25 -1.66
CA ASP E 208 88.36 6.34 -2.26
C ASP E 208 88.43 7.51 -1.28
N PRO E 209 89.58 8.21 -1.17
CA PRO E 209 89.72 9.33 -0.23
C PRO E 209 88.68 10.43 -0.41
N GLU E 210 88.09 10.56 -1.61
CA GLU E 210 87.19 11.68 -1.87
C GLU E 210 85.77 11.41 -1.36
N ILE E 211 85.44 10.15 -1.01
CA ILE E 211 84.14 9.83 -0.42
C ILE E 211 83.96 10.56 0.91
N ASP E 212 82.79 11.16 1.12
CA ASP E 212 82.45 11.92 2.32
C ASP E 212 81.52 11.15 3.27
N VAL E 213 80.68 10.27 2.71
CA VAL E 213 79.63 9.60 3.46
C VAL E 213 79.51 8.17 2.94
N VAL E 214 79.31 7.26 3.85
CA VAL E 214 79.15 5.86 3.58
C VAL E 214 77.77 5.42 4.08
N THR E 215 77.11 4.53 3.38
CA THR E 215 75.83 3.99 3.80
C THR E 215 75.90 2.75 4.68
N TYR E 216 74.96 2.63 5.58
CA TYR E 216 74.91 1.52 6.51
C TYR E 216 73.53 0.97 6.57
N GLU E 217 73.43 -0.28 7.00
CA GLU E 217 72.18 -0.96 7.18
C GLU E 217 71.44 -0.31 8.31
N ARG E 218 70.14 -0.21 8.17
CA ARG E 218 69.37 0.50 9.16
C ARG E 218 69.38 -0.11 10.52
N ARG E 219 69.63 -1.40 10.59
CA ARG E 219 69.60 -2.10 11.86
C ARG E 219 70.96 -2.05 12.57
N THR E 220 71.97 -1.35 12.00
CA THR E 220 73.27 -1.27 12.65
C THR E 220 73.07 -0.94 14.13
N PRO E 221 73.55 -1.78 15.08
CA PRO E 221 73.24 -1.57 16.51
C PRO E 221 74.02 -0.43 17.17
N ASP E 222 75.28 -0.21 16.74
CA ASP E 222 76.19 0.67 17.47
C ASP E 222 76.58 1.87 16.61
N GLU E 223 77.10 2.91 17.28
CA GLU E 223 77.64 4.10 16.64
C GLU E 223 78.53 3.73 15.44
N ILE E 224 78.35 4.42 14.31
CA ILE E 224 78.96 4.01 13.05
C ILE E 224 80.46 4.36 13.05
N TYR E 225 81.16 3.82 12.03
CA TYR E 225 82.59 4.01 11.86
C TYR E 225 82.92 5.30 11.10
N HIS E 226 83.88 6.09 11.62
CA HIS E 226 84.16 7.38 11.00
C HIS E 226 85.50 7.45 10.24
N GLY E 227 86.20 6.32 10.06
CA GLY E 227 87.53 6.28 9.46
C GLY E 227 88.65 5.98 10.47
N ALA E 228 89.81 5.51 9.98
CA ALA E 228 90.99 5.24 10.80
C ALA E 228 91.50 6.54 11.42
N PRO E 229 92.13 6.52 12.62
CA PRO E 229 92.68 7.75 13.20
C PRO E 229 93.82 8.35 12.37
N ASN E 230 93.89 9.68 12.30
CA ASN E 230 94.79 10.38 11.40
C ASN E 230 94.28 10.42 9.96
N GLU E 231 93.14 9.77 9.66
CA GLU E 231 92.57 9.84 8.32
C GLU E 231 91.34 10.75 8.27
N LYS E 232 90.85 11.01 7.06
CA LYS E 232 89.68 11.86 6.84
C LYS E 232 88.48 11.24 7.58
N TYR E 233 87.76 12.07 8.32
CA TYR E 233 86.50 11.67 8.92
C TYR E 233 85.42 11.50 7.85
N VAL E 234 84.75 10.34 7.87
CA VAL E 234 83.66 10.04 6.95
C VAL E 234 82.36 9.91 7.74
N ALA E 235 81.31 10.58 7.27
CA ALA E 235 80.00 10.49 7.90
C ALA E 235 79.29 9.21 7.46
N GLY E 236 78.09 8.96 8.01
CA GLY E 236 77.31 7.76 7.68
C GLY E 236 75.83 8.09 7.48
N GLU E 237 75.11 7.21 6.77
CA GLU E 237 73.70 7.45 6.45
C GLU E 237 72.99 6.11 6.37
N ILE E 238 71.76 6.04 6.92
CA ILE E 238 70.92 4.88 6.69
C ILE E 238 69.68 5.31 5.89
N SER E 239 68.98 4.33 5.34
CA SER E 239 67.85 4.49 4.44
C SER E 239 66.69 3.62 4.89
N ILE E 240 65.46 4.11 4.72
CA ILE E 240 64.32 3.25 4.95
C ILE E 240 63.34 3.48 3.81
N THR E 241 62.81 2.38 3.25
CA THR E 241 61.69 2.53 2.33
C THR E 241 60.41 2.08 3.04
N LEU E 242 59.25 2.58 2.61
CA LEU E 242 58.01 2.38 3.36
C LEU E 242 57.48 0.94 3.23
N ASN E 243 57.62 0.32 2.05
CA ASN E 243 57.27 -1.08 1.90
C ASN E 243 58.54 -1.84 1.54
N GLN E 244 58.46 -2.82 0.64
CA GLN E 244 59.61 -3.63 0.31
C GLN E 244 60.36 -3.07 -0.90
N HIS E 245 59.80 -2.07 -1.59
CA HIS E 245 60.35 -1.60 -2.86
C HIS E 245 60.72 -0.12 -2.77
N TRP E 246 61.64 0.32 -3.62
CA TRP E 246 62.06 1.72 -3.67
C TRP E 246 61.22 2.51 -4.67
N GLY E 247 61.08 2.02 -5.92
CA GLY E 247 60.09 2.59 -6.81
C GLY E 247 58.69 2.18 -6.34
N ILE E 248 57.66 2.84 -6.86
CA ILE E 248 56.28 2.52 -6.50
C ILE E 248 55.96 1.07 -6.88
N ALA E 249 55.16 0.43 -6.03
CA ALA E 249 54.78 -0.96 -6.20
C ALA E 249 53.37 -1.14 -5.65
N ALA E 250 52.39 -1.12 -6.56
CA ALA E 250 50.98 -0.97 -6.24
C ALA E 250 50.50 -2.13 -5.35
N ASN E 251 50.96 -3.35 -5.62
CA ASN E 251 50.48 -4.51 -4.87
C ASN E 251 51.51 -4.98 -3.84
N ASP E 252 52.41 -4.08 -3.43
CA ASP E 252 53.19 -4.32 -2.23
C ASP E 252 52.45 -3.70 -1.05
N LEU E 253 51.74 -4.56 -0.28
CA LEU E 253 50.93 -4.12 0.86
C LEU E 253 51.75 -4.16 2.15
N ASN E 254 53.01 -4.60 2.05
CA ASN E 254 53.80 -4.88 3.24
C ASN E 254 54.47 -3.59 3.72
N TYR E 255 53.67 -2.59 4.12
CA TYR E 255 54.21 -1.34 4.65
C TYR E 255 54.64 -1.50 6.10
N LYS E 256 55.72 -0.82 6.49
CA LYS E 256 56.15 -0.75 7.87
C LYS E 256 55.19 0.20 8.60
N SER E 257 55.12 0.07 9.94
CA SER E 257 54.26 0.98 10.68
C SER E 257 54.90 2.37 10.71
N PRO E 258 54.06 3.44 10.74
CA PRO E 258 54.56 4.78 11.06
C PRO E 258 55.44 4.80 12.32
N ALA E 259 55.11 3.95 13.31
CA ALA E 259 55.89 3.89 14.54
C ALA E 259 57.32 3.45 14.25
N GLU E 260 57.45 2.38 13.42
CA GLU E 260 58.76 1.87 13.10
C GLU E 260 59.57 2.94 12.35
N MET E 261 58.87 3.71 11.49
CA MET E 261 59.52 4.79 10.78
C MET E 261 60.10 5.81 11.76
N ILE E 262 59.29 6.24 12.74
CA ILE E 262 59.76 7.20 13.73
C ILE E 262 60.93 6.62 14.52
N GLU E 263 60.83 5.36 14.96
CA GLU E 263 61.93 4.74 15.70
C GLU E 263 63.20 4.69 14.86
N THR E 264 63.09 4.51 13.54
CA THR E 264 64.28 4.38 12.69
C THR E 264 64.95 5.75 12.56
N VAL E 265 64.14 6.80 12.42
CA VAL E 265 64.70 8.13 12.37
C VAL E 265 65.47 8.42 13.67
N ALA E 266 64.88 8.13 14.79
CA ALA E 266 65.53 8.36 16.03
C ALA E 266 66.80 7.53 16.20
N HIS E 267 66.74 6.31 15.75
CA HIS E 267 67.83 5.38 15.82
C HIS E 267 69.05 5.80 15.03
N ALA E 268 68.83 6.44 13.91
CA ALA E 268 69.90 6.92 13.07
C ALA E 268 70.70 7.95 13.81
N ARG E 269 70.01 8.84 14.47
CA ARG E 269 70.63 9.86 15.27
C ARG E 269 71.40 9.29 16.43
N HIS E 270 70.87 8.27 17.05
CA HIS E 270 71.52 7.62 18.16
C HIS E 270 72.85 7.01 17.74
N ILE E 271 72.92 6.44 16.56
CA ILE E 271 74.16 5.88 16.08
C ILE E 271 75.07 6.90 15.35
N GLY E 272 74.65 8.13 15.18
CA GLY E 272 75.48 9.16 14.57
C GLY E 272 75.43 9.16 13.04
N ALA E 273 74.23 8.96 12.46
CA ALA E 273 74.06 8.89 11.02
C ALA E 273 72.91 9.81 10.62
N ASN E 274 72.89 10.20 9.35
CA ASN E 274 71.69 10.78 8.77
C ASN E 274 70.73 9.64 8.40
N ILE E 275 69.48 10.00 8.09
CA ILE E 275 68.50 9.03 7.63
C ILE E 275 67.81 9.60 6.39
N LEU E 276 67.66 8.74 5.37
CA LEU E 276 66.80 9.02 4.21
C LEU E 276 65.51 8.22 4.35
N VAL E 277 64.37 8.89 4.17
CA VAL E 277 63.10 8.20 4.06
C VAL E 277 62.68 8.25 2.61
N ASN E 278 62.42 7.07 2.03
CA ASN E 278 62.22 6.97 0.59
C ASN E 278 60.74 7.00 0.21
N ILE E 279 60.41 7.72 -0.86
CA ILE E 279 59.10 7.59 -1.50
C ILE E 279 59.30 7.32 -2.99
N GLY E 280 58.43 6.51 -3.59
CA GLY E 280 58.44 6.28 -5.02
C GLY E 280 57.32 7.07 -5.69
N LEU E 281 57.63 7.93 -6.71
CA LEU E 281 56.58 8.69 -7.37
C LEU E 281 55.77 7.79 -8.30
N THR E 282 54.55 8.23 -8.64
CA THR E 282 53.75 7.59 -9.68
C THR E 282 54.43 7.78 -11.04
N GLY E 283 53.94 7.05 -12.05
CA GLY E 283 54.46 7.15 -13.40
C GLY E 283 54.61 8.61 -13.84
N THR E 284 53.61 9.43 -13.57
CA THR E 284 53.57 10.81 -14.04
C THR E 284 54.23 11.77 -13.04
N GLY E 285 54.81 11.26 -11.93
CA GLY E 285 55.58 12.12 -11.06
C GLY E 285 54.84 12.69 -9.84
N ALA E 286 53.65 12.15 -9.48
CA ALA E 286 52.97 12.58 -8.25
C ALA E 286 53.52 11.82 -7.03
N ILE E 287 53.45 12.46 -5.86
CA ILE E 287 53.63 11.75 -4.60
C ILE E 287 52.39 10.91 -4.35
N PRO E 288 52.47 9.59 -4.23
CA PRO E 288 51.26 8.79 -4.01
C PRO E 288 50.63 9.05 -2.63
N ALA E 289 49.32 8.83 -2.52
CA ALA E 289 48.57 9.11 -1.29
C ALA E 289 49.19 8.42 -0.07
N ALA E 290 49.62 7.15 -0.21
CA ALA E 290 50.18 6.42 0.91
C ALA E 290 51.41 7.13 1.45
N ALA E 291 52.27 7.61 0.55
CA ALA E 291 53.50 8.25 0.98
C ALA E 291 53.18 9.55 1.71
N GLN E 292 52.16 10.29 1.22
CA GLN E 292 51.75 11.52 1.88
C GLN E 292 51.33 11.25 3.33
N THR E 293 50.61 10.14 3.58
CA THR E 293 50.20 9.80 4.95
C THR E 293 51.44 9.66 5.84
N TYR E 294 52.45 8.89 5.39
CA TYR E 294 53.65 8.67 6.18
C TYR E 294 54.41 9.99 6.39
N MET E 295 54.44 10.84 5.37
CA MET E 295 55.09 12.13 5.50
C MET E 295 54.41 13.04 6.52
N HIS E 296 53.08 13.06 6.53
CA HIS E 296 52.35 13.86 7.52
C HIS E 296 52.65 13.39 8.94
N LEU E 297 52.65 12.07 9.16
CA LEU E 297 52.92 11.52 10.48
C LEU E 297 54.35 11.84 10.89
N LEU E 298 55.32 11.60 9.99
CA LEU E 298 56.70 11.86 10.33
C LEU E 298 56.88 13.34 10.64
N GLY E 299 56.21 14.20 9.86
CA GLY E 299 56.28 15.64 9.99
C GLY E 299 55.84 16.12 11.38
N ARG E 300 54.81 15.48 11.96
CA ARG E 300 54.37 15.87 13.29
C ARG E 300 55.49 15.54 14.27
N TRP E 301 56.14 14.39 14.09
CA TRP E 301 57.20 14.01 15.01
C TRP E 301 58.41 14.95 14.87
N THR E 302 58.84 15.23 13.64
CA THR E 302 60.09 15.96 13.47
C THR E 302 59.90 17.41 13.90
N ALA E 303 58.69 17.97 13.73
CA ALA E 303 58.43 19.32 14.25
C ALA E 303 58.62 19.34 15.78
N MET E 304 58.10 18.32 16.48
CA MET E 304 58.26 18.24 17.92
C MET E 304 59.75 18.08 18.26
N ALA E 305 60.48 17.27 17.47
CA ALA E 305 61.85 16.88 17.81
C ALA E 305 62.90 17.89 17.31
N ALA E 306 62.46 18.98 16.64
CA ALA E 306 63.34 19.98 16.02
C ALA E 306 64.49 20.43 16.94
N PRO E 307 64.31 20.66 18.27
CA PRO E 307 65.43 21.10 19.08
C PRO E 307 66.63 20.15 19.08
N VAL E 308 66.42 18.87 18.74
CA VAL E 308 67.50 17.89 18.87
C VAL E 308 67.80 17.16 17.56
N LEU E 309 66.83 17.11 16.64
CA LEU E 309 66.97 16.24 15.47
C LEU E 309 68.21 16.61 14.64
N TYR E 310 68.52 17.91 14.50
CA TYR E 310 69.59 18.41 13.64
C TYR E 310 70.94 18.43 14.36
N LYS E 311 70.99 19.03 15.56
CA LYS E 311 72.26 19.26 16.25
C LYS E 311 72.61 18.14 17.22
N GLY E 312 71.65 17.25 17.57
CA GLY E 312 71.90 16.23 18.58
C GLY E 312 72.93 15.21 18.09
N ARG E 313 73.83 14.80 18.99
CA ARG E 313 74.89 13.87 18.66
C ARG E 313 74.94 12.77 19.71
N PRO E 314 75.43 11.56 19.35
CA PRO E 314 75.62 10.50 20.33
C PRO E 314 76.56 10.93 21.43
N VAL E 315 76.42 10.35 22.62
CA VAL E 315 77.26 10.75 23.75
C VAL E 315 77.43 9.51 24.60
N PRO E 316 78.55 9.30 25.34
CA PRO E 316 78.72 8.08 26.13
C PRO E 316 77.82 8.04 27.39
N VAL E 317 76.50 7.95 27.19
CA VAL E 317 75.53 7.88 28.27
C VAL E 317 74.65 6.68 27.93
N THR E 318 74.57 5.69 28.82
CA THR E 318 73.79 4.52 28.49
C THR E 318 72.48 4.51 29.28
N SER E 319 71.54 3.67 28.81
CA SER E 319 70.27 3.54 29.52
C SER E 319 70.34 2.28 30.40
N ALA E 320 69.50 2.22 31.41
CA ALA E 320 69.41 1.09 32.32
C ALA E 320 69.02 -0.20 31.57
N HIS E 321 69.32 -1.33 32.23
CA HIS E 321 68.98 -2.67 31.77
C HIS E 321 67.52 -2.75 31.32
N GLY E 322 67.31 -3.26 30.10
CA GLY E 322 65.98 -3.65 29.64
C GLY E 322 65.18 -2.50 29.01
N THR E 323 65.81 -1.35 28.73
CA THR E 323 65.11 -0.27 28.05
C THR E 323 65.86 -0.01 26.75
N ARG E 324 65.21 0.69 25.81
CA ARG E 324 65.79 1.05 24.54
C ARG E 324 66.03 2.56 24.52
N ASP E 325 65.95 3.21 25.69
CA ASP E 325 66.09 4.66 25.77
C ASP E 325 67.52 5.07 25.40
N PHE E 326 67.73 6.31 24.95
CA PHE E 326 69.09 6.77 24.66
C PHE E 326 69.15 8.28 24.83
N VAL E 327 70.37 8.85 24.72
CA VAL E 327 70.58 10.28 24.96
C VAL E 327 71.25 10.94 23.76
N LEU E 328 70.86 12.17 23.44
CA LEU E 328 71.50 12.98 22.42
C LEU E 328 71.99 14.27 23.07
N HIS E 329 73.17 14.72 22.64
CA HIS E 329 73.84 15.89 23.18
C HIS E 329 73.86 17.01 22.16
N THR E 330 73.44 18.22 22.59
CA THR E 330 73.79 19.43 21.86
C THR E 330 74.70 20.26 22.76
N SER E 331 75.19 21.40 22.29
CA SER E 331 76.14 22.12 23.12
C SER E 331 75.45 22.73 24.34
N LYS E 332 74.13 23.00 24.29
CA LYS E 332 73.43 23.61 25.41
C LYS E 332 72.64 22.62 26.26
N HIS E 333 72.29 21.43 25.74
CA HIS E 333 71.38 20.55 26.45
C HIS E 333 71.68 19.08 26.16
N ASP E 334 71.24 18.20 27.08
CA ASP E 334 71.08 16.80 26.72
C ASP E 334 69.59 16.51 26.55
N PHE E 335 69.28 15.47 25.76
CA PHE E 335 67.90 15.09 25.51
C PHE E 335 67.78 13.58 25.72
N LEU E 336 66.79 13.20 26.56
CA LEU E 336 66.45 11.81 26.78
C LEU E 336 65.39 11.41 25.75
N CYS E 337 65.71 10.40 24.95
CA CYS E 337 64.80 9.84 23.96
C CYS E 337 64.24 8.56 24.54
N ILE E 338 62.93 8.56 24.83
CA ILE E 338 62.37 7.52 25.67
C ILE E 338 61.31 6.74 24.89
N LEU E 339 61.48 5.42 24.83
CA LEU E 339 60.66 4.50 24.05
C LEU E 339 59.73 3.67 24.96
N ASP E 340 58.71 3.05 24.33
CA ASP E 340 57.85 2.10 25.01
C ASP E 340 57.04 2.76 26.13
N LEU E 341 56.55 3.98 25.89
CA LEU E 341 55.66 4.62 26.84
C LEU E 341 54.22 4.29 26.48
N GLN E 342 53.34 4.39 27.47
CA GLN E 342 51.92 4.16 27.21
C GLN E 342 51.09 5.40 27.50
N VAL E 343 49.81 5.35 27.12
CA VAL E 343 48.90 6.48 27.31
C VAL E 343 48.35 6.45 28.74
N VAL E 344 48.13 7.65 29.31
CA VAL E 344 47.58 7.80 30.65
C VAL E 344 46.05 7.97 30.58
N GLY E 345 45.30 7.09 31.25
CA GLY E 345 43.86 7.23 31.51
C GLY E 345 43.54 8.10 32.73
N LYS E 346 42.50 7.70 33.48
CA LYS E 346 42.10 8.46 34.66
C LYS E 346 41.20 7.57 35.53
N ASP E 347 41.50 7.52 36.83
CA ASP E 347 40.72 6.80 37.84
C ASP E 347 40.56 5.33 37.46
N ASN E 348 39.32 4.92 37.15
CA ASN E 348 38.95 3.54 36.84
C ASN E 348 39.47 3.13 35.46
N VAL E 349 39.72 4.11 34.58
CA VAL E 349 40.13 3.88 33.19
C VAL E 349 41.66 3.83 33.11
N VAL E 350 42.18 2.60 32.98
CA VAL E 350 43.60 2.30 33.04
C VAL E 350 44.07 1.98 31.62
N LEU E 351 44.98 2.81 31.08
CA LEU E 351 45.50 2.62 29.73
C LEU E 351 46.95 2.09 29.71
N GLY E 352 47.64 2.09 30.87
CA GLY E 352 48.97 1.51 30.98
C GLY E 352 50.05 2.48 31.48
N GLY E 353 49.85 3.80 31.27
CA GLY E 353 50.92 4.76 31.49
C GLY E 353 50.90 5.42 32.87
N GLU E 354 49.96 5.04 33.76
CA GLU E 354 49.67 5.86 34.94
C GLU E 354 50.64 5.68 36.12
N GLY E 355 51.27 4.50 36.30
CA GLY E 355 52.16 4.34 37.44
C GLY E 355 53.46 5.15 37.28
N VAL E 356 54.14 5.45 38.38
CA VAL E 356 55.50 5.97 38.29
C VAL E 356 56.37 5.02 37.47
N ASN E 357 57.20 5.60 36.57
CA ASN E 357 57.89 4.84 35.54
C ASN E 357 59.36 5.26 35.55
N PRO E 358 60.18 4.76 36.50
CA PRO E 358 61.57 5.21 36.59
C PRO E 358 62.45 4.70 35.43
N ARG E 359 63.01 5.64 34.66
CA ARG E 359 63.94 5.31 33.58
C ARG E 359 65.29 5.91 33.95
N SER E 360 66.32 5.08 33.90
CA SER E 360 67.65 5.46 34.36
C SER E 360 68.67 5.52 33.22
N PHE E 361 69.71 6.34 33.45
CA PHE E 361 70.79 6.61 32.53
C PHE E 361 72.06 6.69 33.36
N VAL E 362 73.18 6.26 32.76
CA VAL E 362 74.48 6.26 33.40
C VAL E 362 75.41 7.09 32.52
N GLY E 363 76.08 8.08 33.12
CA GLY E 363 77.03 8.88 32.38
C GLY E 363 76.74 10.38 32.47
N ILE E 364 75.71 10.78 33.22
CA ILE E 364 75.45 12.18 33.43
C ILE E 364 76.02 12.62 34.78
N GLY E 365 77.03 13.49 34.73
CA GLY E 365 77.83 13.83 35.91
C GLY E 365 77.57 15.24 36.45
N GLN E 366 76.74 16.04 35.78
CA GLN E 366 76.50 17.43 36.15
C GLN E 366 75.14 17.56 36.83
N PRO E 367 75.00 18.41 37.87
CA PRO E 367 73.69 18.62 38.49
C PRO E 367 72.68 19.24 37.53
N ILE E 368 71.44 18.80 37.61
CA ILE E 368 70.40 19.22 36.70
C ILE E 368 69.39 20.15 37.32
N GLN E 369 69.16 21.27 36.69
CA GLN E 369 68.12 22.14 37.11
C GLN E 369 66.68 21.72 36.78
N ARG E 370 66.42 21.31 35.56
CA ARG E 370 65.08 20.96 35.15
C ARG E 370 65.04 20.00 33.98
N ILE E 371 64.04 19.15 33.93
CA ILE E 371 63.81 18.22 32.84
C ILE E 371 62.36 18.33 32.39
N HIS E 372 62.09 18.46 31.10
CA HIS E 372 60.73 18.56 30.62
C HIS E 372 60.47 17.92 29.25
N TRP E 373 59.27 17.39 29.03
CA TRP E 373 58.90 16.81 27.75
C TRP E 373 58.78 17.90 26.70
N LEU E 374 59.35 17.67 25.50
CA LEU E 374 59.22 18.62 24.40
C LEU E 374 57.78 18.75 23.92
N ASP E 375 56.98 17.67 23.98
CA ASP E 375 55.67 17.75 23.37
C ASP E 375 54.69 18.65 24.16
N ASN E 376 54.83 18.77 25.48
CA ASN E 376 53.82 19.50 26.23
C ASN E 376 54.43 20.30 27.38
N ASP E 377 55.76 20.32 27.51
CA ASP E 377 56.43 21.10 28.54
C ASP E 377 56.20 20.58 29.98
N GLU E 378 55.63 19.40 30.18
CA GLU E 378 55.50 18.89 31.53
C GLU E 378 56.88 18.71 32.16
N VAL E 379 57.04 19.16 33.41
CA VAL E 379 58.28 19.02 34.16
C VAL E 379 58.32 17.63 34.79
N LEU E 380 59.47 16.96 34.68
CA LEU E 380 59.60 15.59 35.17
C LEU E 380 60.31 15.61 36.52
N SER E 381 59.93 14.70 37.42
CA SER E 381 60.75 14.58 38.62
C SER E 381 61.95 13.67 38.33
N PHE E 382 63.05 13.88 39.07
CA PHE E 382 64.25 13.10 38.85
C PHE E 382 65.08 13.02 40.15
N THR E 383 66.01 12.07 40.21
CA THR E 383 67.04 11.99 41.23
C THR E 383 68.36 11.78 40.50
N GLN E 384 69.47 12.20 41.14
CA GLN E 384 70.80 11.95 40.63
C GLN E 384 71.66 11.33 41.71
N ASP E 385 72.60 10.47 41.29
CA ASP E 385 73.79 10.16 42.05
C ASP E 385 74.99 10.66 41.24
N LEU E 386 75.53 11.81 41.62
CA LEU E 386 76.59 12.46 40.86
C LEU E 386 77.88 11.65 40.87
N ASP E 387 78.17 10.91 41.93
CA ASP E 387 79.42 10.15 41.97
C ASP E 387 79.39 9.01 40.96
N LYS E 388 78.24 8.33 40.83
CA LYS E 388 78.14 7.19 39.94
C LYS E 388 77.59 7.62 38.58
N LYS E 389 77.19 8.89 38.46
CA LYS E 389 76.72 9.47 37.23
C LYS E 389 75.40 8.83 36.80
N VAL E 390 74.50 8.66 37.78
CA VAL E 390 73.20 8.06 37.53
C VAL E 390 72.13 9.15 37.55
N LEU E 391 71.27 9.13 36.51
CA LEU E 391 70.06 9.92 36.47
C LEU E 391 68.85 8.97 36.38
N THR E 392 67.83 9.22 37.20
CA THR E 392 66.58 8.49 37.13
C THR E 392 65.45 9.50 37.00
N VAL E 393 64.61 9.38 35.95
CA VAL E 393 63.46 10.26 35.79
C VAL E 393 62.21 9.41 35.91
N ASP E 394 61.11 10.05 36.36
CA ASP E 394 59.81 9.43 36.26
C ASP E 394 59.24 9.82 34.89
N ALA E 395 59.32 8.89 33.92
CA ALA E 395 58.90 9.19 32.56
C ALA E 395 57.40 8.99 32.44
N THR E 396 56.62 10.05 32.66
CA THR E 396 55.17 9.93 32.65
C THR E 396 54.69 9.55 31.25
N GLY E 397 53.53 8.88 31.20
CA GLY E 397 52.95 8.41 29.96
C GLY E 397 52.29 9.54 29.19
N TYR E 398 51.81 9.23 27.98
CA TYR E 398 51.26 10.26 27.10
C TYR E 398 49.95 10.78 27.64
N PRO E 399 49.66 12.09 27.50
CA PRO E 399 48.28 12.56 27.66
C PRO E 399 47.34 11.81 26.72
N TYR E 400 46.18 11.43 27.24
CA TYR E 400 45.19 10.77 26.43
C TYR E 400 45.01 11.57 25.14
N GLY E 401 44.90 10.85 24.02
CA GLY E 401 44.70 11.55 22.76
C GLY E 401 46.00 11.77 22.00
N SER E 402 47.13 11.40 22.60
CA SER E 402 48.37 11.59 21.85
C SER E 402 49.34 10.43 22.13
N ASP E 403 50.32 10.24 21.25
CA ASP E 403 51.29 9.15 21.37
C ASP E 403 52.41 9.41 20.37
N TRP E 404 53.59 9.78 20.89
CA TRP E 404 54.69 10.30 20.07
C TRP E 404 55.64 9.19 19.63
N VAL E 405 55.46 7.97 20.15
CA VAL E 405 56.30 6.83 19.83
C VAL E 405 57.69 6.95 20.44
N VAL E 406 58.45 8.00 20.05
CA VAL E 406 59.70 8.31 20.72
C VAL E 406 59.49 9.67 21.40
N ARG E 407 59.46 9.68 22.75
CA ARG E 407 59.18 10.92 23.46
C ARG E 407 60.51 11.53 23.90
N ILE E 408 60.62 12.87 23.87
CA ILE E 408 61.92 13.49 24.09
C ILE E 408 61.83 14.46 25.27
N ALA E 409 62.70 14.27 26.26
CA ALA E 409 62.78 15.18 27.41
C ALA E 409 64.07 15.99 27.31
N GLN E 410 63.94 17.31 27.44
CA GLN E 410 65.10 18.19 27.42
C GLN E 410 65.62 18.40 28.86
N ILE E 411 66.92 18.24 29.03
CA ILE E 411 67.61 18.48 30.28
C ILE E 411 68.22 19.89 30.24
N ASP E 412 67.90 20.71 31.26
CA ASP E 412 68.50 22.01 31.53
C ASP E 412 69.45 21.87 32.71
N TYR E 413 70.74 22.07 32.46
CA TYR E 413 71.74 21.99 33.53
C TYR E 413 71.77 23.27 34.35
N GLU E 414 72.17 23.10 35.63
CA GLU E 414 72.55 24.22 36.48
C GLU E 414 73.86 24.82 35.94
N THR F 2 24.11 -26.42 18.81
CA THR F 2 22.93 -26.05 17.98
C THR F 2 23.45 -25.41 16.71
N GLU F 3 22.53 -25.24 15.75
CA GLU F 3 22.79 -24.55 14.50
C GLU F 3 22.47 -23.07 14.65
N PRO F 4 23.33 -22.16 14.14
CA PRO F 4 23.03 -20.73 14.18
C PRO F 4 21.70 -20.37 13.53
N LEU F 5 20.95 -19.46 14.16
CA LEU F 5 19.81 -18.83 13.52
C LEU F 5 20.20 -18.28 12.15
N PRO F 6 19.28 -18.26 11.16
CA PRO F 6 19.59 -17.67 9.85
C PRO F 6 20.29 -16.30 9.92
N ARG F 7 19.85 -15.41 10.82
CA ARG F 7 20.36 -14.05 10.77
C ARG F 7 21.82 -14.05 11.24
N ILE F 8 22.18 -15.01 12.10
CA ILE F 8 23.53 -15.15 12.62
C ILE F 8 24.46 -15.79 11.57
N GLN F 9 23.95 -16.78 10.82
CA GLN F 9 24.65 -17.32 9.66
C GLN F 9 24.97 -16.19 8.69
N HIS F 10 23.99 -15.31 8.44
CA HIS F 10 24.18 -14.21 7.51
C HIS F 10 25.26 -13.28 8.06
N TYR F 11 25.27 -13.08 9.38
CA TYR F 11 26.23 -12.21 10.06
C TYR F 11 27.65 -12.73 9.84
N GLU F 12 27.85 -14.03 10.03
CA GLU F 12 29.18 -14.63 9.88
C GLU F 12 29.68 -14.52 8.44
N ASP F 13 28.75 -14.42 7.48
CA ASP F 13 29.14 -14.28 6.09
C ASP F 13 29.57 -12.86 5.78
N LEU F 14 29.27 -11.91 6.67
CA LEU F 14 29.64 -10.52 6.41
C LEU F 14 31.17 -10.39 6.45
N GLY F 15 31.81 -11.08 7.41
CA GLY F 15 33.26 -11.18 7.49
C GLY F 15 33.92 -9.92 8.03
N LEU F 16 33.80 -8.83 7.26
CA LEU F 16 34.49 -7.59 7.57
C LEU F 16 33.48 -6.44 7.63
N GLY F 17 33.59 -5.64 8.69
CA GLY F 17 32.84 -4.39 8.77
C GLY F 17 33.74 -3.20 9.02
N LEU F 18 33.23 -2.01 8.69
CA LEU F 18 33.90 -0.78 9.04
C LEU F 18 33.22 -0.18 10.29
N PHE F 19 34.04 0.15 11.30
CA PHE F 19 33.57 0.84 12.49
C PHE F 19 33.87 2.33 12.30
N ILE F 20 32.88 3.20 12.61
CA ILE F 20 33.07 4.63 12.45
C ILE F 20 32.73 5.39 13.74
N HIS F 21 33.73 6.09 14.30
CA HIS F 21 33.58 6.91 15.48
C HIS F 21 33.54 8.37 15.03
N TRP F 22 32.40 9.00 15.31
CA TRP F 22 32.23 10.41 15.02
C TRP F 22 31.25 10.99 16.03
N GLY F 23 31.64 12.09 16.68
CA GLY F 23 30.80 12.77 17.65
C GLY F 23 31.36 14.17 17.91
N LEU F 24 30.93 14.81 18.99
CA LEU F 24 31.41 16.16 19.27
C LEU F 24 32.91 16.11 19.55
N TYR F 25 33.36 15.00 20.18
CA TYR F 25 34.77 14.81 20.52
C TYR F 25 35.65 14.99 19.29
N SER F 26 35.12 14.66 18.10
CA SER F 26 35.93 14.70 16.88
C SER F 26 36.50 16.09 16.62
N GLN F 27 35.76 17.13 17.06
CA GLN F 27 36.25 18.48 16.83
C GLN F 27 37.54 18.77 17.60
N MET F 28 37.86 18.04 18.66
CA MET F 28 39.06 18.36 19.42
C MET F 28 40.23 17.45 19.02
N ALA F 29 39.96 16.28 18.42
CA ALA F 29 40.99 15.42 17.85
C ALA F 29 41.99 14.98 18.93
N VAL F 30 41.46 14.71 20.14
CA VAL F 30 42.30 14.16 21.19
C VAL F 30 41.57 12.94 21.82
N GLY F 31 40.87 12.12 20.99
CA GLY F 31 40.29 10.88 21.49
C GLY F 31 38.81 11.07 21.92
N GLU F 32 38.04 9.96 21.83
CA GLU F 32 36.60 10.05 22.06
C GLU F 32 36.27 10.18 23.56
N TRP F 33 37.17 9.78 24.46
CA TRP F 33 36.95 9.90 25.89
C TRP F 33 37.39 11.26 26.45
N THR F 34 37.66 12.25 25.60
CA THR F 34 38.31 13.47 26.06
C THR F 34 37.53 14.14 27.21
N GLU F 35 36.19 14.16 27.14
CA GLU F 35 35.41 14.88 28.14
C GLU F 35 35.72 14.38 29.56
N LEU F 36 35.72 13.04 29.73
CA LEU F 36 35.99 12.47 31.03
C LEU F 36 37.48 12.52 31.34
N ILE F 37 38.32 12.01 30.42
CA ILE F 37 39.71 11.77 30.79
C ILE F 37 40.49 13.08 30.94
N HIS F 38 40.15 14.12 30.17
CA HIS F 38 40.84 15.40 30.33
C HIS F 38 40.09 16.30 31.32
N HIS F 39 39.10 15.75 32.06
CA HIS F 39 38.42 16.47 33.15
C HIS F 39 37.87 17.81 32.62
N ARG F 40 37.14 17.80 31.51
CA ARG F 40 36.72 19.07 30.95
C ARG F 40 35.46 19.57 31.67
N ASN F 41 35.27 20.88 31.67
CA ASN F 41 34.01 21.49 32.09
C ASN F 41 32.86 21.01 31.19
N GLN F 42 31.85 20.37 31.77
CA GLN F 42 30.77 19.80 30.98
C GLN F 42 30.09 20.85 30.09
N HIS F 43 29.78 22.00 30.69
CA HIS F 43 29.04 23.03 29.99
C HIS F 43 29.84 23.47 28.77
N ASP F 44 31.15 23.67 28.93
CA ASP F 44 32.00 24.19 27.88
C ASP F 44 32.15 23.15 26.76
N TYR F 45 32.39 21.88 27.14
CA TYR F 45 32.47 20.79 26.18
C TYR F 45 31.19 20.70 25.34
N GLU F 46 30.02 20.75 25.99
CA GLU F 46 28.74 20.57 25.30
C GLU F 46 28.42 21.72 24.33
N GLN F 47 29.13 22.84 24.45
CA GLN F 47 28.99 23.93 23.49
C GLN F 47 29.45 23.51 22.08
N LEU F 48 30.23 22.43 21.98
CA LEU F 48 30.67 21.89 20.70
C LEU F 48 29.49 21.57 19.80
N ILE F 49 28.29 21.39 20.37
CA ILE F 49 27.09 21.22 19.52
C ILE F 49 26.93 22.41 18.56
N LYS F 50 27.35 23.61 18.96
CA LYS F 50 27.09 24.80 18.17
C LYS F 50 27.95 24.85 16.92
N THR F 51 29.06 24.09 16.90
CA THR F 51 29.94 24.09 15.74
C THR F 51 29.88 22.72 15.03
N PHE F 52 28.89 21.89 15.38
CA PHE F 52 28.71 20.62 14.71
C PHE F 52 27.90 20.85 13.42
N THR F 53 28.58 21.17 12.32
CA THR F 53 27.94 21.50 11.05
C THR F 53 27.74 20.25 10.19
N ALA F 54 28.54 19.20 10.41
CA ALA F 54 28.58 18.04 9.54
C ALA F 54 28.85 18.45 8.09
N ALA F 55 29.57 19.56 7.88
CA ALA F 55 29.73 20.13 6.55
C ALA F 55 30.43 19.16 5.59
N GLN F 56 31.21 18.19 6.10
CA GLN F 56 31.90 17.33 5.15
C GLN F 56 31.44 15.88 5.27
N PHE F 57 30.32 15.66 5.93
CA PHE F 57 29.83 14.30 6.05
C PHE F 57 29.06 13.96 4.78
N ASP F 58 29.50 12.93 4.07
CA ASP F 58 28.78 12.47 2.90
C ASP F 58 28.57 10.95 3.02
N ALA F 59 27.37 10.55 3.40
CA ALA F 59 27.12 9.16 3.72
C ALA F 59 27.33 8.29 2.48
N LYS F 60 27.09 8.85 1.28
CA LYS F 60 27.26 8.08 0.06
C LYS F 60 28.74 7.76 -0.16
N LYS F 61 29.61 8.76 0.09
CA LYS F 61 31.04 8.54 -0.05
C LYS F 61 31.51 7.49 0.97
N ILE F 62 30.98 7.56 2.21
CA ILE F 62 31.39 6.61 3.23
C ILE F 62 30.95 5.20 2.86
N ALA F 63 29.72 5.05 2.37
CA ALA F 63 29.24 3.73 1.99
C ALA F 63 30.06 3.18 0.81
N HIS F 64 30.39 4.05 -0.15
CA HIS F 64 31.20 3.65 -1.30
C HIS F 64 32.58 3.15 -0.82
N ALA F 65 33.21 3.91 0.08
CA ALA F 65 34.51 3.52 0.60
C ALA F 65 34.42 2.18 1.34
N ALA F 66 33.36 1.95 2.11
CA ALA F 66 33.16 0.67 2.76
C ALA F 66 33.03 -0.49 1.76
N LYS F 67 32.29 -0.25 0.68
CA LYS F 67 32.13 -1.24 -0.39
C LYS F 67 33.49 -1.54 -1.02
N ALA F 68 34.28 -0.51 -1.33
CA ALA F 68 35.58 -0.65 -1.98
C ALA F 68 36.55 -1.42 -1.09
N VAL F 69 36.44 -1.26 0.24
CA VAL F 69 37.39 -1.90 1.12
C VAL F 69 36.97 -3.36 1.34
N GLY F 70 35.79 -3.76 0.80
CA GLY F 70 35.29 -5.12 0.97
C GLY F 70 34.50 -5.36 2.26
N ALA F 71 34.11 -4.29 2.97
CA ALA F 71 33.25 -4.42 4.14
C ALA F 71 31.82 -4.74 3.67
N LYS F 72 31.08 -5.49 4.50
CA LYS F 72 29.69 -5.82 4.18
C LYS F 72 28.72 -5.14 5.16
N TYR F 73 29.26 -4.43 6.17
CA TYR F 73 28.44 -3.70 7.11
C TYR F 73 29.26 -2.55 7.70
N ILE F 74 28.54 -1.55 8.26
CA ILE F 74 29.15 -0.41 8.91
C ILE F 74 28.50 -0.22 10.27
N VAL F 75 29.34 -0.08 11.31
CA VAL F 75 28.87 0.27 12.63
C VAL F 75 29.18 1.74 12.85
N LEU F 76 28.12 2.57 12.97
CA LEU F 76 28.26 4.01 13.18
C LEU F 76 27.90 4.36 14.63
N THR F 77 28.74 5.18 15.28
CA THR F 77 28.40 5.67 16.61
C THR F 77 27.17 6.58 16.53
N THR F 78 26.00 6.12 17.00
CA THR F 78 24.81 6.99 16.95
C THR F 78 24.73 7.87 18.21
N LYS F 79 25.36 7.41 19.31
CA LYS F 79 25.53 8.17 20.53
C LYS F 79 26.66 7.53 21.34
N HIS F 80 27.74 8.29 21.60
CA HIS F 80 28.86 7.81 22.39
C HIS F 80 28.68 8.22 23.87
N HIS F 81 29.69 7.99 24.72
CA HIS F 81 29.58 8.33 26.13
C HIS F 81 29.20 9.79 26.34
N GLU F 82 29.73 10.68 25.50
CA GLU F 82 29.46 12.11 25.65
C GLU F 82 27.94 12.36 25.58
N GLY F 83 27.16 11.45 24.99
CA GLY F 83 25.71 11.47 25.12
C GLY F 83 25.01 12.28 24.04
N PHE F 84 25.77 12.75 23.02
CA PHE F 84 25.19 13.50 21.91
C PHE F 84 24.67 12.56 20.83
N PHE F 85 23.45 12.81 20.33
CA PHE F 85 22.82 11.89 19.40
C PHE F 85 22.95 12.40 17.95
N LEU F 86 23.35 11.50 17.06
CA LEU F 86 23.57 11.87 15.66
C LEU F 86 22.27 11.74 14.86
N TYR F 87 21.13 11.56 15.55
CA TYR F 87 19.86 11.45 14.87
C TYR F 87 18.78 12.28 15.59
N ASP F 88 17.59 12.35 14.97
CA ASP F 88 16.47 13.08 15.54
C ASP F 88 15.83 12.25 16.66
N THR F 89 15.98 12.70 17.91
CA THR F 89 15.46 11.91 19.02
C THR F 89 13.98 12.18 19.25
N LYS F 90 13.36 13.03 18.40
CA LYS F 90 11.91 13.25 18.40
C LYS F 90 11.41 13.67 19.79
N GLY F 91 12.12 14.62 20.43
CA GLY F 91 11.65 15.14 21.71
C GLY F 91 12.37 14.52 22.91
N LEU F 92 13.08 13.40 22.73
CA LEU F 92 13.70 12.80 23.90
C LEU F 92 14.79 13.70 24.48
N SER F 93 15.53 14.42 23.61
CA SER F 93 16.66 15.20 24.09
C SER F 93 16.88 16.39 23.16
N ASP F 94 17.37 17.50 23.71
CA ASP F 94 17.80 18.64 22.93
C ASP F 94 19.25 18.51 22.48
N PHE F 95 19.96 17.51 23.02
CA PHE F 95 21.38 17.35 22.72
C PHE F 95 21.52 16.39 21.54
N ASP F 96 21.00 16.79 20.37
CA ASP F 96 20.98 15.94 19.20
C ASP F 96 21.24 16.81 17.96
N VAL F 97 21.38 16.14 16.83
CA VAL F 97 21.87 16.81 15.64
C VAL F 97 20.84 17.80 15.10
N MET F 98 19.54 17.60 15.44
CA MET F 98 18.52 18.55 15.00
C MET F 98 18.67 19.90 15.72
N HIS F 99 19.41 19.95 16.82
CA HIS F 99 19.64 21.20 17.54
C HIS F 99 21.04 21.71 17.25
N ALA F 100 21.69 21.14 16.24
CA ALA F 100 23.01 21.62 15.84
C ALA F 100 22.86 22.31 14.49
N PRO F 101 23.80 23.19 14.09
CA PRO F 101 23.77 23.76 12.74
C PRO F 101 23.56 22.74 11.62
N ALA F 102 24.02 21.50 11.79
CA ALA F 102 23.85 20.50 10.76
C ALA F 102 22.38 20.38 10.33
N ARG F 103 21.48 20.31 11.32
CA ARG F 103 20.03 20.18 11.10
C ARG F 103 19.68 19.09 10.10
N ARG F 104 20.33 17.93 10.18
CA ARG F 104 20.04 16.81 9.29
C ARG F 104 20.09 15.56 10.14
N ASP F 105 19.17 14.61 9.88
CA ASP F 105 19.25 13.33 10.54
C ASP F 105 20.32 12.48 9.85
N LEU F 106 21.51 12.39 10.48
CA LEU F 106 22.67 11.76 9.86
C LEU F 106 22.47 10.25 9.80
N ILE F 107 21.76 9.68 10.79
CA ILE F 107 21.44 8.27 10.74
C ILE F 107 20.54 7.95 9.54
N ALA F 108 19.62 8.86 9.16
CA ALA F 108 18.76 8.61 8.01
C ALA F 108 19.61 8.61 6.74
N GLU F 109 20.55 9.58 6.65
CA GLU F 109 21.46 9.61 5.50
C GLU F 109 22.28 8.31 5.43
N PHE F 110 22.72 7.82 6.59
CA PHE F 110 23.59 6.67 6.68
C PHE F 110 22.86 5.42 6.23
N VAL F 111 21.63 5.24 6.72
CA VAL F 111 20.86 4.04 6.40
C VAL F 111 20.57 3.97 4.89
N ALA F 112 20.21 5.11 4.28
CA ALA F 112 19.91 5.14 2.85
C ALA F 112 21.18 4.83 2.04
N ALA F 113 22.31 5.41 2.46
CA ALA F 113 23.58 5.16 1.76
C ALA F 113 23.96 3.68 1.86
N CYS F 114 23.75 3.05 3.02
CA CYS F 114 24.06 1.64 3.18
C CYS F 114 23.20 0.79 2.26
N ARG F 115 21.92 1.11 2.18
CA ARG F 115 21.00 0.29 1.40
C ARG F 115 21.37 0.36 -0.08
N GLU F 116 21.76 1.54 -0.56
CA GLU F 116 22.11 1.64 -1.96
C GLU F 116 23.35 0.81 -2.29
N GLU F 117 24.20 0.50 -1.29
CA GLU F 117 25.45 -0.21 -1.55
C GLU F 117 25.34 -1.66 -1.09
N ASP F 118 24.13 -2.07 -0.66
CA ASP F 118 23.93 -3.42 -0.16
C ASP F 118 24.79 -3.69 1.09
N LEU F 119 24.96 -2.68 1.95
CA LEU F 119 25.64 -2.87 3.22
C LEU F 119 24.59 -2.91 4.33
N LEU F 120 24.83 -3.73 5.36
CA LEU F 120 23.98 -3.64 6.54
C LEU F 120 24.36 -2.45 7.42
N PRO F 121 23.40 -1.57 7.79
CA PRO F 121 23.68 -0.50 8.77
C PRO F 121 23.56 -0.99 10.20
N PHE F 122 24.59 -0.73 11.01
CA PHE F 122 24.56 -1.12 12.40
C PHE F 122 24.69 0.14 13.24
N PHE F 123 24.00 0.16 14.39
CA PHE F 123 23.98 1.34 15.22
C PHE F 123 24.72 1.05 16.53
N TYR F 124 25.84 1.75 16.74
CA TYR F 124 26.51 1.68 18.02
C TYR F 124 25.74 2.61 18.96
N MET F 125 25.55 2.14 20.21
CA MET F 125 24.90 2.95 21.22
C MET F 125 25.64 2.77 22.54
N ALA F 126 26.13 3.87 23.13
CA ALA F 126 26.78 3.79 24.42
C ALA F 126 25.74 3.72 25.54
N THR F 127 25.89 2.77 26.46
CA THR F 127 24.93 2.66 27.55
C THR F 127 25.44 3.39 28.78
N TYR F 128 26.74 3.67 28.84
CA TYR F 128 27.29 4.54 29.86
C TYR F 128 27.28 5.97 29.29
N ASP F 129 26.53 6.86 29.97
CA ASP F 129 26.21 8.17 29.40
C ASP F 129 26.65 9.27 30.34
N TRP F 130 27.42 10.25 29.86
CA TRP F 130 27.96 11.32 30.69
C TRP F 130 27.07 12.56 30.59
N HIS F 131 26.07 12.56 29.68
CA HIS F 131 25.31 13.77 29.47
C HIS F 131 24.13 13.89 30.43
N THR F 132 23.26 12.87 30.49
CA THR F 132 22.04 12.95 31.26
C THR F 132 22.33 12.72 32.74
N PRO F 133 21.89 13.65 33.64
CA PRO F 133 22.05 13.43 35.08
C PRO F 133 21.32 12.18 35.58
N LEU F 134 20.36 11.67 34.79
CA LEU F 134 19.62 10.49 35.20
C LEU F 134 20.59 9.35 35.47
N TYR F 135 21.72 9.29 34.75
CA TYR F 135 22.60 8.13 34.85
C TYR F 135 23.03 7.90 36.30
N ASP F 136 23.47 8.94 37.01
CA ASP F 136 23.88 8.79 38.40
C ASP F 136 22.75 9.05 39.40
N ASP F 137 21.78 9.91 39.05
CA ASP F 137 20.80 10.46 39.99
C ASP F 137 19.53 9.62 40.05
N ASP F 138 19.25 8.81 39.02
CA ASP F 138 17.99 8.07 38.92
C ASP F 138 18.11 6.98 37.86
N PHE F 139 18.86 5.93 38.23
CA PHE F 139 19.24 4.90 37.27
C PHE F 139 18.01 4.29 36.60
N PRO F 140 16.93 3.93 37.35
CA PRO F 140 15.73 3.38 36.71
C PRO F 140 15.18 4.28 35.59
N ALA F 141 15.19 5.59 35.82
CA ALA F 141 14.69 6.52 34.81
C ALA F 141 15.71 6.63 33.65
N TYR F 142 17.02 6.46 33.95
CA TYR F 142 18.04 6.37 32.92
C TYR F 142 17.73 5.20 31.96
N LEU F 143 17.40 4.03 32.52
CA LEU F 143 17.05 2.87 31.72
C LEU F 143 15.90 3.18 30.76
N THR F 144 14.94 4.01 31.20
CA THR F 144 13.81 4.36 30.35
C THR F 144 14.28 5.22 29.18
N TYR F 145 15.18 6.16 29.48
CA TYR F 145 15.73 7.07 28.48
C TYR F 145 16.56 6.29 27.46
N LEU F 146 17.43 5.39 27.96
CA LEU F 146 18.23 4.56 27.09
C LEU F 146 17.32 3.77 26.16
N GLN F 147 16.31 3.11 26.76
CA GLN F 147 15.41 2.27 25.99
C GLN F 147 14.62 3.09 24.96
N LYS F 148 14.21 4.29 25.32
CA LYS F 148 13.48 5.14 24.38
C LYS F 148 14.40 5.54 23.22
N SER F 149 15.68 5.87 23.53
CA SER F 149 16.61 6.28 22.49
C SER F 149 16.84 5.13 21.50
N VAL F 150 16.80 3.89 21.98
CA VAL F 150 16.95 2.75 21.09
C VAL F 150 15.66 2.50 20.31
N GLU F 151 14.52 2.74 20.96
CA GLU F 151 13.23 2.56 20.32
C GLU F 151 13.09 3.48 19.11
N VAL F 152 13.56 4.74 19.22
CA VAL F 152 13.55 5.64 18.07
C VAL F 152 14.31 5.00 16.90
N LEU F 153 15.47 4.40 17.19
CA LEU F 153 16.31 3.82 16.15
C LEU F 153 15.59 2.62 15.54
N CYS F 154 14.80 1.90 16.36
CA CYS F 154 14.09 0.72 15.90
C CYS F 154 12.83 1.05 15.08
N ARG F 155 12.38 2.32 15.06
CA ARG F 155 11.06 2.60 14.50
C ARG F 155 11.11 3.61 13.35
N ASN F 156 12.21 4.31 13.13
CA ASN F 156 12.16 5.43 12.20
C ASN F 156 13.07 5.27 10.98
N TYR F 157 13.69 4.09 10.81
CA TYR F 157 14.75 3.97 9.83
C TYR F 157 14.58 2.73 8.96
N GLY F 158 13.47 2.00 9.09
CA GLY F 158 13.26 0.76 8.37
C GLY F 158 14.03 -0.39 9.02
N PRO F 159 14.21 -1.54 8.31
CA PRO F 159 14.96 -2.66 8.88
C PRO F 159 16.43 -2.31 9.15
N VAL F 160 16.91 -2.68 10.35
CA VAL F 160 18.24 -2.28 10.78
C VAL F 160 19.11 -3.52 10.83
N GLY F 161 20.36 -3.41 10.38
CA GLY F 161 21.22 -4.59 10.35
C GLY F 161 21.50 -5.10 11.76
N GLY F 162 21.75 -4.15 12.69
CA GLY F 162 22.09 -4.57 14.02
C GLY F 162 22.35 -3.38 14.94
N PHE F 163 22.56 -3.71 16.21
CA PHE F 163 22.86 -2.77 17.28
C PHE F 163 24.14 -3.29 17.93
N TRP F 164 24.98 -2.34 18.33
CA TRP F 164 26.27 -2.62 18.92
C TRP F 164 26.30 -1.86 20.25
N PHE F 165 26.10 -2.60 21.34
CA PHE F 165 25.90 -1.99 22.65
C PHE F 165 27.22 -2.00 23.41
N ASP F 166 27.54 -0.85 23.98
CA ASP F 166 28.78 -0.74 24.70
C ASP F 166 28.56 -0.03 26.04
N GLY F 167 28.89 -0.67 27.16
CA GLY F 167 29.09 0.18 28.35
C GLY F 167 28.41 -0.31 29.65
N ASN F 168 27.75 -1.49 29.58
CA ASN F 168 27.17 -2.09 30.77
C ASN F 168 28.28 -2.41 31.78
N TRP F 169 29.52 -2.58 31.27
CA TRP F 169 30.71 -2.82 32.08
C TRP F 169 30.96 -1.69 33.09
N ASN F 170 30.32 -0.51 32.90
CA ASN F 170 30.51 0.59 33.84
C ASN F 170 29.85 0.29 35.19
N LYS F 171 28.73 -0.44 35.19
CA LYS F 171 28.08 -0.87 36.42
C LYS F 171 27.83 -2.38 36.32
N LYS F 172 28.85 -3.20 36.64
CA LYS F 172 28.78 -4.65 36.43
C LYS F 172 27.69 -5.28 37.30
N ASP F 173 27.36 -4.65 38.41
CA ASP F 173 26.49 -5.10 39.48
C ASP F 173 25.01 -4.81 39.22
N ALA F 174 24.71 -3.75 38.44
CA ALA F 174 23.37 -3.20 38.34
C ALA F 174 22.47 -4.10 37.51
N ASP F 175 21.16 -3.95 37.73
CA ASP F 175 20.17 -4.61 36.88
C ASP F 175 19.90 -3.67 35.71
N TRP F 176 20.30 -4.10 34.50
CA TRP F 176 20.18 -3.28 33.30
C TRP F 176 18.89 -3.55 32.57
N HIS F 177 18.09 -4.52 33.05
CA HIS F 177 16.78 -4.78 32.44
C HIS F 177 16.98 -5.11 30.96
N LEU F 178 17.89 -6.05 30.70
CA LEU F 178 18.20 -6.45 29.34
C LEU F 178 17.01 -7.16 28.68
N PRO F 179 16.26 -8.05 29.40
CA PRO F 179 15.07 -8.67 28.81
C PRO F 179 14.13 -7.65 28.16
N GLU F 180 13.94 -6.51 28.85
CA GLU F 180 13.04 -5.47 28.36
C GLU F 180 13.65 -4.71 27.18
N LEU F 181 14.94 -4.34 27.29
CA LEU F 181 15.61 -3.62 26.21
C LEU F 181 15.66 -4.48 24.93
N TYR F 182 16.15 -5.74 25.07
CA TYR F 182 16.34 -6.55 23.87
C TYR F 182 15.00 -7.08 23.37
N GLY F 183 14.05 -7.30 24.31
CA GLY F 183 12.69 -7.68 23.95
C GLY F 183 12.03 -6.63 23.07
N MET F 184 12.22 -5.34 23.43
CA MET F 184 11.71 -4.24 22.63
C MET F 184 12.35 -4.31 21.24
N ILE F 185 13.65 -4.56 21.18
CA ILE F 185 14.30 -4.63 19.88
C ILE F 185 13.78 -5.76 19.02
N ARG F 186 13.56 -6.92 19.60
CA ARG F 186 13.05 -8.05 18.85
C ARG F 186 11.68 -7.79 18.32
N HIS F 187 10.86 -7.13 19.11
CA HIS F 187 9.54 -6.84 18.68
C HIS F 187 9.48 -5.94 17.47
N TYR F 188 10.27 -4.89 17.44
CA TYR F 188 10.28 -3.99 16.31
C TYR F 188 11.24 -4.32 15.19
N GLN F 189 12.29 -5.03 15.52
CA GLN F 189 13.37 -5.37 14.60
C GLN F 189 13.73 -6.84 14.77
N PRO F 190 12.81 -7.80 14.45
CA PRO F 190 13.06 -9.21 14.75
C PRO F 190 14.36 -9.75 14.14
N ASN F 191 14.78 -9.14 13.03
CA ASN F 191 15.91 -9.61 12.26
C ASN F 191 17.25 -8.92 12.59
N ALA F 192 17.27 -7.96 13.52
CA ALA F 192 18.47 -7.19 13.82
C ALA F 192 19.48 -8.08 14.55
N ILE F 193 20.78 -7.92 14.23
CA ILE F 193 21.80 -8.58 15.03
C ILE F 193 22.06 -7.74 16.28
N ILE F 194 22.02 -8.36 17.46
CA ILE F 194 22.36 -7.64 18.67
C ILE F 194 23.76 -8.05 19.12
N VAL F 195 24.65 -7.08 19.16
CA VAL F 195 26.02 -7.26 19.55
C VAL F 195 26.31 -6.60 20.88
N SER F 196 26.96 -7.31 21.75
CA SER F 196 27.32 -6.77 23.03
C SER F 196 28.82 -6.82 23.37
N ASN F 197 29.31 -5.71 23.86
CA ASN F 197 30.67 -5.53 24.27
C ASN F 197 30.90 -6.16 25.62
N THR F 198 29.84 -6.34 26.36
CA THR F 198 29.99 -6.91 27.67
C THR F 198 29.19 -8.19 27.82
N GLN F 205 28.97 -17.74 30.11
CA GLN F 205 27.55 -17.46 30.19
C GLN F 205 27.30 -16.09 29.64
N VAL F 206 26.46 -16.02 28.63
CA VAL F 206 26.12 -14.77 28.00
C VAL F 206 25.19 -13.94 28.88
N SER F 207 25.21 -12.63 28.69
CA SER F 207 24.41 -11.74 29.51
C SER F 207 22.92 -11.72 29.27
N ASP F 208 22.47 -12.27 28.18
CA ASP F 208 21.04 -12.30 27.89
C ASP F 208 20.79 -13.19 26.68
N PRO F 209 19.72 -14.02 26.70
CA PRO F 209 19.39 -14.91 25.58
C PRO F 209 19.29 -14.21 24.22
N GLU F 210 18.95 -12.90 24.23
CA GLU F 210 18.68 -12.23 22.96
C GLU F 210 19.97 -11.77 22.24
N ILE F 211 21.11 -11.80 22.94
CA ILE F 211 22.39 -11.45 22.32
C ILE F 211 22.75 -12.45 21.22
N ASP F 212 23.19 -11.94 20.06
CA ASP F 212 23.55 -12.74 18.90
C ASP F 212 25.07 -12.84 18.70
N VAL F 213 25.81 -11.80 19.15
CA VAL F 213 27.24 -11.72 18.91
C VAL F 213 27.90 -11.15 20.16
N VAL F 214 29.01 -11.75 20.55
CA VAL F 214 29.86 -11.21 21.62
C VAL F 214 31.19 -10.75 21.02
N THR F 215 31.79 -9.69 21.58
CA THR F 215 33.11 -9.24 21.16
C THR F 215 34.25 -9.91 21.95
N TYR F 216 35.43 -9.98 21.35
CA TYR F 216 36.60 -10.61 21.95
C TYR F 216 37.83 -9.76 21.63
N GLU F 217 38.93 -10.00 22.40
CA GLU F 217 40.24 -9.38 22.20
C GLU F 217 40.85 -9.85 20.88
N ARG F 218 41.49 -8.93 20.16
CA ARG F 218 41.95 -9.24 18.81
C ARG F 218 43.02 -10.33 18.83
N ARG F 219 43.67 -10.48 20.00
CA ARG F 219 44.75 -11.43 20.12
C ARG F 219 44.26 -12.83 20.53
N THR F 220 42.95 -13.04 20.71
CA THR F 220 42.44 -14.35 21.09
C THR F 220 43.14 -15.42 20.24
N PRO F 221 43.86 -16.42 20.86
CA PRO F 221 44.66 -17.36 20.08
C PRO F 221 43.85 -18.43 19.34
N ASP F 222 42.75 -18.88 19.95
CA ASP F 222 42.03 -20.07 19.46
C ASP F 222 40.63 -19.69 19.04
N GLU F 223 40.01 -20.61 18.28
CA GLU F 223 38.62 -20.52 17.86
C GLU F 223 37.72 -20.08 19.02
N ILE F 224 36.81 -19.13 18.76
CA ILE F 224 36.05 -18.46 19.81
C ILE F 224 34.93 -19.38 20.32
N TYR F 225 34.32 -18.98 21.44
CA TYR F 225 33.26 -19.73 22.11
C TYR F 225 31.88 -19.43 21.52
N HIS F 226 31.09 -20.47 21.22
CA HIS F 226 29.81 -20.24 20.55
C HIS F 226 28.58 -20.47 21.44
N GLY F 227 28.77 -20.68 22.76
CA GLY F 227 27.68 -21.01 23.69
C GLY F 227 27.73 -22.47 24.17
N ALA F 228 27.05 -22.76 25.30
CA ALA F 228 26.89 -24.10 25.86
C ALA F 228 26.11 -24.95 24.84
N PRO F 229 26.30 -26.29 24.73
CA PRO F 229 25.97 -26.99 23.49
C PRO F 229 24.50 -27.00 23.07
N ASN F 230 23.57 -27.25 24.01
CA ASN F 230 22.15 -27.30 23.65
C ASN F 230 21.49 -25.92 23.72
N GLU F 231 22.29 -24.85 23.77
CA GLU F 231 21.81 -23.48 23.89
C GLU F 231 21.98 -22.70 22.58
N LYS F 232 21.57 -21.43 22.55
CA LYS F 232 21.64 -20.62 21.35
C LYS F 232 23.10 -20.48 20.93
N TYR F 233 23.39 -20.69 19.64
CA TYR F 233 24.70 -20.38 19.10
C TYR F 233 24.89 -18.86 19.02
N VAL F 234 26.01 -18.37 19.55
CA VAL F 234 26.33 -16.95 19.48
C VAL F 234 27.62 -16.78 18.68
N ALA F 235 27.62 -15.84 17.72
CA ALA F 235 28.80 -15.54 16.94
C ALA F 235 29.78 -14.66 17.74
N GLY F 236 30.94 -14.35 17.12
CA GLY F 236 31.95 -13.51 17.76
C GLY F 236 32.53 -12.48 16.79
N GLU F 237 33.10 -11.40 17.36
CA GLU F 237 33.66 -10.33 16.54
C GLU F 237 34.85 -9.74 17.27
N ILE F 238 35.91 -9.42 16.51
CA ILE F 238 37.01 -8.64 17.07
C ILE F 238 37.09 -7.28 16.36
N SER F 239 37.83 -6.36 16.94
CA SER F 239 37.94 -4.97 16.50
C SER F 239 39.40 -4.54 16.46
N ILE F 240 39.76 -3.73 15.48
CA ILE F 240 41.08 -3.12 15.48
C ILE F 240 40.90 -1.65 15.17
N THR F 241 41.61 -0.79 15.92
CA THR F 241 41.70 0.60 15.53
C THR F 241 43.11 0.84 14.97
N LEU F 242 43.28 1.86 14.13
CA LEU F 242 44.53 2.02 13.38
C LEU F 242 45.67 2.55 14.26
N ASN F 243 45.35 3.44 15.21
CA ASN F 243 46.34 3.88 16.18
C ASN F 243 45.84 3.44 17.56
N GLN F 244 46.03 4.26 18.59
CA GLN F 244 45.66 3.86 19.94
C GLN F 244 44.25 4.33 20.29
N HIS F 245 43.61 5.16 19.45
CA HIS F 245 42.35 5.80 19.80
C HIS F 245 41.27 5.41 18.81
N TRP F 246 40.00 5.49 19.24
CA TRP F 246 38.88 5.18 18.38
C TRP F 246 38.37 6.43 17.65
N GLY F 247 38.12 7.51 18.40
CA GLY F 247 37.87 8.79 17.76
C GLY F 247 39.19 9.34 17.22
N ILE F 248 39.13 10.33 16.34
CA ILE F 248 40.33 10.87 15.74
C ILE F 248 41.23 11.48 16.82
N ALA F 249 42.55 11.35 16.62
CA ALA F 249 43.56 11.80 17.57
C ALA F 249 44.79 12.22 16.77
N ALA F 250 44.91 13.53 16.56
CA ALA F 250 45.81 14.10 15.57
C ALA F 250 47.26 13.79 15.94
N ASN F 251 47.59 13.81 17.23
CA ASN F 251 48.96 13.57 17.65
C ASN F 251 49.17 12.16 18.20
N ASP F 252 48.32 11.23 17.79
CA ASP F 252 48.60 9.82 18.00
C ASP F 252 49.29 9.32 16.72
N LEU F 253 50.62 9.19 16.76
CA LEU F 253 51.43 8.76 15.63
C LEU F 253 51.66 7.25 15.70
N ASN F 254 51.13 6.60 16.73
CA ASN F 254 51.45 5.20 16.98
C ASN F 254 50.50 4.30 16.15
N TYR F 255 50.57 4.41 14.81
CA TYR F 255 49.76 3.60 13.92
C TYR F 255 50.36 2.20 13.79
N LYS F 256 49.49 1.19 13.68
CA LYS F 256 49.93 -0.16 13.38
C LYS F 256 50.32 -0.22 11.90
N SER F 257 51.13 -1.20 11.51
CA SER F 257 51.44 -1.34 10.10
C SER F 257 50.23 -1.84 9.32
N PRO F 258 50.08 -1.44 8.05
CA PRO F 258 49.14 -2.10 7.13
C PRO F 258 49.26 -3.63 7.15
N ALA F 259 50.48 -4.14 7.33
CA ALA F 259 50.69 -5.58 7.35
C ALA F 259 49.98 -6.21 8.56
N GLU F 260 50.12 -5.56 9.73
CA GLU F 260 49.48 -6.06 10.93
C GLU F 260 47.96 -6.05 10.75
N MET F 261 47.45 -5.01 10.08
CA MET F 261 46.03 -4.91 9.80
C MET F 261 45.57 -6.11 8.97
N ILE F 262 46.31 -6.42 7.88
CA ILE F 262 45.97 -7.57 7.06
C ILE F 262 46.03 -8.87 7.87
N GLU F 263 47.08 -9.04 8.66
CA GLU F 263 47.20 -10.26 9.47
C GLU F 263 46.03 -10.38 10.45
N THR F 264 45.52 -9.25 10.97
CA THR F 264 44.46 -9.32 11.98
C THR F 264 43.16 -9.71 11.30
N VAL F 265 42.92 -9.18 10.09
CA VAL F 265 41.73 -9.58 9.35
C VAL F 265 41.77 -11.08 9.08
N ALA F 266 42.91 -11.59 8.60
CA ALA F 266 42.99 -13.03 8.32
C ALA F 266 42.79 -13.82 9.62
N HIS F 267 43.38 -13.31 10.71
CA HIS F 267 43.36 -14.01 11.99
C HIS F 267 41.91 -14.13 12.51
N ALA F 268 41.09 -13.13 12.28
CA ALA F 268 39.72 -13.17 12.72
C ALA F 268 38.96 -14.30 12.07
N ARG F 269 39.16 -14.49 10.79
CA ARG F 269 38.56 -15.55 10.03
C ARG F 269 39.00 -16.89 10.49
N HIS F 270 40.27 -17.00 10.80
CA HIS F 270 40.85 -18.22 11.28
C HIS F 270 40.25 -18.66 12.60
N ILE F 271 39.96 -17.74 13.49
CA ILE F 271 39.35 -18.08 14.75
C ILE F 271 37.82 -18.15 14.73
N GLY F 272 37.22 -17.85 13.60
CA GLY F 272 35.77 -17.94 13.46
C GLY F 272 35.02 -16.69 13.94
N ALA F 273 35.57 -15.49 13.68
CA ALA F 273 34.97 -14.23 14.10
C ALA F 273 34.88 -13.29 12.91
N ASN F 274 33.98 -12.31 13.00
CA ASN F 274 34.05 -11.16 12.12
C ASN F 274 35.12 -10.19 12.64
N ILE F 275 35.48 -9.24 11.83
CA ILE F 275 36.40 -8.21 12.19
C ILE F 275 35.89 -6.82 11.85
N LEU F 276 35.93 -5.88 12.78
CA LEU F 276 35.67 -4.46 12.49
C LEU F 276 36.98 -3.71 12.41
N VAL F 277 37.18 -2.93 11.35
CA VAL F 277 38.30 -2.02 11.26
C VAL F 277 37.77 -0.62 11.47
N ASN F 278 38.33 0.09 12.45
CA ASN F 278 37.78 1.35 12.90
C ASN F 278 38.45 2.54 12.22
N ILE F 279 37.64 3.54 11.84
CA ILE F 279 38.17 4.85 11.48
C ILE F 279 37.44 5.93 12.30
N GLY F 280 38.14 6.99 12.69
CA GLY F 280 37.54 8.14 13.33
C GLY F 280 37.39 9.29 12.34
N LEU F 281 36.18 9.82 12.13
CA LEU F 281 36.01 10.95 11.21
C LEU F 281 36.56 12.24 11.82
N THR F 282 36.87 13.23 10.95
CA THR F 282 37.21 14.58 11.40
C THR F 282 35.98 15.23 12.04
N GLY F 283 36.20 16.37 12.72
CA GLY F 283 35.13 17.12 13.35
C GLY F 283 33.90 17.26 12.43
N THR F 284 34.16 17.61 11.14
CA THR F 284 33.07 17.91 10.22
C THR F 284 32.61 16.64 9.46
N GLY F 285 33.14 15.46 9.79
CA GLY F 285 32.59 14.24 9.23
C GLY F 285 33.32 13.68 7.99
N ALA F 286 34.55 14.13 7.71
CA ALA F 286 35.31 13.55 6.59
C ALA F 286 36.10 12.34 7.06
N ILE F 287 36.38 11.41 6.14
CA ILE F 287 37.35 10.36 6.36
C ILE F 287 38.73 10.99 6.29
N PRO F 288 39.55 10.92 7.37
CA PRO F 288 40.87 11.54 7.29
C PRO F 288 41.80 10.81 6.31
N ALA F 289 42.79 11.54 5.79
CA ALA F 289 43.69 11.00 4.77
C ALA F 289 44.36 9.70 5.26
N ALA F 290 44.79 9.65 6.53
CA ALA F 290 45.50 8.45 6.99
C ALA F 290 44.59 7.23 6.90
N ALA F 291 43.33 7.38 7.28
CA ALA F 291 42.41 6.26 7.24
C ALA F 291 42.18 5.80 5.80
N GLN F 292 42.11 6.75 4.86
CA GLN F 292 41.98 6.42 3.45
C GLN F 292 43.14 5.55 2.98
N THR F 293 44.37 5.85 3.41
CA THR F 293 45.53 5.05 3.01
C THR F 293 45.33 3.59 3.45
N TYR F 294 44.96 3.38 4.72
CA TYR F 294 44.77 2.04 5.26
C TYR F 294 43.63 1.34 4.53
N MET F 295 42.56 2.07 4.22
CA MET F 295 41.43 1.48 3.50
C MET F 295 41.82 1.03 2.10
N HIS F 296 42.60 1.84 1.37
CA HIS F 296 43.07 1.46 0.04
C HIS F 296 43.90 0.17 0.10
N LEU F 297 44.84 0.09 1.05
CA LEU F 297 45.69 -1.09 1.17
C LEU F 297 44.84 -2.31 1.53
N LEU F 298 43.97 -2.18 2.53
CA LEU F 298 43.15 -3.32 2.93
C LEU F 298 42.30 -3.77 1.74
N GLY F 299 41.76 -2.79 0.99
CA GLY F 299 40.89 -3.07 -0.13
C GLY F 299 41.57 -3.90 -1.21
N ARG F 300 42.87 -3.68 -1.44
CA ARG F 300 43.57 -4.49 -2.42
C ARG F 300 43.62 -5.93 -1.91
N TRP F 301 43.85 -6.11 -0.59
CA TRP F 301 43.93 -7.47 -0.08
C TRP F 301 42.56 -8.15 -0.12
N THR F 302 41.49 -7.45 0.30
CA THR F 302 40.20 -8.13 0.42
C THR F 302 39.67 -8.45 -0.97
N ALA F 303 39.97 -7.63 -1.98
CA ALA F 303 39.54 -7.97 -3.35
C ALA F 303 40.21 -9.28 -3.79
N MET F 304 41.50 -9.45 -3.48
CA MET F 304 42.20 -10.68 -3.79
C MET F 304 41.59 -11.84 -3.00
N ALA F 305 41.23 -11.63 -1.73
CA ALA F 305 40.81 -12.68 -0.82
C ALA F 305 39.31 -13.01 -0.93
N ALA F 306 38.56 -12.28 -1.76
CA ALA F 306 37.09 -12.40 -1.88
C ALA F 306 36.59 -13.86 -1.95
N PRO F 307 37.23 -14.82 -2.67
CA PRO F 307 36.69 -16.18 -2.70
C PRO F 307 36.60 -16.84 -1.32
N VAL F 308 37.33 -16.35 -0.30
CA VAL F 308 37.36 -17.07 0.96
C VAL F 308 36.99 -16.16 2.14
N LEU F 309 37.14 -14.84 1.99
CA LEU F 309 36.98 -13.95 3.13
C LEU F 309 35.59 -14.07 3.77
N TYR F 310 34.54 -14.23 2.94
CA TYR F 310 33.14 -14.25 3.40
C TYR F 310 32.69 -15.65 3.85
N LYS F 311 32.93 -16.66 2.99
CA LYS F 311 32.38 -17.98 3.24
C LYS F 311 33.35 -18.89 4.00
N GLY F 312 34.64 -18.53 4.07
CA GLY F 312 35.62 -19.41 4.69
C GLY F 312 35.36 -19.58 6.18
N ARG F 313 35.55 -20.81 6.68
CA ARG F 313 35.31 -21.13 8.07
C ARG F 313 36.48 -21.95 8.61
N PRO F 314 36.75 -21.88 9.92
CA PRO F 314 37.79 -22.69 10.52
C PRO F 314 37.53 -24.17 10.31
N VAL F 315 38.57 -24.99 10.30
CA VAL F 315 38.43 -26.41 10.07
C VAL F 315 39.56 -27.08 10.84
N PRO F 316 39.44 -28.34 11.34
CA PRO F 316 40.52 -28.96 12.10
C PRO F 316 41.70 -29.41 11.22
N VAL F 317 42.40 -28.45 10.62
CA VAL F 317 43.59 -28.71 9.83
C VAL F 317 44.67 -27.82 10.41
N THR F 318 45.78 -28.41 10.86
CA THR F 318 46.81 -27.57 11.47
C THR F 318 48.02 -27.46 10.55
N SER F 319 48.88 -26.48 10.85
CA SER F 319 50.07 -26.26 10.07
C SER F 319 51.25 -26.92 10.77
N ALA F 320 52.31 -27.22 10.03
CA ALA F 320 53.52 -27.81 10.57
C ALA F 320 54.17 -26.88 11.62
N HIS F 321 55.03 -27.50 12.44
CA HIS F 321 55.85 -26.86 13.45
C HIS F 321 56.51 -25.60 12.92
N GLY F 322 56.32 -24.49 13.64
CA GLY F 322 57.10 -23.28 13.41
C GLY F 322 56.56 -22.37 12.32
N THR F 323 55.32 -22.60 11.85
CA THR F 323 54.74 -21.69 10.86
C THR F 323 53.47 -21.13 11.49
N ARG F 324 52.96 -20.04 10.93
CA ARG F 324 51.73 -19.43 11.39
C ARG F 324 50.67 -19.63 10.30
N ASP F 325 50.90 -20.53 9.35
CA ASP F 325 49.95 -20.78 8.26
C ASP F 325 48.67 -21.40 8.84
N PHE F 326 47.53 -21.25 8.14
CA PHE F 326 46.30 -21.88 8.58
C PHE F 326 45.39 -22.14 7.37
N VAL F 327 44.27 -22.84 7.60
CA VAL F 327 43.38 -23.25 6.52
C VAL F 327 41.96 -22.74 6.76
N LEU F 328 41.28 -22.31 5.68
CA LEU F 328 39.86 -21.98 5.74
C LEU F 328 39.09 -22.89 4.77
N HIS F 329 37.89 -23.29 5.18
CA HIS F 329 37.05 -24.23 4.44
C HIS F 329 35.81 -23.50 3.89
N THR F 330 35.52 -23.67 2.60
CA THR F 330 34.20 -23.39 2.08
C THR F 330 33.62 -24.71 1.60
N SER F 331 32.37 -24.72 1.12
CA SER F 331 31.79 -26.02 0.79
C SER F 331 32.45 -26.60 -0.46
N LYS F 332 33.03 -25.77 -1.34
CA LYS F 332 33.65 -26.25 -2.57
C LYS F 332 35.18 -26.39 -2.48
N HIS F 333 35.86 -25.68 -1.56
CA HIS F 333 37.31 -25.62 -1.60
C HIS F 333 37.89 -25.46 -0.20
N ASP F 334 39.16 -25.85 -0.04
CA ASP F 334 39.96 -25.40 1.08
C ASP F 334 40.93 -24.33 0.59
N PHE F 335 41.35 -23.44 1.52
CA PHE F 335 42.28 -22.38 1.18
C PHE F 335 43.40 -22.38 2.21
N LEU F 336 44.64 -22.39 1.71
CA LEU F 336 45.84 -22.28 2.52
C LEU F 336 46.16 -20.80 2.63
N CYS F 337 46.20 -20.30 3.86
CA CYS F 337 46.58 -18.92 4.15
C CYS F 337 48.02 -18.96 4.66
N ILE F 338 48.93 -18.39 3.88
CA ILE F 338 50.34 -18.64 4.13
C ILE F 338 51.03 -17.32 4.45
N LEU F 339 51.74 -17.31 5.59
CA LEU F 339 52.38 -16.10 6.13
C LEU F 339 53.90 -16.19 6.00
N ASP F 340 54.57 -15.04 6.17
CA ASP F 340 56.03 -15.01 6.26
C ASP F 340 56.67 -15.43 4.95
N LEU F 341 56.09 -15.03 3.81
CA LEU F 341 56.72 -15.26 2.52
C LEU F 341 57.60 -14.09 2.17
N GLN F 342 58.58 -14.35 1.30
CA GLN F 342 59.43 -13.26 0.83
C GLN F 342 59.29 -13.04 -0.66
N VAL F 343 59.85 -11.94 -1.14
CA VAL F 343 59.85 -11.60 -2.56
C VAL F 343 60.95 -12.38 -3.29
N VAL F 344 60.65 -12.78 -4.54
CA VAL F 344 61.58 -13.51 -5.38
C VAL F 344 62.33 -12.53 -6.28
N GLY F 345 63.68 -12.51 -6.19
CA GLY F 345 64.57 -11.85 -7.15
C GLY F 345 64.88 -12.72 -8.38
N LYS F 346 66.13 -12.68 -8.86
CA LYS F 346 66.52 -13.40 -10.07
C LYS F 346 68.04 -13.42 -10.15
N ASP F 347 68.59 -14.63 -10.40
CA ASP F 347 70.02 -14.87 -10.59
C ASP F 347 70.82 -14.36 -9.39
N ASN F 348 71.62 -13.30 -9.61
CA ASN F 348 72.51 -12.75 -8.60
C ASN F 348 71.75 -11.95 -7.54
N VAL F 349 70.52 -11.50 -7.89
CA VAL F 349 69.71 -10.68 -7.00
C VAL F 349 68.83 -11.57 -6.13
N VAL F 350 69.21 -11.69 -4.85
CA VAL F 350 68.58 -12.58 -3.89
C VAL F 350 67.76 -11.74 -2.92
N LEU F 351 66.43 -11.93 -2.90
CA LEU F 351 65.54 -11.16 -2.04
C LEU F 351 64.98 -12.00 -0.89
N GLY F 352 65.15 -13.34 -0.92
CA GLY F 352 64.78 -14.21 0.18
C GLY F 352 63.79 -15.33 -0.21
N GLY F 353 63.00 -15.12 -1.29
CA GLY F 353 61.88 -16.00 -1.57
C GLY F 353 62.19 -17.11 -2.59
N GLU F 354 63.44 -17.20 -3.07
CA GLU F 354 63.71 -17.98 -4.28
C GLU F 354 63.86 -19.49 -4.07
N GLY F 355 64.31 -19.96 -2.89
CA GLY F 355 64.44 -21.41 -2.72
C GLY F 355 63.08 -22.11 -2.64
N VAL F 356 63.03 -23.42 -2.92
CA VAL F 356 61.83 -24.18 -2.64
C VAL F 356 61.48 -24.04 -1.15
N ASN F 357 60.18 -23.89 -0.86
CA ASN F 357 59.71 -23.49 0.45
C ASN F 357 58.58 -24.44 0.88
N PRO F 358 58.90 -25.65 1.37
CA PRO F 358 57.84 -26.60 1.74
C PRO F 358 57.05 -26.19 2.98
N ARG F 359 55.74 -26.00 2.83
CA ARG F 359 54.85 -25.69 3.95
C ARG F 359 53.85 -26.82 4.07
N SER F 360 53.73 -27.39 5.28
CA SER F 360 52.93 -28.58 5.50
C SER F 360 51.72 -28.30 6.38
N PHE F 361 50.72 -29.19 6.23
CA PHE F 361 49.44 -29.13 6.91
C PHE F 361 49.05 -30.57 7.22
N VAL F 362 48.34 -30.75 8.34
CA VAL F 362 47.90 -32.04 8.83
C VAL F 362 46.38 -31.95 8.98
N GLY F 363 45.68 -32.91 8.35
CA GLY F 363 44.24 -33.00 8.50
C GLY F 363 43.52 -32.98 7.15
N ILE F 364 44.26 -32.99 6.03
CA ILE F 364 43.63 -33.09 4.73
C ILE F 364 43.75 -34.52 4.24
N GLY F 365 42.59 -35.20 4.13
CA GLY F 365 42.52 -36.63 3.84
C GLY F 365 42.10 -36.97 2.41
N GLN F 366 41.71 -35.97 1.60
CA GLN F 366 41.15 -36.21 0.27
C GLN F 366 42.21 -35.91 -0.80
N PRO F 367 42.28 -36.69 -1.90
CA PRO F 367 43.25 -36.38 -2.96
C PRO F 367 42.96 -35.05 -3.64
N ILE F 368 44.04 -34.32 -4.00
CA ILE F 368 43.90 -32.97 -4.50
C ILE F 368 44.18 -33.01 -5.98
N GLN F 369 43.44 -32.21 -6.75
CA GLN F 369 43.72 -32.10 -8.16
C GLN F 369 44.69 -30.95 -8.46
N ARG F 370 44.46 -29.78 -7.87
CA ARG F 370 45.25 -28.61 -8.24
C ARG F 370 45.26 -27.61 -7.07
N ILE F 371 46.36 -26.86 -6.94
CA ILE F 371 46.46 -25.79 -5.96
C ILE F 371 47.02 -24.56 -6.67
N HIS F 372 46.44 -23.38 -6.44
CA HIS F 372 46.94 -22.18 -7.10
C HIS F 372 46.79 -20.94 -6.22
N TRP F 373 47.75 -20.00 -6.35
CA TRP F 373 47.67 -18.72 -5.66
C TRP F 373 46.51 -17.91 -6.23
N LEU F 374 45.69 -17.31 -5.34
CA LEU F 374 44.61 -16.42 -5.77
C LEU F 374 45.17 -15.16 -6.43
N ASP F 375 46.33 -14.63 -6.03
CA ASP F 375 46.75 -13.35 -6.57
C ASP F 375 47.18 -13.45 -8.06
N ASN F 376 47.71 -14.59 -8.53
CA ASN F 376 48.27 -14.59 -9.88
C ASN F 376 48.01 -15.91 -10.59
N ASP F 377 47.26 -16.83 -9.97
CA ASP F 377 46.91 -18.11 -10.60
C ASP F 377 48.08 -19.06 -10.79
N GLU F 378 49.26 -18.79 -10.21
CA GLU F 378 50.34 -19.76 -10.34
C GLU F 378 49.94 -21.08 -9.71
N VAL F 379 50.20 -22.19 -10.41
CA VAL F 379 49.92 -23.53 -9.91
C VAL F 379 51.09 -23.97 -9.02
N LEU F 380 50.78 -24.56 -7.85
CA LEU F 380 51.81 -24.92 -6.90
C LEU F 380 52.08 -26.42 -7.00
N SER F 381 53.33 -26.84 -6.79
CA SER F 381 53.53 -28.28 -6.67
C SER F 381 53.25 -28.73 -5.23
N PHE F 382 52.84 -30.00 -5.06
CA PHE F 382 52.49 -30.49 -3.74
C PHE F 382 52.67 -32.01 -3.70
N THR F 383 52.76 -32.58 -2.49
CA THR F 383 52.75 -34.01 -2.25
C THR F 383 51.72 -34.26 -1.14
N GLN F 384 51.15 -35.46 -1.13
CA GLN F 384 50.24 -35.85 -0.06
C GLN F 384 50.66 -37.18 0.53
N ASP F 385 50.42 -37.36 1.83
CA ASP F 385 50.32 -38.68 2.43
C ASP F 385 48.90 -38.81 2.98
N LEU F 386 48.04 -39.52 2.24
CA LEU F 386 46.62 -39.57 2.58
C LEU F 386 46.38 -40.34 3.87
N ASP F 387 47.20 -41.34 4.20
CA ASP F 387 47.00 -42.07 5.43
C ASP F 387 47.21 -41.18 6.66
N LYS F 388 48.23 -40.32 6.63
CA LYS F 388 48.56 -39.51 7.78
C LYS F 388 47.91 -38.13 7.64
N LYS F 389 47.29 -37.88 6.48
CA LYS F 389 46.56 -36.64 6.21
C LYS F 389 47.52 -35.46 6.15
N VAL F 390 48.65 -35.66 5.46
CA VAL F 390 49.67 -34.63 5.31
C VAL F 390 49.60 -34.06 3.91
N LEU F 391 49.63 -32.73 3.83
CA LEU F 391 49.82 -31.99 2.60
C LEU F 391 51.07 -31.12 2.74
N THR F 392 51.94 -31.16 1.72
CA THR F 392 53.10 -30.28 1.66
C THR F 392 53.08 -29.56 0.32
N VAL F 393 53.13 -28.21 0.34
CA VAL F 393 53.14 -27.43 -0.90
C VAL F 393 54.48 -26.70 -0.96
N ASP F 394 54.95 -26.42 -2.17
CA ASP F 394 56.04 -25.49 -2.35
C ASP F 394 55.44 -24.09 -2.47
N ALA F 395 55.50 -23.32 -1.36
CA ALA F 395 54.88 -22.01 -1.34
C ALA F 395 55.82 -20.99 -1.95
N THR F 396 55.71 -20.76 -3.26
CA THR F 396 56.63 -19.85 -3.93
C THR F 396 56.49 -18.44 -3.38
N GLY F 397 57.59 -17.67 -3.43
CA GLY F 397 57.62 -16.30 -2.94
C GLY F 397 56.87 -15.35 -3.86
N TYR F 398 56.73 -14.09 -3.44
CA TYR F 398 55.99 -13.11 -4.23
C TYR F 398 56.75 -12.77 -5.51
N PRO F 399 56.05 -12.58 -6.64
CA PRO F 399 56.67 -11.90 -7.79
C PRO F 399 57.22 -10.54 -7.35
N TYR F 400 58.43 -10.22 -7.83
CA TYR F 400 59.01 -8.93 -7.55
C TYR F 400 57.98 -7.84 -7.86
N GLY F 401 57.89 -6.84 -6.99
CA GLY F 401 56.93 -5.76 -7.21
C GLY F 401 55.63 -5.98 -6.45
N SER F 402 55.50 -7.13 -5.76
CA SER F 402 54.27 -7.29 -4.99
C SER F 402 54.58 -8.00 -3.66
N ASP F 403 53.66 -7.89 -2.70
CA ASP F 403 53.78 -8.51 -1.39
C ASP F 403 52.42 -8.45 -0.69
N TRP F 404 51.76 -9.59 -0.55
CA TRP F 404 50.36 -9.65 -0.12
C TRP F 404 50.23 -9.83 1.40
N VAL F 405 51.36 -10.05 2.09
CA VAL F 405 51.37 -10.23 3.53
C VAL F 405 50.79 -11.58 3.96
N VAL F 406 49.50 -11.81 3.65
CA VAL F 406 48.92 -13.14 3.82
C VAL F 406 48.55 -13.61 2.42
N ARG F 407 49.23 -14.65 1.93
CA ARG F 407 48.98 -15.13 0.58
C ARG F 407 48.04 -16.33 0.64
N ILE F 408 47.13 -16.46 -0.34
CA ILE F 408 46.10 -17.48 -0.22
C ILE F 408 46.14 -18.40 -1.43
N ALA F 409 46.24 -19.71 -1.18
CA ALA F 409 46.22 -20.73 -2.22
C ALA F 409 44.89 -21.48 -2.16
N GLN F 410 44.21 -21.59 -3.30
CA GLN F 410 42.97 -22.37 -3.38
C GLN F 410 43.26 -23.82 -3.76
N ILE F 411 42.68 -24.74 -3.00
CA ILE F 411 42.76 -26.16 -3.26
C ILE F 411 41.51 -26.60 -4.03
N ASP F 412 41.71 -27.26 -5.17
CA ASP F 412 40.67 -27.92 -5.95
C ASP F 412 40.82 -29.43 -5.76
N TYR F 413 39.81 -30.05 -5.16
CA TYR F 413 39.80 -31.49 -4.93
C TYR F 413 39.41 -32.24 -6.19
N GLU F 414 39.90 -33.49 -6.27
CA GLU F 414 39.48 -34.46 -7.27
C GLU F 414 38.00 -34.83 -7.04
C1 JFZ G . -1.92 -12.69 -20.25
C2 JFZ G . -1.35 -11.77 -21.30
O2 JFZ G . -1.95 -12.02 -22.56
C3 JFZ G . -1.51 -10.34 -20.84
O3 JFZ G . -0.95 -9.42 -21.79
C4 JFZ G . -0.77 -10.17 -19.55
O4 JFZ G . 0.58 -10.52 -19.78
C5 JFZ G . -1.35 -11.12 -18.51
C6 JFZ G . -0.56 -11.10 -17.23
O5 JFZ G . -1.25 -12.47 -19.01
O1 JFZ G . -3.28 -12.35 -20.06
C1' JFZ G . -4.22 -12.90 -20.91
C2' JFZ G . -5.54 -12.52 -20.77
C3' JFZ G . -6.51 -13.05 -21.60
C4' JFZ G . -6.12 -13.97 -22.58
C5' JFZ G . -4.79 -14.37 -22.72
C6' JFZ G . -3.84 -13.82 -21.88
N1' JFZ G . -7.13 -14.54 -23.45
O2' JFZ G . -6.77 -15.35 -24.30
O3' JFZ G . -8.29 -14.19 -23.31
C1 JFZ H . -11.46 24.21 5.53
C2 JFZ H . -10.17 24.13 6.34
O2 JFZ H . -10.47 23.92 7.71
C3 JFZ H . -9.35 23.00 5.79
O3 JFZ H . -8.13 22.95 6.51
C4 JFZ H . -9.09 23.20 4.29
O4 JFZ H . -8.31 24.37 4.09
C5 JFZ H . -10.42 23.33 3.56
C6 JFZ H . -10.27 23.67 2.11
O5 JFZ H . -11.20 24.39 4.17
O1 JFZ H . -12.14 22.99 5.70
C1' JFZ H . -12.96 22.82 6.80
C2' JFZ H . -13.17 23.87 7.68
C3' JFZ H . -13.99 23.69 8.77
C4' JFZ H . -14.59 22.46 8.96
C5' JFZ H . -14.39 21.40 8.08
C6' JFZ H . -13.57 21.59 6.99
N1' JFZ H . -15.46 22.26 10.12
O2' JFZ H . -15.99 21.17 10.27
O3' JFZ H . -15.63 23.20 10.88
C1 JFZ I . -51.95 13.28 0.29
C2 JFZ I . -52.85 12.97 -0.90
O2 JFZ I . -52.29 13.53 -2.08
C3 JFZ I . -53.09 11.47 -1.06
O3 JFZ I . -54.19 11.28 -1.95
C4 JFZ I . -53.35 10.75 0.26
O4 JFZ I . -54.64 11.09 0.78
C5 JFZ I . -52.31 11.14 1.29
C6 JFZ I . -52.55 10.54 2.65
O5 JFZ I . -52.38 12.58 1.44
O1 JFZ I . -50.65 12.84 0.02
C1' JFZ I . -49.72 13.78 -0.37
C2' JFZ I . -48.42 13.39 -0.65
C3' JFZ I . -47.48 14.32 -1.04
C4' JFZ I . -47.87 15.66 -1.14
C5' JFZ I . -49.17 16.06 -0.86
C6' JFZ I . -50.09 15.11 -0.47
N1' JFZ I . -46.89 16.66 -1.55
O2' JFZ I . -45.76 16.28 -1.79
O3' JFZ I . -47.25 17.82 -1.63
C1 JFZ J . -36.28 -29.39 -2.31
C2 JFZ J . -36.82 -29.81 -0.95
O2 JFZ J . -35.72 -30.05 -0.06
C3 JFZ J . -37.75 -28.73 -0.39
O3 JFZ J . -38.37 -29.21 0.80
C4 JFZ J . -38.80 -28.31 -1.41
O4 JFZ J . -39.70 -29.39 -1.65
C5 JFZ J . -38.11 -27.92 -2.70
C6 JFZ J . -39.02 -27.55 -3.84
O5 JFZ J . -37.35 -29.06 -3.17
O1 JFZ J . -35.56 -28.19 -2.13
C1' JFZ J . -34.19 -28.28 -2.12
C2' JFZ J . -33.44 -27.12 -1.97
C3' JFZ J . -32.06 -27.19 -1.98
C4' JFZ J . -31.48 -28.45 -2.17
C5' JFZ J . -32.21 -29.61 -2.33
C6' JFZ J . -33.59 -29.51 -2.32
N1' JFZ J . -30.01 -28.54 -2.18
O2' JFZ J . -29.50 -29.63 -2.34
O3' JFZ J . -29.37 -27.50 -2.04
C1 JFZ K . 70.27 0.11 -4.68
C2 JFZ K . 69.28 0.10 -5.83
O2 JFZ K . 69.55 -1.01 -6.67
C3 JFZ K . 67.91 0.07 -5.24
O3 JFZ K . 66.94 0.08 -6.26
C4 JFZ K . 67.71 1.30 -4.40
O4 JFZ K . 67.86 2.41 -5.24
C5 JFZ K . 68.76 1.35 -3.30
C6 JFZ K . 68.73 2.64 -2.53
O5 JFZ K . 70.07 1.26 -3.88
O1 JFZ K . 69.94 -1.01 -3.90
C1' JFZ K . 70.92 -1.61 -3.14
C2' JFZ K . 70.47 -2.55 -2.24
C3' JFZ K . 71.37 -3.20 -1.43
C4' JFZ K . 72.72 -2.87 -1.52
C5' JFZ K . 73.17 -1.92 -2.43
C6' JFZ K . 72.25 -1.29 -3.25
N1' JFZ K . 73.68 -3.55 -0.67
O2' JFZ K . 74.85 -3.22 -0.73
O3' JFZ K . 73.26 -4.41 0.09
C1 JFZ L . 34.37 0.86 24.09
C2 JFZ L . 34.31 2.38 24.06
O2 JFZ L . 34.41 2.88 25.39
C3 JFZ L . 35.45 2.85 23.22
O3 JFZ L . 35.51 4.27 23.23
C4 JFZ L . 35.28 2.34 21.80
O4 JFZ L . 34.08 2.88 21.24
C5 JFZ L . 35.21 0.82 21.80
C6 JFZ L . 34.78 0.28 20.46
O5 JFZ L . 34.24 0.36 22.77
O1 JFZ L . 35.64 0.55 24.61
C1' JFZ L . 35.81 -0.67 25.23
C2' JFZ L . 37.04 -1.01 25.76
C3' JFZ L . 37.22 -2.23 26.37
C4' JFZ L . 36.15 -3.11 26.43
C5' JFZ L . 34.90 -2.78 25.89
C6' JFZ L . 34.75 -1.56 25.29
N1' JFZ L . 36.33 -4.41 27.07
O2' JFZ L . 37.42 -4.68 27.53
O3' JFZ L . 35.37 -5.17 27.12
#